data_9ER9
#
_entry.id   9ER9
#
_cell.length_a   93.569
_cell.length_b   97.065
_cell.length_c   182.877
_cell.angle_alpha   90.000
_cell.angle_beta   90.000
_cell.angle_gamma   90.000
#
_symmetry.space_group_name_H-M   'P 21 21 21'
#
loop_
_entity.id
_entity.type
_entity.pdbx_description
1 polymer 'Hydrogenase-1 small chain'
2 polymer 'Hydrogenase-1 large chain'
3 non-polymer 'IRON/SULFUR CLUSTER'
4 non-polymer 'FE3-S4 CLUSTER'
5 non-polymer 'FE4-S3 CLUSTER'
6 non-polymer 'CHLORIDE ION'
7 non-polymer GLYCEROL
8 non-polymer 'SULFATE ION'
9 non-polymer 'CARBONMONOXIDE-(DICYANO) IRON'
10 non-polymer 'NICKEL (II) ION'
11 non-polymer 'MAGNESIUM ION'
12 non-polymer '2-[[2-[2-[2-[bis(2-hydroxy-2-oxoethyl)amino]phenoxy]ethoxy]phenyl]-(2-hydroxy-2-oxoethyl)amino]ethanoic acid'
13 non-polymer 'EUROPIUM ION'
14 water water
#
loop_
_entity_poly.entity_id
_entity_poly.type
_entity_poly.pdbx_seq_one_letter_code
_entity_poly.pdbx_strand_id
1 'polypeptide(L)'
;LENKPRIPVVWIHGLECTCCTESFIRSAHPLAKDVILSLISLDYDDTLMAAAGTQAEEVFEDIITQYNGKYILAVEGNPP
LGEQGMFCISSGRPFIEKLKRAAAGASAIIAWGTCASWGCVQAARPNPTQATPIDKVITDKPIIKVPGCPPIPDVMSAII
TYMVTFDRLPDVDRMGRPLMFYGQRIHDKCYRRAHFDAGEFVQSWDDDAARKGYCLYKMGCKGPTTYNACSSTRWNDGVS
FPIQSGHGCLGCAENGFWDRGSFYSRVVDIPRSHHHHHH
;
S,T
2 'polypeptide(L)'
;MSTQYETQGYTINNAGRRLVVDPITRIEGHMRCEVNINDQNVITNAVSCGTMFRGLEIILQGRDPRDAWAFVERICGVCT
GVHALASVYAIEDAIGIKVPDNANIIRNIMLATLWCHDHLVHFYQLAGMDWIDVLDALKADPRKTSELAQSLSSWPKSSP
GYFFDVQNRLKKFVEGGQLGIFRNGYWGHPQYKLPPEANLMGFAHYLEALDFQREIVKIHAVFGGKNPHPNWIVGGMPCA
INIDESGAVGAVNMERLNLVQSIITRTADFINNVMIPDALAIGQFNKPWSEIGTGLSDKCVLSYGAFPDIANDFGEKSLL
MPGGAVINGDFNNVLPVDLVDPQQVQEFVDHAWYRYPNDQVGRHPFDGITDPWYNPGDVKGSDTNIQQLNEQERYSWIKA
PRWRGNAMEVGPLARTLIAYHKGDAATVESVDRMMSALNLPLSGIQSTLGRILCRAHEAQWAAGKLQYFFDKLMTNLKNG
NLATASTEKWEPATWPTECRGVGFTEAPRGALGHWAAIRDGKIDLYQCVVPTTWNASPRDPKGQIGAYEAALMNTKMAIP
EQPLEILRTLHSFDPCLACSTH
;
L,M
#
# COMPACT_ATOMS: atom_id res chain seq x y z
N LYS A 4 -26.77 3.98 13.74
CA LYS A 4 -26.44 5.41 14.04
C LYS A 4 -26.32 6.23 12.74
N PRO A 5 -27.10 7.31 12.54
CA PRO A 5 -27.19 7.99 11.24
C PRO A 5 -25.86 8.60 10.83
N ARG A 6 -25.55 8.53 9.53
CA ARG A 6 -24.36 9.16 8.97
C ARG A 6 -24.70 10.57 8.50
N ILE A 7 -23.69 11.44 8.47
CA ILE A 7 -23.91 12.82 8.06
C ILE A 7 -24.22 12.87 6.57
N PRO A 8 -25.32 13.52 6.17
CA PRO A 8 -25.68 13.66 4.76
C PRO A 8 -24.74 14.58 4.00
N VAL A 9 -24.30 14.11 2.82
CA VAL A 9 -23.48 14.91 1.93
C VAL A 9 -24.16 14.93 0.56
N VAL A 10 -24.30 16.15 0.01
CA VAL A 10 -24.78 16.40 -1.33
C VAL A 10 -23.60 16.89 -2.14
N TRP A 11 -23.25 16.15 -3.19
CA TRP A 11 -22.10 16.48 -4.04
C TRP A 11 -22.58 16.87 -5.44
N ILE A 12 -22.45 18.14 -5.79
CA ILE A 12 -22.91 18.68 -7.08
C ILE A 12 -21.70 18.99 -7.95
N HIS A 13 -21.99 19.12 -9.25
CA HIS A 13 -20.98 19.26 -10.29
C HIS A 13 -21.37 20.39 -11.24
N GLY A 14 -20.52 21.42 -11.34
CA GLY A 14 -20.66 22.46 -12.34
C GLY A 14 -19.80 22.19 -13.59
N LEU A 15 -19.19 23.26 -14.15
CA LEU A 15 -18.17 23.05 -15.19
C LEU A 15 -16.93 22.43 -14.52
N GLU A 16 -16.43 21.32 -15.09
CA GLU A 16 -15.54 20.41 -14.40
C GLU A 16 -14.88 19.50 -15.42
N CYS A 17 -13.84 18.78 -14.97
CA CYS A 17 -13.31 17.64 -15.69
C CYS A 17 -13.52 16.34 -14.94
N THR A 18 -14.04 16.40 -13.69
CA THR A 18 -14.27 15.25 -12.82
C THR A 18 -12.98 14.74 -12.14
N CYS A 19 -11.88 15.50 -12.17
CA CYS A 19 -10.64 15.08 -11.53
C CYS A 19 -10.81 15.02 -10.02
N CYS A 20 -11.72 15.83 -9.44
CA CYS A 20 -11.86 15.89 -8.00
C CYS A 20 -12.61 14.65 -7.49
N THR A 21 -13.67 14.20 -8.15
CA THR A 21 -14.32 12.93 -7.82
C THR A 21 -13.32 11.79 -8.00
N GLU A 22 -12.53 11.83 -9.08
CA GLU A 22 -11.59 10.76 -9.33
C GLU A 22 -10.54 10.73 -8.22
N SER A 23 -10.06 11.91 -7.80
CA SER A 23 -9.09 11.94 -6.70
C SER A 23 -9.69 11.34 -5.43
N PHE A 24 -10.92 11.76 -5.09
CA PHE A 24 -11.60 11.28 -3.90
C PHE A 24 -11.60 9.75 -3.89
N ILE A 25 -11.92 9.08 -5.02
CA ILE A 25 -12.07 7.63 -4.97
C ILE A 25 -10.73 6.94 -4.87
N ARG A 26 -9.63 7.67 -5.11
CA ARG A 26 -8.27 7.14 -4.90
C ARG A 26 -7.90 6.97 -3.44
N SER A 27 -8.71 7.51 -2.51
CA SER A 27 -8.31 7.54 -1.11
C SER A 27 -7.85 6.17 -0.58
N ALA A 28 -6.72 6.16 0.09
CA ALA A 28 -6.15 4.89 0.58
C ALA A 28 -6.55 4.67 2.05
N HIS A 29 -6.83 5.73 2.79
CA HIS A 29 -7.08 5.53 4.21
C HIS A 29 -7.78 6.79 4.72
N PRO A 30 -9.11 6.77 4.99
CA PRO A 30 -9.99 5.63 4.73
C PRO A 30 -10.25 5.37 3.24
N LEU A 31 -10.47 4.11 2.88
CA LEU A 31 -10.88 3.79 1.52
C LEU A 31 -12.16 4.56 1.20
N ALA A 32 -12.34 5.03 -0.04
CA ALA A 32 -13.57 5.70 -0.44
C ALA A 32 -14.79 4.82 -0.17
N LYS A 33 -14.61 3.52 -0.39
CA LYS A 33 -15.62 2.54 -0.02
C LYS A 33 -16.12 2.76 1.40
N ASP A 34 -15.19 2.81 2.36
CA ASP A 34 -15.57 2.94 3.77
C ASP A 34 -16.10 4.33 4.07
N VAL A 35 -15.60 5.39 3.39
CA VAL A 35 -16.20 6.70 3.56
C VAL A 35 -17.69 6.63 3.24
N ILE A 36 -18.02 6.05 2.07
CA ILE A 36 -19.38 5.99 1.56
C ILE A 36 -20.24 5.09 2.44
N LEU A 37 -19.70 3.94 2.88
CA LEU A 37 -20.56 2.99 3.58
C LEU A 37 -20.69 3.33 5.05
N SER A 38 -19.65 3.96 5.65
CA SER A 38 -19.55 4.08 7.11
C SER A 38 -19.42 5.49 7.65
N LEU A 39 -18.88 6.45 6.91
CA LEU A 39 -18.54 7.75 7.48
C LEU A 39 -19.56 8.84 7.16
N ILE A 40 -20.06 8.85 5.92
CA ILE A 40 -21.04 9.83 5.45
C ILE A 40 -22.21 9.07 4.82
N SER A 41 -23.25 9.83 4.49
CA SER A 41 -24.30 9.39 3.58
C SER A 41 -24.22 10.24 2.32
N LEU A 42 -23.55 9.70 1.30
CA LEU A 42 -23.38 10.39 0.04
C LEU A 42 -24.70 10.26 -0.71
N ASP A 43 -25.58 11.24 -0.50
CA ASP A 43 -27.00 11.13 -0.87
C ASP A 43 -27.28 11.60 -2.30
N TYR A 44 -26.34 12.33 -2.93
CA TYR A 44 -26.52 12.86 -4.27
C TYR A 44 -25.11 13.05 -4.83
N ASP A 45 -24.88 12.54 -6.05
CA ASP A 45 -23.56 12.66 -6.68
C ASP A 45 -23.72 12.16 -8.11
N ASP A 46 -23.76 13.08 -9.07
CA ASP A 46 -24.09 12.75 -10.45
C ASP A 46 -23.23 11.58 -10.98
N THR A 47 -21.94 11.58 -10.62
CA THR A 47 -21.01 10.64 -11.23
C THR A 47 -21.27 9.20 -10.80
N LEU A 48 -21.81 8.99 -9.58
CA LEU A 48 -21.82 7.67 -8.97
C LEU A 48 -23.22 7.15 -8.70
N MET A 49 -24.24 8.00 -8.71
CA MET A 49 -25.57 7.62 -8.22
C MET A 49 -26.38 6.80 -9.23
N ALA A 50 -27.24 5.90 -8.71
CA ALA A 50 -28.04 5.03 -9.56
C ALA A 50 -29.06 5.84 -10.37
N ALA A 51 -29.75 6.77 -9.69
CA ALA A 51 -30.88 7.48 -10.27
C ALA A 51 -30.40 8.47 -11.33
N ALA A 52 -31.16 8.62 -12.43
CA ALA A 52 -30.94 9.65 -13.43
C ALA A 52 -32.21 10.47 -13.62
N GLY A 53 -32.06 11.60 -14.31
CA GLY A 53 -33.20 12.37 -14.76
C GLY A 53 -34.18 12.67 -13.65
N THR A 54 -35.49 12.37 -13.85
CA THR A 54 -36.48 12.76 -12.89
C THR A 54 -36.25 12.05 -11.55
N GLN A 55 -35.72 10.83 -11.58
CA GLN A 55 -35.43 10.10 -10.36
C GLN A 55 -34.34 10.82 -9.57
N ALA A 56 -33.30 11.31 -10.26
CA ALA A 56 -32.23 12.09 -9.63
C ALA A 56 -32.76 13.42 -9.10
N GLU A 57 -33.65 14.09 -9.85
CA GLU A 57 -34.24 15.33 -9.36
C GLU A 57 -35.02 15.08 -8.07
N GLU A 58 -35.73 13.95 -8.00
CA GLU A 58 -36.52 13.63 -6.82
C GLU A 58 -35.57 13.46 -5.61
N VAL A 59 -34.42 12.80 -5.82
CA VAL A 59 -33.48 12.59 -4.73
C VAL A 59 -32.98 13.94 -4.24
N PHE A 60 -32.54 14.78 -5.19
CA PHE A 60 -32.01 16.09 -4.86
C PHE A 60 -33.02 16.86 -4.01
N GLU A 61 -34.27 16.92 -4.49
CA GLU A 61 -35.29 17.70 -3.79
C GLU A 61 -35.59 17.13 -2.42
N ASP A 62 -35.69 15.81 -2.34
CA ASP A 62 -36.01 15.20 -1.04
C ASP A 62 -34.88 15.43 -0.03
N ILE A 63 -33.63 15.26 -0.44
CA ILE A 63 -32.53 15.37 0.49
C ILE A 63 -32.41 16.80 1.00
N ILE A 64 -32.45 17.80 0.12
CA ILE A 64 -32.20 19.15 0.58
C ILE A 64 -33.38 19.61 1.43
N THR A 65 -34.56 19.03 1.23
CA THR A 65 -35.72 19.40 2.03
C THR A 65 -35.69 18.70 3.38
N GLN A 66 -35.58 17.35 3.36
CA GLN A 66 -35.57 16.55 4.57
C GLN A 66 -34.43 16.97 5.49
N TYR A 67 -33.25 17.25 4.93
CA TYR A 67 -32.06 17.53 5.74
C TYR A 67 -31.65 19.00 5.67
N ASN A 68 -32.62 19.88 5.41
CA ASN A 68 -32.40 21.31 5.39
C ASN A 68 -31.63 21.72 6.64
N GLY A 69 -30.52 22.44 6.43
CA GLY A 69 -29.66 22.93 7.50
C GLY A 69 -28.68 21.91 8.07
N LYS A 70 -28.70 20.66 7.56
CA LYS A 70 -27.98 19.56 8.20
C LYS A 70 -27.03 18.79 7.28
N TYR A 71 -27.01 19.11 5.99
CA TYR A 71 -26.14 18.39 5.09
C TYR A 71 -24.91 19.24 4.80
N ILE A 72 -23.84 18.54 4.46
CA ILE A 72 -22.67 19.19 3.87
C ILE A 72 -22.91 19.23 2.38
N LEU A 73 -22.62 20.38 1.76
CA LEU A 73 -22.59 20.49 0.31
C LEU A 73 -21.15 20.47 -0.18
N ALA A 74 -20.84 19.46 -0.97
CA ALA A 74 -19.59 19.36 -1.69
C ALA A 74 -19.82 19.88 -3.11
N VAL A 75 -18.97 20.81 -3.56
CA VAL A 75 -19.06 21.34 -4.91
C VAL A 75 -17.77 21.03 -5.66
N GLU A 76 -17.95 20.38 -6.82
N GLU A 76 -17.95 20.33 -6.78
CA GLU A 76 -16.90 20.11 -7.79
CA GLU A 76 -16.92 20.13 -7.78
C GLU A 76 -17.23 20.89 -9.05
C GLU A 76 -17.25 21.03 -8.97
N GLY A 77 -16.24 21.57 -9.63
CA GLY A 77 -16.49 22.46 -10.75
C GLY A 77 -17.01 23.81 -10.31
N ASN A 78 -17.51 24.60 -11.28
CA ASN A 78 -17.98 25.95 -10.99
C ASN A 78 -19.08 26.40 -11.95
N PRO A 79 -19.79 27.46 -11.57
CA PRO A 79 -20.81 28.06 -12.44
C PRO A 79 -20.24 29.06 -13.42
N PRO A 80 -20.65 28.95 -14.71
CA PRO A 80 -20.33 29.98 -15.69
C PRO A 80 -21.43 31.04 -15.68
N LEU A 81 -21.07 32.32 -15.72
CA LEU A 81 -22.05 33.39 -15.74
C LEU A 81 -22.42 33.78 -17.17
N GLY A 82 -21.62 33.35 -18.16
CA GLY A 82 -21.90 33.64 -19.56
C GLY A 82 -23.19 32.98 -20.06
N GLU A 83 -23.78 33.59 -21.11
CA GLU A 83 -24.96 33.00 -21.78
C GLU A 83 -26.05 32.68 -20.74
N GLN A 84 -26.27 33.60 -19.79
CA GLN A 84 -27.26 33.44 -18.74
C GLN A 84 -27.08 32.15 -17.95
N GLY A 85 -25.82 31.69 -17.85
CA GLY A 85 -25.53 30.47 -17.14
C GLY A 85 -25.73 29.19 -17.93
N MET A 86 -26.10 29.28 -19.21
CA MET A 86 -26.44 28.10 -19.97
C MET A 86 -25.24 27.46 -20.67
N PHE A 87 -24.02 27.89 -20.28
CA PHE A 87 -22.84 27.08 -20.55
C PHE A 87 -22.78 25.82 -19.67
N CYS A 88 -23.62 25.76 -18.63
CA CYS A 88 -23.72 24.57 -17.80
C CYS A 88 -25.18 24.37 -17.40
N ILE A 89 -25.81 23.39 -18.06
CA ILE A 89 -27.26 23.22 -17.98
C ILE A 89 -27.55 21.98 -17.16
N SER A 90 -28.50 22.05 -16.24
CA SER A 90 -28.94 20.93 -15.43
C SER A 90 -30.45 20.95 -15.26
N SER A 91 -31.09 19.88 -15.70
CA SER A 91 -32.53 19.79 -15.79
C SER A 91 -33.09 20.97 -16.56
N GLY A 92 -32.41 21.32 -17.66
CA GLY A 92 -32.88 22.31 -18.60
C GLY A 92 -32.69 23.74 -18.15
N ARG A 93 -32.09 23.94 -16.94
CA ARG A 93 -31.94 25.26 -16.37
C ARG A 93 -30.47 25.54 -16.01
N PRO A 94 -30.09 26.80 -15.77
CA PRO A 94 -28.69 27.08 -15.39
C PRO A 94 -28.27 26.27 -14.16
N PHE A 95 -27.05 25.71 -14.22
CA PHE A 95 -26.47 25.02 -13.06
C PHE A 95 -26.49 25.91 -11.81
N ILE A 96 -26.26 27.21 -12.00
CA ILE A 96 -26.18 28.11 -10.86
C ILE A 96 -27.45 28.03 -10.01
N GLU A 97 -28.62 27.75 -10.61
CA GLU A 97 -29.86 27.65 -9.83
C GLU A 97 -29.75 26.50 -8.83
N LYS A 98 -29.20 25.36 -9.28
CA LYS A 98 -29.08 24.21 -8.40
C LYS A 98 -28.03 24.49 -7.31
N LEU A 99 -26.93 25.14 -7.69
CA LEU A 99 -25.91 25.56 -6.72
C LEU A 99 -26.55 26.37 -5.61
N LYS A 100 -27.34 27.39 -5.97
CA LYS A 100 -27.93 28.27 -4.97
C LYS A 100 -28.96 27.54 -4.11
N ARG A 101 -29.78 26.67 -4.71
CA ARG A 101 -30.75 25.90 -3.95
C ARG A 101 -30.05 24.96 -2.96
N ALA A 102 -29.01 24.27 -3.39
CA ALA A 102 -28.27 23.36 -2.51
C ALA A 102 -27.52 24.12 -1.43
N ALA A 103 -26.95 25.27 -1.79
CA ALA A 103 -26.20 26.09 -0.83
C ALA A 103 -27.11 26.59 0.29
N ALA A 104 -28.35 26.96 -0.04
CA ALA A 104 -29.24 27.57 0.96
C ALA A 104 -29.52 26.63 2.13
N GLY A 105 -29.61 25.32 1.85
CA GLY A 105 -29.90 24.32 2.86
C GLY A 105 -28.67 23.71 3.56
N ALA A 106 -27.46 24.01 3.07
CA ALA A 106 -26.23 23.36 3.58
C ALA A 106 -25.81 23.94 4.94
N SER A 107 -25.30 23.12 5.84
CA SER A 107 -24.67 23.58 7.07
C SER A 107 -23.29 24.14 6.76
N ALA A 108 -22.60 23.56 5.77
CA ALA A 108 -21.30 24.03 5.32
C ALA A 108 -21.06 23.54 3.91
N ILE A 109 -20.11 24.20 3.22
CA ILE A 109 -19.76 23.88 1.84
C ILE A 109 -18.27 23.56 1.74
N ILE A 110 -17.95 22.47 1.06
CA ILE A 110 -16.59 22.14 0.66
C ILE A 110 -16.47 22.49 -0.82
N ALA A 111 -15.54 23.38 -1.14
CA ALA A 111 -15.21 23.72 -2.50
C ALA A 111 -14.03 22.85 -2.91
N TRP A 112 -14.32 21.75 -3.59
CA TRP A 112 -13.26 20.85 -4.00
C TRP A 112 -12.49 21.45 -5.15
N GLY A 113 -11.18 21.37 -5.04
CA GLY A 113 -10.30 21.64 -6.15
C GLY A 113 -10.16 23.11 -6.52
N THR A 114 -9.23 23.35 -7.42
CA THR A 114 -9.03 24.68 -7.96
C THR A 114 -10.27 25.18 -8.70
N CYS A 115 -11.06 24.31 -9.32
CA CYS A 115 -12.30 24.75 -9.98
C CYS A 115 -13.23 25.46 -9.00
N ALA A 116 -13.62 24.80 -7.93
CA ALA A 116 -14.65 25.35 -7.04
C ALA A 116 -14.04 26.48 -6.19
N SER A 117 -12.73 26.37 -5.89
CA SER A 117 -12.03 27.31 -5.03
C SER A 117 -11.74 28.61 -5.76
N TRP A 118 -11.28 28.54 -7.04
CA TRP A 118 -10.68 29.69 -7.73
C TRP A 118 -11.18 29.89 -9.17
N GLY A 119 -11.40 28.80 -9.92
CA GLY A 119 -11.83 28.87 -11.30
C GLY A 119 -11.18 27.79 -12.18
N CYS A 120 -9.89 27.55 -11.95
CA CYS A 120 -9.11 26.56 -12.67
C CYS A 120 -9.21 26.80 -14.18
N VAL A 121 -9.04 25.73 -14.98
CA VAL A 121 -8.59 25.90 -16.35
C VAL A 121 -9.62 26.69 -17.18
N GLN A 122 -10.92 26.49 -16.95
CA GLN A 122 -11.94 27.18 -17.73
C GLN A 122 -11.90 28.68 -17.45
N ALA A 123 -11.37 29.06 -16.27
CA ALA A 123 -11.27 30.48 -15.89
C ALA A 123 -9.99 31.12 -16.41
N ALA A 124 -9.10 30.32 -17.01
CA ALA A 124 -7.84 30.85 -17.54
C ALA A 124 -8.15 31.74 -18.74
N ARG A 125 -7.26 32.70 -19.02
CA ARG A 125 -7.50 33.68 -20.09
C ARG A 125 -7.91 32.96 -21.38
N PRO A 126 -8.96 33.38 -22.12
CA PRO A 126 -9.77 34.56 -21.81
C PRO A 126 -11.09 34.29 -21.09
N ASN A 127 -11.18 33.14 -20.40
CA ASN A 127 -12.37 32.74 -19.65
C ASN A 127 -13.64 32.91 -20.48
N PRO A 128 -13.78 32.09 -21.53
CA PRO A 128 -14.90 32.21 -22.46
C PRO A 128 -16.27 32.15 -21.81
N THR A 129 -16.44 31.37 -20.72
CA THR A 129 -17.73 31.11 -20.14
C THR A 129 -18.02 31.97 -18.91
N GLN A 130 -17.07 32.79 -18.50
CA GLN A 130 -17.19 33.56 -17.23
C GLN A 130 -17.34 32.58 -16.07
N ALA A 131 -16.52 31.53 -16.07
CA ALA A 131 -16.47 30.59 -14.96
C ALA A 131 -16.04 31.33 -13.69
N THR A 132 -16.78 31.07 -12.61
CA THR A 132 -16.68 31.88 -11.41
C THR A 132 -16.59 30.95 -10.19
N PRO A 133 -15.66 31.17 -9.24
CA PRO A 133 -15.54 30.26 -8.09
C PRO A 133 -16.74 30.43 -7.17
N ILE A 134 -17.01 29.43 -6.36
CA ILE A 134 -18.21 29.32 -5.57
C ILE A 134 -18.35 30.49 -4.62
N ASP A 135 -17.22 30.95 -4.03
CA ASP A 135 -17.34 31.94 -2.95
C ASP A 135 -17.71 33.32 -3.49
N LYS A 136 -17.69 33.50 -4.82
CA LYS A 136 -18.10 34.76 -5.44
C LYS A 136 -19.59 34.74 -5.77
N VAL A 137 -20.24 33.59 -5.59
CA VAL A 137 -21.65 33.42 -5.88
C VAL A 137 -22.43 33.18 -4.58
N ILE A 138 -21.90 32.31 -3.71
CA ILE A 138 -22.51 31.99 -2.44
C ILE A 138 -21.74 32.75 -1.37
N THR A 139 -22.43 33.65 -0.66
CA THR A 139 -21.72 34.66 0.13
C THR A 139 -22.20 34.63 1.56
N ASP A 140 -23.04 33.64 1.93
CA ASP A 140 -23.65 33.57 3.25
C ASP A 140 -23.55 32.17 3.87
N LYS A 141 -22.51 31.41 3.49
CA LYS A 141 -22.28 30.09 4.04
C LYS A 141 -20.80 29.88 4.32
N PRO A 142 -20.45 29.01 5.28
CA PRO A 142 -19.06 28.62 5.45
C PRO A 142 -18.61 27.84 4.20
N ILE A 143 -17.52 28.25 3.58
CA ILE A 143 -16.92 27.57 2.42
C ILE A 143 -15.46 27.22 2.78
N ILE A 144 -15.20 25.91 2.77
CA ILE A 144 -13.85 25.41 2.94
C ILE A 144 -13.27 25.17 1.56
N LYS A 145 -12.20 25.90 1.20
CA LYS A 145 -11.51 25.73 -0.08
C LYS A 145 -10.47 24.63 0.05
N VAL A 146 -10.52 23.64 -0.85
CA VAL A 146 -9.59 22.52 -0.85
C VAL A 146 -8.94 22.46 -2.23
N PRO A 147 -8.01 23.39 -2.50
CA PRO A 147 -7.55 23.57 -3.88
C PRO A 147 -6.48 22.56 -4.27
N GLY A 148 -6.15 22.67 -5.54
CA GLY A 148 -5.34 21.68 -6.23
C GLY A 148 -6.11 21.13 -7.40
N CYS A 149 -5.39 20.65 -8.42
CA CYS A 149 -5.98 20.19 -9.65
C CYS A 149 -5.57 18.76 -9.95
N PRO A 150 -6.19 17.74 -9.31
CA PRO A 150 -7.10 17.88 -8.18
C PRO A 150 -6.31 17.93 -6.86
N PRO A 151 -6.98 18.13 -5.72
CA PRO A 151 -6.33 17.94 -4.41
C PRO A 151 -5.88 16.49 -4.23
N ILE A 152 -4.99 16.31 -3.26
CA ILE A 152 -4.46 14.98 -2.93
C ILE A 152 -5.58 14.08 -2.40
N PRO A 153 -5.71 12.86 -2.90
CA PRO A 153 -6.76 11.96 -2.43
C PRO A 153 -6.86 11.84 -0.90
N ASP A 154 -5.74 11.59 -0.23
CA ASP A 154 -5.78 11.35 1.23
C ASP A 154 -5.94 12.65 2.02
N VAL A 155 -5.76 13.81 1.37
CA VAL A 155 -6.12 15.10 1.94
C VAL A 155 -7.63 15.29 1.90
N MET A 156 -8.25 14.94 0.77
CA MET A 156 -9.70 15.03 0.67
C MET A 156 -10.33 14.18 1.77
N SER A 157 -9.95 12.89 1.85
CA SER A 157 -10.54 12.01 2.86
C SER A 157 -10.18 12.42 4.28
N ALA A 158 -9.00 13.00 4.50
CA ALA A 158 -8.62 13.46 5.84
C ALA A 158 -9.52 14.62 6.28
N ILE A 159 -9.83 15.55 5.35
CA ILE A 159 -10.69 16.67 5.68
C ILE A 159 -12.08 16.16 6.04
N ILE A 160 -12.63 15.22 5.24
CA ILE A 160 -13.93 14.63 5.57
C ILE A 160 -13.89 14.00 6.96
N THR A 161 -12.86 13.18 7.23
CA THR A 161 -12.79 12.47 8.51
CA THR A 161 -12.77 12.48 8.51
C THR A 161 -12.69 13.48 9.67
N TYR A 162 -11.91 14.54 9.49
CA TYR A 162 -11.85 15.58 10.52
C TYR A 162 -13.25 16.14 10.80
N MET A 163 -13.95 16.52 9.75
CA MET A 163 -15.23 17.20 9.89
C MET A 163 -16.22 16.30 10.60
N VAL A 164 -16.21 15.00 10.27
CA VAL A 164 -17.14 14.03 10.83
C VAL A 164 -16.75 13.71 12.25
N THR A 165 -15.47 13.33 12.48
CA THR A 165 -14.94 12.81 13.73
C THR A 165 -14.89 13.89 14.82
N PHE A 166 -14.49 15.11 14.43
CA PHE A 166 -14.31 16.20 15.36
C PHE A 166 -15.56 17.08 15.44
N ASP A 167 -16.52 16.86 14.51
CA ASP A 167 -17.75 17.61 14.44
C ASP A 167 -17.48 19.13 14.42
N ARG A 168 -16.56 19.54 13.55
CA ARG A 168 -16.27 20.94 13.36
C ARG A 168 -15.57 21.12 12.02
N LEU A 169 -15.54 22.37 11.55
CA LEU A 169 -14.82 22.68 10.34
C LEU A 169 -13.34 22.80 10.68
N PRO A 170 -12.46 22.48 9.71
CA PRO A 170 -11.05 22.73 9.87
C PRO A 170 -10.83 24.23 10.04
N ASP A 171 -9.82 24.58 10.84
CA ASP A 171 -9.42 25.98 10.90
CA ASP A 171 -9.41 25.97 10.90
C ASP A 171 -8.77 26.33 9.57
N VAL A 172 -8.97 27.58 9.12
CA VAL A 172 -8.56 27.96 7.78
C VAL A 172 -7.69 29.21 7.81
N ASP A 173 -6.88 29.35 6.77
CA ASP A 173 -6.14 30.57 6.51
C ASP A 173 -7.08 31.68 5.99
N ARG A 174 -6.48 32.81 5.64
CA ARG A 174 -7.24 34.00 5.27
C ARG A 174 -8.00 33.80 3.95
N MET A 175 -7.67 32.73 3.18
CA MET A 175 -8.34 32.40 1.92
CA MET A 175 -8.32 32.39 1.91
C MET A 175 -9.31 31.24 2.07
N GLY A 176 -9.50 30.72 3.28
CA GLY A 176 -10.47 29.64 3.49
C GLY A 176 -9.91 28.25 3.24
N ARG A 177 -8.57 28.09 3.16
CA ARG A 177 -7.94 26.79 2.99
C ARG A 177 -7.60 26.20 4.35
N PRO A 178 -7.86 24.89 4.57
CA PRO A 178 -7.46 24.26 5.83
C PRO A 178 -5.96 24.41 6.15
N LEU A 179 -5.68 24.99 7.31
CA LEU A 179 -4.30 25.18 7.76
C LEU A 179 -3.54 23.85 7.81
N MET A 180 -4.22 22.76 8.16
CA MET A 180 -3.55 21.49 8.34
C MET A 180 -2.76 21.11 7.09
N PHE A 181 -3.32 21.29 5.89
CA PHE A 181 -2.65 20.84 4.68
C PHE A 181 -2.16 21.96 3.76
N TYR A 182 -2.59 23.21 3.99
CA TYR A 182 -2.26 24.32 3.12
C TYR A 182 -1.53 25.45 3.86
N GLY A 183 -1.08 25.20 5.09
CA GLY A 183 -0.40 26.19 5.91
C GLY A 183 1.00 26.48 5.43
N GLN A 184 1.63 25.52 4.71
CA GLN A 184 3.01 25.67 4.25
C GLN A 184 3.11 25.40 2.76
N ARG A 185 4.21 25.89 2.19
CA ARG A 185 4.44 25.79 0.77
C ARG A 185 5.07 24.46 0.41
N ILE A 186 4.92 24.09 -0.86
CA ILE A 186 5.59 22.93 -1.40
C ILE A 186 7.09 23.03 -1.11
N HIS A 187 7.67 24.20 -1.44
CA HIS A 187 9.10 24.48 -1.31
C HIS A 187 9.56 24.51 0.14
N ASP A 188 8.64 24.65 1.11
CA ASP A 188 8.97 24.69 2.53
C ASP A 188 9.18 23.27 3.07
N LYS A 189 8.82 22.22 2.30
CA LYS A 189 8.94 20.83 2.71
C LYS A 189 9.40 19.97 1.55
N CYS A 190 10.14 20.57 0.61
CA CYS A 190 10.58 19.80 -0.55
C CYS A 190 11.91 19.10 -0.30
N TYR A 191 11.97 17.81 -0.64
CA TYR A 191 13.17 17.00 -0.45
C TYR A 191 14.31 17.40 -1.39
N ARG A 192 14.09 18.32 -2.36
CA ARG A 192 15.19 18.80 -3.19
C ARG A 192 15.70 20.17 -2.71
N ARG A 193 15.27 20.64 -1.53
CA ARG A 193 15.72 21.96 -1.07
C ARG A 193 17.24 21.99 -0.89
N ALA A 194 17.85 20.85 -0.53
CA ALA A 194 19.31 20.82 -0.38
C ALA A 194 19.95 21.33 -1.67
N HIS A 195 19.40 20.88 -2.81
CA HIS A 195 19.94 21.24 -4.12
C HIS A 195 19.68 22.71 -4.43
N PHE A 196 18.46 23.18 -4.14
CA PHE A 196 18.13 24.59 -4.32
C PHE A 196 19.12 25.46 -3.54
N ASP A 197 19.39 25.11 -2.28
CA ASP A 197 20.26 25.91 -1.43
C ASP A 197 21.70 25.90 -1.97
N ALA A 198 22.11 24.81 -2.63
CA ALA A 198 23.44 24.67 -3.17
C ALA A 198 23.60 25.25 -4.58
N GLY A 199 22.51 25.73 -5.18
CA GLY A 199 22.53 26.15 -6.59
C GLY A 199 22.73 24.98 -7.55
N GLU A 200 22.21 23.79 -7.17
CA GLU A 200 22.31 22.57 -7.94
C GLU A 200 20.97 22.34 -8.67
N PHE A 201 20.94 22.70 -9.96
CA PHE A 201 19.69 22.74 -10.73
C PHE A 201 19.77 21.87 -11.97
N VAL A 202 18.64 21.25 -12.34
CA VAL A 202 18.40 20.74 -13.67
C VAL A 202 18.39 21.96 -14.60
N GLN A 203 19.13 21.85 -15.71
N GLN A 203 19.14 21.86 -15.72
CA GLN A 203 19.17 22.92 -16.70
CA GLN A 203 19.18 22.93 -16.71
C GLN A 203 18.49 22.54 -18.01
C GLN A 203 18.47 22.55 -18.00
N SER A 204 18.48 21.24 -18.35
CA SER A 204 17.69 20.77 -19.48
C SER A 204 17.23 19.35 -19.16
N TRP A 205 16.13 18.90 -19.77
CA TRP A 205 15.56 17.61 -19.35
C TRP A 205 16.58 16.48 -19.53
N ASP A 206 16.64 15.56 -18.56
CA ASP A 206 17.43 14.34 -18.65
C ASP A 206 18.93 14.64 -18.71
N ASP A 207 19.35 15.79 -18.20
CA ASP A 207 20.75 16.09 -18.01
C ASP A 207 21.27 15.34 -16.76
N ASP A 208 22.58 15.46 -16.46
CA ASP A 208 23.12 14.67 -15.36
C ASP A 208 22.45 15.10 -14.06
N ALA A 209 22.17 16.39 -13.91
CA ALA A 209 21.50 16.96 -12.76
C ALA A 209 20.13 16.30 -12.55
N ALA A 210 19.37 16.16 -13.63
CA ALA A 210 18.05 15.54 -13.56
C ALA A 210 18.14 14.11 -13.05
N ARG A 211 19.17 13.38 -13.48
CA ARG A 211 19.35 11.98 -13.13
C ARG A 211 19.80 11.80 -11.68
N LYS A 212 20.17 12.90 -11.00
CA LYS A 212 20.57 12.91 -9.61
C LYS A 212 19.47 13.51 -8.73
N GLY A 213 18.33 13.93 -9.34
CA GLY A 213 17.27 14.53 -8.52
C GLY A 213 17.54 15.96 -8.09
N TYR A 214 18.28 16.73 -8.90
CA TYR A 214 18.54 18.13 -8.57
C TYR A 214 17.26 18.98 -8.65
N CYS A 215 17.35 20.21 -8.12
CA CYS A 215 16.21 21.08 -7.95
C CYS A 215 15.72 21.52 -9.34
N LEU A 216 14.41 21.73 -9.44
CA LEU A 216 13.70 22.00 -10.72
C LEU A 216 13.34 23.48 -10.87
N TYR A 217 13.93 24.35 -10.04
CA TYR A 217 13.67 25.79 -10.06
C TYR A 217 13.92 26.41 -11.43
N LYS A 218 15.02 26.06 -12.08
CA LYS A 218 15.38 26.65 -13.36
C LYS A 218 14.54 26.04 -14.48
N MET A 219 13.83 24.95 -14.20
CA MET A 219 12.90 24.35 -15.15
C MET A 219 11.49 24.89 -14.93
N GLY A 220 11.33 25.91 -14.04
CA GLY A 220 10.07 26.64 -13.88
C GLY A 220 9.23 26.23 -12.66
N CYS A 221 9.81 25.41 -11.74
CA CYS A 221 9.07 24.94 -10.57
C CYS A 221 8.43 26.11 -9.81
N LYS A 222 7.10 26.01 -9.54
CA LYS A 222 6.35 27.02 -8.82
C LYS A 222 6.15 26.66 -7.36
N GLY A 223 6.91 25.65 -6.89
CA GLY A 223 6.88 25.24 -5.49
C GLY A 223 7.06 26.39 -4.51
N PRO A 224 7.96 27.35 -4.80
CA PRO A 224 8.20 28.48 -3.89
C PRO A 224 7.02 29.40 -3.62
N THR A 225 5.95 29.33 -4.41
CA THR A 225 4.79 30.19 -4.25
C THR A 225 3.50 29.39 -4.10
N THR A 226 3.59 28.08 -3.83
CA THR A 226 2.42 27.24 -3.89
C THR A 226 2.22 26.54 -2.56
N TYR A 227 1.01 26.66 -2.00
CA TYR A 227 0.61 26.08 -0.73
C TYR A 227 -0.19 24.78 -0.96
N ASN A 228 0.35 23.64 -0.47
CA ASN A 228 -0.27 22.34 -0.60
C ASN A 228 0.58 21.36 0.24
N ALA A 229 0.23 20.06 0.19
CA ALA A 229 0.84 19.05 1.05
C ALA A 229 1.65 18.03 0.24
N CYS A 230 1.93 18.33 -1.04
CA CYS A 230 2.42 17.32 -1.97
C CYS A 230 3.80 16.81 -1.59
N SER A 231 4.64 17.69 -1.05
CA SER A 231 6.02 17.37 -0.75
C SER A 231 6.17 16.62 0.59
N SER A 232 5.08 16.52 1.36
CA SER A 232 5.07 15.88 2.66
CA SER A 232 5.10 15.84 2.65
C SER A 232 4.19 14.62 2.62
N THR A 233 2.87 14.84 2.49
CA THR A 233 1.88 13.77 2.35
C THR A 233 2.12 12.95 1.08
N ARG A 234 2.47 13.64 -0.01
CA ARG A 234 2.69 13.05 -1.31
C ARG A 234 1.36 12.52 -1.87
N TRP A 235 1.43 11.82 -3.03
CA TRP A 235 0.30 11.41 -3.83
C TRP A 235 0.18 9.89 -3.95
N ASN A 236 -1.05 9.41 -4.05
CA ASN A 236 -1.37 8.04 -4.42
C ASN A 236 -0.75 7.09 -3.38
N ASP A 237 -1.05 7.37 -2.11
CA ASP A 237 -0.62 6.56 -0.98
C ASP A 237 0.90 6.71 -0.79
N GLY A 238 1.38 7.95 -0.87
CA GLY A 238 2.77 8.29 -0.66
C GLY A 238 3.74 7.80 -1.73
N VAL A 239 3.26 7.49 -2.93
CA VAL A 239 4.14 6.96 -3.95
C VAL A 239 5.01 8.04 -4.58
N SER A 240 4.43 9.20 -4.95
CA SER A 240 5.24 10.23 -5.59
C SER A 240 4.58 11.59 -5.40
N PHE A 241 5.19 12.62 -6.02
CA PHE A 241 4.54 13.90 -6.27
C PHE A 241 5.22 14.51 -7.47
N PRO A 242 4.69 15.60 -8.07
CA PRO A 242 5.20 16.10 -9.36
C PRO A 242 6.74 16.19 -9.40
N ILE A 243 7.31 16.86 -8.39
CA ILE A 243 8.74 17.13 -8.32
C ILE A 243 9.53 15.84 -8.18
N GLN A 244 9.02 14.88 -7.38
CA GLN A 244 9.74 13.64 -7.18
C GLN A 244 9.89 12.86 -8.49
N SER A 245 8.91 12.95 -9.40
CA SER A 245 8.95 12.32 -10.71
C SER A 245 9.57 13.22 -11.78
N GLY A 246 10.14 14.37 -11.42
CA GLY A 246 11.02 15.12 -12.31
C GLY A 246 10.42 16.33 -13.01
N HIS A 247 9.17 16.69 -12.69
CA HIS A 247 8.56 17.90 -13.23
C HIS A 247 8.37 18.94 -12.14
N GLY A 248 8.70 20.22 -12.44
CA GLY A 248 8.41 21.26 -11.48
C GLY A 248 6.93 21.29 -11.13
N CYS A 249 6.64 21.75 -9.90
CA CYS A 249 5.29 22.15 -9.54
C CYS A 249 4.76 23.17 -10.56
N LEU A 250 3.51 23.00 -10.99
CA LEU A 250 2.83 23.91 -11.90
C LEU A 250 2.24 25.09 -11.13
N GLY A 251 2.10 24.92 -9.81
CA GLY A 251 1.40 25.89 -8.99
C GLY A 251 -0.09 25.62 -8.86
N CYS A 252 -0.50 24.35 -9.01
CA CYS A 252 -1.87 24.01 -9.36
C CYS A 252 -2.85 24.27 -8.22
N ALA A 253 -2.41 24.44 -6.99
CA ALA A 253 -3.28 24.80 -5.89
C ALA A 253 -3.51 26.30 -5.73
N GLU A 254 -2.83 27.15 -6.49
CA GLU A 254 -2.89 28.60 -6.31
C GLU A 254 -3.86 29.24 -7.30
N ASN A 255 -4.60 30.25 -6.78
CA ASN A 255 -5.50 31.06 -7.58
C ASN A 255 -4.76 31.60 -8.81
N GLY A 256 -5.31 31.33 -10.00
CA GLY A 256 -4.81 31.94 -11.23
C GLY A 256 -3.54 31.31 -11.76
N PHE A 257 -3.19 30.09 -11.32
CA PHE A 257 -1.89 29.51 -11.66
C PHE A 257 -1.70 29.36 -13.15
N TRP A 258 -2.78 29.11 -13.91
CA TRP A 258 -2.71 28.92 -15.35
C TRP A 258 -2.18 30.16 -16.05
N ASP A 259 -2.40 31.35 -15.44
CA ASP A 259 -2.07 32.62 -16.08
C ASP A 259 -0.89 33.34 -15.42
N ARG A 260 -0.09 32.61 -14.64
CA ARG A 260 1.10 33.18 -14.02
C ARG A 260 2.33 32.92 -14.89
N GLY A 261 2.14 32.79 -16.18
CA GLY A 261 3.25 32.58 -17.09
C GLY A 261 3.46 31.10 -17.39
N SER A 262 4.33 30.88 -18.37
CA SER A 262 4.70 29.53 -18.78
C SER A 262 5.15 28.73 -17.57
N PHE A 263 4.74 27.46 -17.53
CA PHE A 263 5.17 26.57 -16.45
C PHE A 263 6.70 26.43 -16.45
N TYR A 264 7.37 26.68 -17.60
CA TYR A 264 8.81 26.52 -17.72
C TYR A 264 9.62 27.83 -17.56
N SER A 265 8.96 28.94 -17.23
CA SER A 265 9.63 30.21 -16.99
C SER A 265 9.56 30.60 -15.51
N ARG A 266 10.39 31.56 -15.10
CA ARG A 266 10.27 32.18 -13.78
C ARG A 266 9.15 33.25 -13.73
N SER B 2 -45.30 17.68 -35.76
CA SER B 2 -44.37 16.51 -35.78
C SER B 2 -43.98 16.17 -37.22
N THR B 3 -42.77 15.65 -37.39
CA THR B 3 -42.25 15.39 -38.71
C THR B 3 -41.64 14.01 -38.71
N GLN B 4 -41.37 13.50 -39.90
CA GLN B 4 -40.69 12.24 -40.01
C GLN B 4 -39.78 12.35 -41.23
N TYR B 5 -38.56 11.80 -41.12
CA TYR B 5 -37.66 11.69 -42.26
C TYR B 5 -36.86 10.40 -42.14
N GLU B 6 -36.22 10.00 -43.25
CA GLU B 6 -35.40 8.79 -43.30
C GLU B 6 -33.91 9.13 -43.38
N THR B 7 -33.11 8.40 -42.60
CA THR B 7 -31.66 8.55 -42.64
C THR B 7 -31.01 7.28 -42.09
N GLN B 8 -30.01 6.77 -42.83
CA GLN B 8 -29.21 5.64 -42.39
C GLN B 8 -30.06 4.43 -42.03
N GLY B 9 -31.23 4.28 -42.69
CA GLY B 9 -32.05 3.11 -42.51
C GLY B 9 -33.05 3.31 -41.39
N TYR B 10 -33.04 4.50 -40.78
CA TYR B 10 -33.92 4.77 -39.65
C TYR B 10 -35.02 5.72 -40.13
N THR B 11 -36.17 5.61 -39.46
CA THR B 11 -37.27 6.55 -39.59
C THR B 11 -37.32 7.42 -38.34
N ILE B 12 -36.89 8.68 -38.50
CA ILE B 12 -36.82 9.64 -37.42
C ILE B 12 -38.18 10.33 -37.34
N ASN B 13 -38.91 10.05 -36.26
CA ASN B 13 -40.29 10.44 -36.11
C ASN B 13 -40.49 11.04 -34.72
N ASN B 14 -40.83 12.33 -34.64
CA ASN B 14 -40.98 13.02 -33.37
C ASN B 14 -42.45 13.20 -32.95
N ALA B 15 -43.33 12.40 -33.57
CA ALA B 15 -44.65 12.21 -33.02
C ALA B 15 -44.55 11.42 -31.72
N GLY B 16 -45.62 11.45 -30.93
CA GLY B 16 -45.77 10.65 -29.74
C GLY B 16 -45.12 11.33 -28.52
N ARG B 17 -45.26 10.66 -27.39
CA ARG B 17 -44.80 11.14 -26.10
CA ARG B 17 -44.81 11.15 -26.09
C ARG B 17 -43.30 11.46 -26.16
N ARG B 18 -42.93 12.62 -25.59
CA ARG B 18 -41.53 13.07 -25.44
C ARG B 18 -41.09 12.76 -24.01
N LEU B 19 -39.95 12.07 -23.89
CA LEU B 19 -39.35 11.80 -22.58
C LEU B 19 -38.01 12.54 -22.51
N VAL B 20 -37.76 13.10 -21.31
CA VAL B 20 -36.53 13.83 -21.01
C VAL B 20 -35.78 13.12 -19.88
N VAL B 21 -34.48 12.91 -20.10
CA VAL B 21 -33.57 12.43 -19.07
C VAL B 21 -32.47 13.47 -18.89
N ASP B 22 -32.60 14.27 -17.83
CA ASP B 22 -31.66 15.38 -17.58
C ASP B 22 -31.70 15.62 -16.09
N PRO B 23 -30.64 15.30 -15.31
CA PRO B 23 -29.33 14.89 -15.82
C PRO B 23 -29.13 13.40 -16.08
N ILE B 24 -28.30 13.10 -17.08
CA ILE B 24 -27.79 11.75 -17.23
C ILE B 24 -26.67 11.60 -16.17
N THR B 25 -26.79 10.56 -15.36
CA THR B 25 -25.86 10.30 -14.25
C THR B 25 -25.00 9.10 -14.63
N ARG B 26 -24.00 8.81 -13.82
CA ARG B 26 -23.05 7.72 -14.05
C ARG B 26 -22.38 7.84 -15.43
N ILE B 27 -22.09 9.10 -15.75
CA ILE B 27 -21.24 9.48 -16.85
C ILE B 27 -20.25 10.46 -16.29
N GLU B 28 -19.23 10.83 -17.09
CA GLU B 28 -18.48 12.03 -16.80
C GLU B 28 -19.23 13.24 -17.36
N GLY B 29 -19.40 14.28 -16.54
CA GLY B 29 -19.90 15.56 -16.99
C GLY B 29 -21.40 15.59 -17.21
N HIS B 30 -21.83 16.44 -18.13
CA HIS B 30 -23.21 16.90 -18.25
C HIS B 30 -23.81 16.53 -19.59
N MET B 31 -24.88 15.74 -19.57
CA MET B 31 -25.61 15.33 -20.76
C MET B 31 -27.11 15.40 -20.48
N ARG B 32 -27.85 15.74 -21.55
CA ARG B 32 -29.30 15.61 -21.59
C ARG B 32 -29.64 14.69 -22.77
N CYS B 33 -30.68 13.89 -22.59
CA CYS B 33 -31.21 13.05 -23.65
C CYS B 33 -32.71 13.23 -23.71
N GLU B 34 -33.26 13.36 -24.94
CA GLU B 34 -34.70 13.31 -25.13
C GLU B 34 -35.00 12.23 -26.18
N VAL B 35 -36.14 11.57 -26.00
CA VAL B 35 -36.63 10.64 -27.01
C VAL B 35 -38.11 10.91 -27.26
N ASN B 36 -38.61 10.39 -28.40
CA ASN B 36 -40.04 10.19 -28.58
C ASN B 36 -40.26 8.70 -28.68
N ILE B 37 -41.38 8.24 -28.08
CA ILE B 37 -41.80 6.87 -28.12
C ILE B 37 -43.18 6.83 -28.78
N ASN B 38 -43.40 5.72 -29.50
CA ASN B 38 -44.67 5.49 -30.19
C ASN B 38 -45.61 4.74 -29.23
N ASP B 39 -46.78 4.31 -29.73
CA ASP B 39 -47.81 3.78 -28.87
C ASP B 39 -47.39 2.40 -28.36
N GLN B 40 -46.33 1.81 -28.94
CA GLN B 40 -45.82 0.55 -28.46
C GLN B 40 -44.61 0.80 -27.53
N ASN B 41 -44.48 2.04 -27.01
CA ASN B 41 -43.36 2.37 -26.12
C ASN B 41 -42.02 2.06 -26.78
N VAL B 42 -41.92 2.23 -28.11
CA VAL B 42 -40.65 2.05 -28.81
C VAL B 42 -40.13 3.41 -29.27
N ILE B 43 -38.81 3.61 -29.08
CA ILE B 43 -38.19 4.87 -29.41
C ILE B 43 -38.20 5.10 -30.93
N THR B 44 -38.71 6.25 -31.37
CA THR B 44 -38.75 6.60 -32.79
C THR B 44 -37.97 7.87 -33.06
N ASN B 45 -37.40 8.46 -32.00
CA ASN B 45 -36.63 9.68 -32.12
C ASN B 45 -35.73 9.71 -30.89
N ALA B 46 -34.46 10.09 -31.09
CA ALA B 46 -33.49 10.21 -30.01
C ALA B 46 -32.63 11.46 -30.25
N VAL B 47 -32.41 12.24 -29.17
CA VAL B 47 -31.76 13.53 -29.20
C VAL B 47 -30.65 13.53 -28.12
N SER B 48 -29.40 13.64 -28.59
CA SER B 48 -28.21 13.67 -27.74
C SER B 48 -27.76 15.11 -27.55
N CYS B 49 -27.64 15.60 -26.29
CA CYS B 49 -27.32 16.98 -25.99
C CYS B 49 -26.21 17.07 -24.93
N GLY B 50 -25.12 17.71 -25.30
CA GLY B 50 -24.09 18.06 -24.33
C GLY B 50 -24.44 19.36 -23.64
N THR B 51 -24.56 19.29 -22.31
CA THR B 51 -25.04 20.39 -21.49
C THR B 51 -23.92 21.10 -20.74
N MET B 52 -22.72 21.14 -21.30
CA MET B 52 -21.63 21.92 -20.74
C MET B 52 -20.68 22.35 -21.87
N PHE B 53 -19.95 23.44 -21.59
CA PHE B 53 -18.86 23.91 -22.42
C PHE B 53 -17.89 24.72 -21.54
N ARG B 54 -16.60 24.66 -21.89
CA ARG B 54 -15.56 25.38 -21.18
C ARG B 54 -14.69 26.19 -22.12
N GLY B 55 -14.38 25.67 -23.31
CA GLY B 55 -13.64 26.45 -24.31
C GLY B 55 -12.12 26.35 -24.25
N LEU B 56 -11.60 25.12 -24.04
CA LEU B 56 -10.17 24.91 -24.03
C LEU B 56 -9.52 25.36 -25.35
N GLU B 57 -10.17 25.15 -26.52
CA GLU B 57 -9.59 25.55 -27.78
C GLU B 57 -9.33 27.07 -27.85
N ILE B 58 -10.13 27.84 -27.12
CA ILE B 58 -10.02 29.28 -27.07
C ILE B 58 -8.89 29.66 -26.10
N ILE B 59 -8.88 28.99 -24.93
CA ILE B 59 -7.93 29.23 -23.83
C ILE B 59 -6.50 28.92 -24.29
N LEU B 60 -6.34 27.92 -25.15
CA LEU B 60 -5.03 27.49 -25.62
C LEU B 60 -4.39 28.50 -26.56
N GLN B 61 -5.19 29.36 -27.20
CA GLN B 61 -4.57 30.33 -28.10
C GLN B 61 -3.59 31.19 -27.32
N GLY B 62 -2.41 31.42 -27.90
CA GLY B 62 -1.39 32.29 -27.32
C GLY B 62 -0.57 31.64 -26.21
N ARG B 63 -0.82 30.36 -25.91
CA ARG B 63 0.02 29.65 -24.96
C ARG B 63 1.30 29.20 -25.62
N ASP B 64 2.33 28.95 -24.78
CA ASP B 64 3.54 28.30 -25.28
C ASP B 64 3.20 26.86 -25.63
N PRO B 65 3.61 26.33 -26.79
CA PRO B 65 3.33 24.93 -27.14
C PRO B 65 3.79 23.90 -26.10
N ARG B 66 4.87 24.22 -25.36
CA ARG B 66 5.41 23.30 -24.37
C ARG B 66 4.47 23.19 -23.20
N ASP B 67 3.63 24.21 -22.97
CA ASP B 67 2.68 24.22 -21.85
C ASP B 67 1.35 23.55 -22.19
N ALA B 68 1.08 23.32 -23.49
CA ALA B 68 -0.25 23.00 -23.93
C ALA B 68 -0.77 21.72 -23.26
N TRP B 69 0.11 20.71 -23.09
CA TRP B 69 -0.33 19.41 -22.58
C TRP B 69 -1.02 19.59 -21.23
N ALA B 70 -0.53 20.54 -20.40
CA ALA B 70 -1.01 20.69 -19.03
C ALA B 70 -2.44 21.23 -19.02
N PHE B 71 -2.70 22.18 -19.92
CA PHE B 71 -4.03 22.76 -20.08
C PHE B 71 -5.02 21.71 -20.59
N VAL B 72 -4.68 21.04 -21.70
CA VAL B 72 -5.63 20.15 -22.36
C VAL B 72 -5.80 18.85 -21.56
N GLU B 73 -4.85 18.51 -20.69
CA GLU B 73 -5.03 17.36 -19.82
C GLU B 73 -6.32 17.56 -19.02
N ARG B 74 -6.61 18.82 -18.63
CA ARG B 74 -7.80 19.12 -17.83
C ARG B 74 -9.08 19.15 -18.70
N ILE B 75 -9.04 18.75 -19.96
CA ILE B 75 -10.30 18.48 -20.66
C ILE B 75 -11.05 17.40 -19.90
N CYS B 76 -10.28 16.46 -19.28
CA CYS B 76 -10.95 15.35 -18.62
C CYS B 76 -10.12 14.64 -17.54
N GLY B 77 -10.75 14.44 -16.38
CA GLY B 77 -10.12 13.84 -15.21
C GLY B 77 -10.35 12.33 -15.14
N VAL B 78 -11.29 11.84 -15.97
CA VAL B 78 -11.60 10.43 -16.08
C VAL B 78 -10.63 9.81 -17.08
N CYS B 79 -10.59 10.30 -18.32
CA CYS B 79 -9.55 9.89 -19.27
C CYS B 79 -8.30 10.74 -19.05
N THR B 80 -7.85 10.79 -17.78
CA THR B 80 -6.74 11.65 -17.42
C THR B 80 -5.44 11.16 -18.04
N GLY B 81 -4.76 12.08 -18.72
CA GLY B 81 -3.50 11.82 -19.37
C GLY B 81 -3.63 11.68 -20.89
N VAL B 82 -4.78 11.27 -21.41
CA VAL B 82 -4.85 10.95 -22.84
C VAL B 82 -4.73 12.22 -23.67
N HIS B 83 -5.25 13.34 -23.15
CA HIS B 83 -5.13 14.62 -23.85
C HIS B 83 -3.71 15.15 -23.78
N ALA B 84 -3.00 14.89 -22.66
CA ALA B 84 -1.61 15.31 -22.54
C ALA B 84 -0.80 14.57 -23.61
N LEU B 85 -1.08 13.27 -23.77
CA LEU B 85 -0.37 12.46 -24.75
C LEU B 85 -0.61 12.99 -26.16
N ALA B 86 -1.88 13.23 -26.48
CA ALA B 86 -2.22 13.75 -27.81
C ALA B 86 -1.51 15.09 -28.03
N SER B 87 -1.42 15.91 -26.97
CA SER B 87 -0.85 17.24 -27.08
C SER B 87 0.63 17.19 -27.37
N VAL B 88 1.35 16.37 -26.61
CA VAL B 88 2.78 16.28 -26.85
C VAL B 88 3.03 15.66 -28.23
N TYR B 89 2.25 14.66 -28.62
CA TYR B 89 2.31 14.15 -29.99
C TYR B 89 2.12 15.27 -30.99
N ALA B 90 1.11 16.14 -30.80
CA ALA B 90 0.78 17.17 -31.78
C ALA B 90 1.90 18.21 -31.92
N ILE B 91 2.43 18.65 -30.79
CA ILE B 91 3.48 19.66 -30.75
C ILE B 91 4.76 19.08 -31.37
N GLU B 92 5.05 17.82 -31.06
CA GLU B 92 6.25 17.18 -31.60
C GLU B 92 6.10 17.04 -33.12
N ASP B 93 4.89 16.70 -33.57
CA ASP B 93 4.60 16.56 -34.99
C ASP B 93 4.75 17.91 -35.71
N ALA B 94 4.34 18.99 -35.06
CA ALA B 94 4.45 20.32 -35.67
C ALA B 94 5.92 20.76 -35.79
N ILE B 95 6.67 20.68 -34.67
CA ILE B 95 8.04 21.18 -34.62
C ILE B 95 9.00 20.24 -35.34
N GLY B 96 8.75 18.92 -35.33
CA GLY B 96 9.63 17.91 -35.88
C GLY B 96 10.58 17.36 -34.80
N ILE B 97 10.01 16.95 -33.67
CA ILE B 97 10.76 16.40 -32.55
C ILE B 97 10.57 14.87 -32.52
N LYS B 98 11.65 14.17 -32.26
CA LYS B 98 11.65 12.72 -32.11
C LYS B 98 12.07 12.42 -30.67
N VAL B 99 11.30 11.60 -29.96
CA VAL B 99 11.59 11.30 -28.57
C VAL B 99 12.40 10.02 -28.47
N PRO B 100 13.19 9.82 -27.39
CA PRO B 100 13.89 8.56 -27.18
C PRO B 100 12.96 7.39 -26.92
N ASP B 101 13.43 6.20 -27.24
CA ASP B 101 12.64 4.99 -27.12
C ASP B 101 11.99 4.89 -25.73
N ASN B 102 12.75 5.14 -24.64
CA ASN B 102 12.16 4.91 -23.32
C ASN B 102 11.00 5.86 -23.06
N ALA B 103 11.09 7.10 -23.57
CA ALA B 103 9.97 8.03 -23.46
C ALA B 103 8.73 7.46 -24.12
N ASN B 104 8.90 6.93 -25.33
CA ASN B 104 7.77 6.34 -26.05
C ASN B 104 7.21 5.16 -25.28
N ILE B 105 8.09 4.30 -24.75
CA ILE B 105 7.64 3.14 -24.00
C ILE B 105 6.84 3.57 -22.78
N ILE B 106 7.38 4.52 -22.04
CA ILE B 106 6.71 5.01 -20.85
C ILE B 106 5.36 5.65 -21.19
N ARG B 107 5.29 6.42 -22.27
CA ARG B 107 4.03 6.98 -22.75
C ARG B 107 3.03 5.87 -23.04
N ASN B 108 3.47 4.78 -23.69
CA ASN B 108 2.61 3.63 -23.91
C ASN B 108 2.14 3.02 -22.58
N ILE B 109 3.03 2.94 -21.59
CA ILE B 109 2.67 2.47 -20.25
C ILE B 109 1.60 3.37 -19.63
N MET B 110 1.76 4.69 -19.77
CA MET B 110 0.79 5.65 -19.25
C MET B 110 -0.59 5.39 -19.87
N LEU B 111 -0.61 5.14 -21.20
CA LEU B 111 -1.86 4.99 -21.92
C LEU B 111 -2.50 3.64 -21.56
N ALA B 112 -1.71 2.54 -21.52
CA ALA B 112 -2.23 1.23 -21.13
C ALA B 112 -2.75 1.24 -19.69
N THR B 113 -2.05 1.95 -18.81
CA THR B 113 -2.50 2.05 -17.43
C THR B 113 -3.85 2.73 -17.38
N LEU B 114 -4.00 3.83 -18.13
CA LEU B 114 -5.27 4.53 -18.23
C LEU B 114 -6.36 3.60 -18.74
N TRP B 115 -6.09 2.87 -19.82
CA TRP B 115 -7.10 1.96 -20.36
C TRP B 115 -7.59 1.00 -19.28
N CYS B 116 -6.64 0.37 -18.56
CA CYS B 116 -6.99 -0.58 -17.52
C CYS B 116 -7.85 0.07 -16.43
N HIS B 117 -7.41 1.21 -15.92
CA HIS B 117 -8.09 1.89 -14.82
C HIS B 117 -9.49 2.34 -15.25
N ASP B 118 -9.52 3.10 -16.35
CA ASP B 118 -10.73 3.68 -16.85
C ASP B 118 -11.78 2.62 -17.17
N HIS B 119 -11.38 1.61 -17.92
CA HIS B 119 -12.32 0.54 -18.26
C HIS B 119 -12.83 -0.20 -17.01
N LEU B 120 -11.96 -0.44 -16.04
CA LEU B 120 -12.41 -1.10 -14.80
C LEU B 120 -13.47 -0.28 -14.06
N VAL B 121 -13.18 0.99 -13.78
CA VAL B 121 -14.12 1.89 -13.07
C VAL B 121 -15.42 2.00 -13.88
N HIS B 122 -15.33 2.10 -15.20
CA HIS B 122 -16.57 2.22 -15.99
C HIS B 122 -17.47 1.00 -15.81
N PHE B 123 -16.87 -0.19 -15.88
CA PHE B 123 -17.61 -1.43 -15.77
C PHE B 123 -18.40 -1.48 -14.47
N TYR B 124 -17.72 -1.17 -13.36
CA TYR B 124 -18.34 -1.33 -12.03
C TYR B 124 -19.09 -0.06 -11.60
N GLN B 125 -18.40 1.06 -11.50
CA GLN B 125 -18.98 2.23 -10.87
C GLN B 125 -19.93 3.00 -11.81
N LEU B 126 -19.75 2.93 -13.13
CA LEU B 126 -20.57 3.70 -14.04
C LEU B 126 -21.66 2.84 -14.64
N ALA B 127 -21.34 1.79 -15.42
CA ALA B 127 -22.35 0.95 -16.07
C ALA B 127 -22.97 -0.11 -15.15
N GLY B 128 -22.25 -0.54 -14.11
CA GLY B 128 -22.61 -1.77 -13.42
C GLY B 128 -24.03 -1.81 -12.89
N MET B 129 -24.49 -0.72 -12.27
CA MET B 129 -25.81 -0.71 -11.64
C MET B 129 -26.95 -0.73 -12.67
N ASP B 130 -26.63 -0.69 -13.97
CA ASP B 130 -27.64 -0.88 -15.01
C ASP B 130 -27.98 -2.36 -15.16
N TRP B 131 -27.08 -3.24 -14.70
CA TRP B 131 -27.15 -4.68 -14.96
C TRP B 131 -27.29 -5.48 -13.68
N ILE B 132 -26.68 -4.96 -12.58
CA ILE B 132 -26.71 -5.53 -11.25
C ILE B 132 -27.78 -4.81 -10.43
N ASP B 133 -28.78 -5.58 -9.96
CA ASP B 133 -29.80 -5.11 -9.05
C ASP B 133 -29.22 -5.20 -7.63
N VAL B 134 -28.67 -4.08 -7.15
CA VAL B 134 -27.96 -4.04 -5.87
C VAL B 134 -28.88 -4.46 -4.75
N LEU B 135 -30.11 -3.95 -4.72
CA LEU B 135 -31.00 -4.24 -3.60
C LEU B 135 -31.44 -5.72 -3.61
N ASP B 136 -31.49 -6.32 -4.81
CA ASP B 136 -31.88 -7.73 -4.95
C ASP B 136 -30.79 -8.62 -4.34
N ALA B 137 -29.55 -8.13 -4.21
CA ALA B 137 -28.49 -8.88 -3.55
C ALA B 137 -28.85 -9.22 -2.10
N LEU B 138 -29.72 -8.42 -1.48
CA LEU B 138 -30.14 -8.69 -0.10
C LEU B 138 -30.97 -9.97 0.00
N LYS B 139 -31.43 -10.52 -1.14
CA LYS B 139 -32.24 -11.72 -1.14
C LYS B 139 -31.39 -12.94 -1.46
N ALA B 140 -30.09 -12.76 -1.76
CA ALA B 140 -29.24 -13.86 -2.20
C ALA B 140 -28.91 -14.82 -1.06
N ASP B 141 -28.68 -16.09 -1.43
CA ASP B 141 -28.08 -17.09 -0.55
C ASP B 141 -26.57 -16.97 -0.66
N PRO B 142 -25.83 -16.63 0.43
CA PRO B 142 -24.38 -16.52 0.34
C PRO B 142 -23.66 -17.77 -0.16
N ARG B 143 -24.16 -18.95 0.21
CA ARG B 143 -23.54 -20.20 -0.21
C ARG B 143 -23.72 -20.40 -1.71
N LYS B 144 -24.95 -20.17 -2.21
CA LYS B 144 -25.19 -20.24 -3.64
C LYS B 144 -24.34 -19.19 -4.38
N THR B 145 -24.14 -18.02 -3.76
CA THR B 145 -23.27 -16.99 -4.33
C THR B 145 -21.85 -17.50 -4.46
N SER B 146 -21.33 -18.12 -3.40
CA SER B 146 -19.98 -18.68 -3.42
C SER B 146 -19.87 -19.71 -4.55
N GLU B 147 -20.89 -20.56 -4.67
CA GLU B 147 -20.89 -21.63 -5.67
C GLU B 147 -20.84 -21.04 -7.09
N LEU B 148 -21.61 -19.98 -7.32
CA LEU B 148 -21.61 -19.29 -8.60
C LEU B 148 -20.23 -18.73 -8.91
N ALA B 149 -19.70 -17.94 -7.97
CA ALA B 149 -18.41 -17.32 -8.19
C ALA B 149 -17.34 -18.36 -8.52
N GLN B 150 -17.31 -19.45 -7.74
CA GLN B 150 -16.33 -20.51 -7.92
C GLN B 150 -16.51 -21.26 -9.24
N SER B 151 -17.74 -21.32 -9.79
CA SER B 151 -17.94 -21.92 -11.10
C SER B 151 -17.38 -21.05 -12.22
N LEU B 152 -17.15 -19.75 -11.97
CA LEU B 152 -16.82 -18.79 -13.02
C LEU B 152 -15.35 -18.36 -12.97
N SER B 153 -14.70 -18.54 -11.81
CA SER B 153 -13.40 -17.91 -11.60
C SER B 153 -12.57 -18.62 -10.53
N SER B 154 -11.25 -18.52 -10.72
CA SER B 154 -10.28 -18.93 -9.71
C SER B 154 -10.05 -17.86 -8.66
N TRP B 155 -10.63 -16.66 -8.86
CA TRP B 155 -10.41 -15.55 -7.93
C TRP B 155 -10.49 -16.05 -6.49
N PRO B 156 -9.54 -15.68 -5.61
CA PRO B 156 -9.57 -16.24 -4.24
C PRO B 156 -10.78 -15.88 -3.41
N LYS B 157 -11.30 -14.66 -3.56
CA LYS B 157 -12.28 -14.10 -2.64
C LYS B 157 -13.70 -14.52 -3.01
N SER B 158 -14.09 -15.71 -2.55
CA SER B 158 -15.32 -16.36 -2.96
C SER B 158 -15.99 -17.09 -1.80
N SER B 159 -15.50 -16.98 -0.56
CA SER B 159 -16.02 -17.80 0.51
C SER B 159 -17.47 -17.44 0.78
N PRO B 160 -18.29 -18.41 1.27
CA PRO B 160 -19.64 -18.09 1.70
C PRO B 160 -19.65 -17.02 2.79
N GLY B 161 -18.69 -17.09 3.71
CA GLY B 161 -18.60 -16.08 4.78
C GLY B 161 -18.38 -14.66 4.24
N TYR B 162 -17.51 -14.56 3.24
CA TYR B 162 -17.27 -13.31 2.55
C TYR B 162 -18.59 -12.73 2.00
N PHE B 163 -19.31 -13.52 1.22
CA PHE B 163 -20.54 -13.04 0.63
C PHE B 163 -21.56 -12.72 1.70
N PHE B 164 -21.58 -13.48 2.80
CA PHE B 164 -22.49 -13.17 3.90
C PHE B 164 -22.10 -11.83 4.51
N ASP B 165 -20.78 -11.59 4.69
CA ASP B 165 -20.31 -10.36 5.31
C ASP B 165 -20.62 -9.16 4.40
N VAL B 166 -20.44 -9.31 3.08
CA VAL B 166 -20.80 -8.26 2.12
C VAL B 166 -22.31 -7.96 2.20
N GLN B 167 -23.12 -9.00 2.20
CA GLN B 167 -24.58 -8.85 2.24
C GLN B 167 -24.97 -8.12 3.53
N ASN B 168 -24.34 -8.49 4.66
CA ASN B 168 -24.67 -7.89 5.94
C ASN B 168 -24.27 -6.42 5.95
N ARG B 169 -23.15 -6.10 5.32
CA ARG B 169 -22.69 -4.71 5.20
C ARG B 169 -23.73 -3.87 4.43
N LEU B 170 -24.25 -4.44 3.32
CA LEU B 170 -25.28 -3.80 2.50
C LEU B 170 -26.58 -3.68 3.31
N LYS B 171 -26.95 -4.73 4.04
CA LYS B 171 -28.14 -4.72 4.89
C LYS B 171 -28.06 -3.60 5.92
N LYS B 172 -26.92 -3.47 6.61
CA LYS B 172 -26.77 -2.44 7.64
C LYS B 172 -26.78 -1.04 7.01
N PHE B 173 -26.16 -0.90 5.84
CA PHE B 173 -26.10 0.36 5.11
C PHE B 173 -27.50 0.89 4.78
N VAL B 174 -28.38 0.02 4.32
CA VAL B 174 -29.70 0.44 3.82
C VAL B 174 -30.73 0.52 4.96
N GLU B 175 -30.49 -0.22 6.04
CA GLU B 175 -31.49 -0.42 7.10
C GLU B 175 -32.04 0.89 7.66
N GLY B 176 -31.18 1.88 7.89
CA GLY B 176 -31.68 3.19 8.33
C GLY B 176 -32.40 4.06 7.28
N GLY B 177 -32.58 3.58 6.04
CA GLY B 177 -33.11 4.39 4.95
C GLY B 177 -32.08 5.27 4.23
N GLN B 178 -30.83 5.31 4.70
CA GLN B 178 -29.82 6.18 4.10
C GLN B 178 -29.17 5.42 2.95
N LEU B 179 -29.88 5.34 1.80
CA LEU B 179 -29.43 4.46 0.74
C LEU B 179 -28.32 5.07 -0.12
N GLY B 180 -28.02 6.36 0.11
CA GLY B 180 -26.95 7.04 -0.58
C GLY B 180 -27.04 6.90 -2.10
N ILE B 181 -25.99 6.38 -2.74
CA ILE B 181 -25.97 6.25 -4.19
C ILE B 181 -27.01 5.28 -4.74
N PHE B 182 -27.72 4.52 -3.90
CA PHE B 182 -28.71 3.55 -4.36
C PHE B 182 -30.12 4.13 -4.26
N ARG B 183 -30.26 5.39 -3.76
CA ARG B 183 -31.57 6.00 -3.51
C ARG B 183 -32.35 6.14 -4.82
N ASN B 184 -33.62 5.72 -4.82
CA ASN B 184 -34.53 6.00 -5.92
C ASN B 184 -34.00 5.42 -7.24
N GLY B 185 -33.29 4.28 -7.16
CA GLY B 185 -32.81 3.59 -8.35
C GLY B 185 -33.94 2.83 -9.04
N TYR B 186 -33.58 2.04 -10.07
CA TYR B 186 -34.51 1.33 -10.94
C TYR B 186 -34.74 -0.10 -10.45
N TRP B 187 -34.30 -0.40 -9.22
CA TRP B 187 -34.31 -1.75 -8.66
C TRP B 187 -35.70 -2.37 -8.84
N GLY B 188 -35.71 -3.63 -9.24
CA GLY B 188 -36.95 -4.36 -9.45
C GLY B 188 -37.47 -4.23 -10.88
N HIS B 189 -36.88 -3.34 -11.68
CA HIS B 189 -37.29 -3.17 -13.07
C HIS B 189 -37.22 -4.55 -13.75
N PRO B 190 -38.20 -4.93 -14.60
CA PRO B 190 -38.20 -6.27 -15.18
C PRO B 190 -37.00 -6.54 -16.09
N GLN B 191 -36.26 -5.53 -16.56
CA GLN B 191 -35.09 -5.82 -17.37
C GLN B 191 -33.87 -6.24 -16.51
N TYR B 192 -33.95 -6.14 -15.18
CA TYR B 192 -32.92 -6.74 -14.32
C TYR B 192 -33.12 -8.25 -14.31
N LYS B 193 -32.18 -8.99 -14.89
CA LYS B 193 -32.36 -10.41 -15.15
C LYS B 193 -31.41 -11.30 -14.34
N LEU B 194 -30.45 -10.70 -13.63
CA LEU B 194 -29.54 -11.55 -12.85
C LEU B 194 -30.31 -12.21 -11.72
N PRO B 195 -29.96 -13.47 -11.36
CA PRO B 195 -30.50 -14.07 -10.14
C PRO B 195 -29.86 -13.44 -8.91
N PRO B 196 -30.47 -13.55 -7.71
CA PRO B 196 -29.96 -12.83 -6.55
C PRO B 196 -28.49 -13.10 -6.26
N GLU B 197 -28.04 -14.32 -6.49
CA GLU B 197 -26.67 -14.73 -6.20
CA GLU B 197 -26.68 -14.72 -6.19
C GLU B 197 -25.71 -14.00 -7.14
N ALA B 198 -26.13 -13.76 -8.38
CA ALA B 198 -25.29 -13.02 -9.34
C ALA B 198 -25.24 -11.53 -8.96
N ASN B 199 -26.33 -11.00 -8.42
CA ASN B 199 -26.37 -9.63 -7.94
C ASN B 199 -25.42 -9.45 -6.73
N LEU B 200 -25.41 -10.42 -5.78
CA LEU B 200 -24.51 -10.32 -4.63
C LEU B 200 -23.04 -10.45 -5.07
N MET B 201 -22.75 -11.37 -5.99
CA MET B 201 -21.41 -11.51 -6.54
C MET B 201 -21.00 -10.19 -7.20
N GLY B 202 -21.88 -9.62 -8.03
CA GLY B 202 -21.59 -8.37 -8.73
C GLY B 202 -21.32 -7.20 -7.78
N PHE B 203 -22.16 -7.10 -6.77
CA PHE B 203 -22.04 -6.05 -5.79
C PHE B 203 -20.72 -6.18 -5.03
N ALA B 204 -20.39 -7.39 -4.61
CA ALA B 204 -19.12 -7.59 -3.92
C ALA B 204 -17.99 -7.08 -4.80
N HIS B 205 -18.04 -7.43 -6.09
CA HIS B 205 -16.97 -7.04 -7.01
C HIS B 205 -16.97 -5.54 -7.26
N TYR B 206 -18.14 -4.89 -7.23
CA TYR B 206 -18.24 -3.42 -7.27
C TYR B 206 -17.33 -2.86 -6.18
N LEU B 207 -17.47 -3.38 -4.95
CA LEU B 207 -16.70 -2.86 -3.83
C LEU B 207 -15.22 -3.18 -4.00
N GLU B 208 -14.90 -4.41 -4.40
CA GLU B 208 -13.51 -4.79 -4.65
C GLU B 208 -12.87 -3.89 -5.72
N ALA B 209 -13.61 -3.56 -6.77
CA ALA B 209 -13.04 -2.76 -7.85
C ALA B 209 -12.86 -1.32 -7.39
N LEU B 210 -13.81 -0.83 -6.58
CA LEU B 210 -13.68 0.52 -6.01
C LEU B 210 -12.39 0.62 -5.20
N ASP B 211 -12.07 -0.42 -4.44
CA ASP B 211 -10.82 -0.41 -3.68
C ASP B 211 -9.62 -0.50 -4.63
N PHE B 212 -9.66 -1.47 -5.55
CA PHE B 212 -8.47 -1.88 -6.26
C PHE B 212 -8.06 -0.82 -7.29
N GLN B 213 -9.03 -0.09 -7.84
CA GLN B 213 -8.69 0.86 -8.91
C GLN B 213 -7.63 1.86 -8.43
N ARG B 214 -7.62 2.20 -7.13
CA ARG B 214 -6.68 3.17 -6.63
C ARG B 214 -5.23 2.71 -6.85
N GLU B 215 -5.01 1.39 -6.89
CA GLU B 215 -3.64 0.88 -6.99
C GLU B 215 -3.10 1.02 -8.41
N ILE B 216 -3.96 0.86 -9.40
CA ILE B 216 -3.52 0.85 -10.79
C ILE B 216 -2.76 2.14 -11.13
N VAL B 217 -3.26 3.27 -10.63
CA VAL B 217 -2.71 4.57 -11.01
C VAL B 217 -1.40 4.88 -10.30
N LYS B 218 -0.93 4.02 -9.39
CA LYS B 218 0.42 4.18 -8.85
C LYS B 218 1.44 4.18 -9.96
N ILE B 219 1.16 3.50 -11.08
CA ILE B 219 2.09 3.53 -12.22
C ILE B 219 2.20 4.97 -12.77
N HIS B 220 1.05 5.68 -12.89
CA HIS B 220 1.08 7.09 -13.31
C HIS B 220 1.84 7.91 -12.27
N ALA B 221 1.69 7.60 -10.95
CA ALA B 221 2.41 8.38 -9.93
C ALA B 221 3.92 8.21 -10.09
N VAL B 222 4.40 7.00 -10.39
CA VAL B 222 5.85 6.81 -10.55
C VAL B 222 6.40 7.62 -11.74
N PHE B 223 5.81 7.42 -12.96
CA PHE B 223 6.33 8.04 -14.17
C PHE B 223 5.88 9.49 -14.32
N GLY B 224 4.71 9.84 -13.75
CA GLY B 224 4.01 11.10 -14.00
C GLY B 224 3.78 11.97 -12.77
N GLY B 225 4.28 11.57 -11.59
CA GLY B 225 4.17 12.38 -10.39
C GLY B 225 2.89 12.18 -9.59
N LYS B 226 1.75 12.03 -10.25
CA LYS B 226 0.47 12.00 -9.56
C LYS B 226 -0.63 11.52 -10.52
N ASN B 227 -1.72 11.05 -9.89
CA ASN B 227 -2.94 10.72 -10.63
C ASN B 227 -4.13 11.04 -9.73
N PRO B 228 -5.15 11.76 -10.22
CA PRO B 228 -5.25 12.30 -11.58
C PRO B 228 -4.26 13.38 -12.04
N HIS B 229 -4.18 13.50 -13.37
CA HIS B 229 -3.46 14.59 -14.04
C HIS B 229 -1.96 14.54 -13.84
N PRO B 230 -1.32 13.47 -14.36
CA PRO B 230 0.13 13.37 -14.33
C PRO B 230 0.81 14.41 -15.22
N ASN B 231 2.13 14.48 -15.10
CA ASN B 231 2.93 15.43 -15.84
C ASN B 231 3.66 14.72 -16.97
N TRP B 232 3.98 15.54 -17.99
CA TRP B 232 4.56 15.12 -19.26
C TRP B 232 5.50 16.24 -19.75
N ILE B 233 6.34 15.96 -20.77
CA ILE B 233 6.99 17.05 -21.47
C ILE B 233 6.95 16.82 -22.98
N VAL B 234 6.98 17.94 -23.70
CA VAL B 234 7.38 17.92 -25.10
C VAL B 234 8.83 17.50 -25.16
N GLY B 235 9.10 16.43 -25.94
CA GLY B 235 10.42 15.88 -26.07
C GLY B 235 10.59 14.54 -25.34
N GLY B 236 9.62 14.13 -24.52
CA GLY B 236 9.65 12.79 -23.93
C GLY B 236 8.86 12.71 -22.64
N MET B 237 9.58 12.38 -21.56
CA MET B 237 8.98 12.41 -20.22
C MET B 237 10.00 13.00 -19.26
N PRO B 238 9.58 13.62 -18.13
CA PRO B 238 10.53 14.23 -17.20
C PRO B 238 11.11 13.28 -16.14
N CYS B 239 10.63 12.03 -16.12
CA CYS B 239 11.01 11.04 -15.13
C CYS B 239 12.35 10.39 -15.52
N ALA B 240 13.43 11.18 -15.37
CA ALA B 240 14.79 10.73 -15.63
C ALA B 240 15.06 9.43 -14.86
N ILE B 241 15.83 8.57 -15.53
CA ILE B 241 16.18 7.23 -15.05
C ILE B 241 17.62 7.22 -14.57
N ASN B 242 17.84 6.53 -13.44
CA ASN B 242 19.17 6.30 -12.88
C ASN B 242 19.07 4.99 -12.11
N ILE B 243 19.69 3.93 -12.66
CA ILE B 243 19.66 2.61 -12.06
C ILE B 243 20.90 2.38 -11.16
N ASP B 244 22.11 2.78 -11.59
CA ASP B 244 23.34 2.22 -11.00
C ASP B 244 24.37 3.29 -10.70
N GLU B 245 23.96 4.57 -10.59
CA GLU B 245 24.87 5.67 -10.35
C GLU B 245 24.46 6.40 -9.09
N SER B 246 25.40 7.18 -8.55
CA SER B 246 25.12 8.05 -7.42
C SER B 246 23.89 8.89 -7.72
N GLY B 247 23.03 9.06 -6.73
CA GLY B 247 21.87 9.90 -6.85
C GLY B 247 20.66 9.18 -7.45
N ALA B 248 20.69 7.86 -7.57
CA ALA B 248 19.55 7.14 -8.12
C ALA B 248 18.33 7.31 -7.25
N VAL B 249 18.54 7.71 -5.99
CA VAL B 249 17.46 8.05 -5.07
C VAL B 249 16.62 9.23 -5.60
N GLY B 250 17.20 10.02 -6.51
CA GLY B 250 16.56 11.20 -7.06
C GLY B 250 15.89 10.93 -8.42
N ALA B 251 15.70 9.66 -8.83
CA ALA B 251 15.29 9.31 -10.18
C ALA B 251 14.50 8.01 -10.20
N VAL B 252 14.06 7.61 -11.38
CA VAL B 252 13.43 6.32 -11.55
C VAL B 252 14.55 5.29 -11.46
N ASN B 253 14.51 4.50 -10.39
CA ASN B 253 15.57 3.57 -10.00
C ASN B 253 14.96 2.17 -9.89
N MET B 254 15.76 1.14 -9.50
CA MET B 254 15.27 -0.23 -9.50
C MET B 254 14.08 -0.39 -8.55
N GLU B 255 14.08 0.33 -7.43
CA GLU B 255 12.99 0.21 -6.46
C GLU B 255 11.70 0.75 -7.06
N ARG B 256 11.79 1.89 -7.76
CA ARG B 256 10.63 2.48 -8.44
CA ARG B 256 10.64 2.48 -8.45
C ARG B 256 10.08 1.52 -9.50
N LEU B 257 10.97 0.91 -10.30
CA LEU B 257 10.55 -0.04 -11.31
C LEU B 257 9.93 -1.31 -10.69
N ASN B 258 10.48 -1.78 -9.57
CA ASN B 258 9.88 -2.88 -8.84
C ASN B 258 8.44 -2.56 -8.43
N LEU B 259 8.20 -1.34 -7.97
CA LEU B 259 6.85 -0.90 -7.61
C LEU B 259 5.93 -1.05 -8.83
N VAL B 260 6.35 -0.52 -9.98
CA VAL B 260 5.58 -0.61 -11.22
C VAL B 260 5.25 -2.06 -11.58
N GLN B 261 6.25 -2.94 -11.54
CA GLN B 261 6.03 -4.34 -11.85
C GLN B 261 4.98 -4.92 -10.91
N SER B 262 5.06 -4.62 -9.61
CA SER B 262 4.10 -5.19 -8.66
CA SER B 262 4.11 -5.17 -8.65
C SER B 262 2.68 -4.77 -9.02
N ILE B 263 2.51 -3.50 -9.44
CA ILE B 263 1.17 -3.02 -9.83
C ILE B 263 0.68 -3.71 -11.10
N ILE B 264 1.55 -3.91 -12.09
CA ILE B 264 1.13 -4.51 -13.33
C ILE B 264 0.53 -5.89 -13.07
N THR B 265 1.23 -6.71 -12.24
CA THR B 265 0.80 -8.08 -12.02
C THR B 265 -0.56 -8.10 -11.34
N ARG B 266 -0.72 -7.25 -10.33
CA ARG B 266 -1.98 -7.20 -9.60
C ARG B 266 -3.14 -6.74 -10.52
N THR B 267 -2.87 -5.82 -11.44
CA THR B 267 -3.83 -5.23 -12.36
C THR B 267 -4.32 -6.30 -13.32
N ALA B 268 -3.41 -7.04 -13.94
CA ALA B 268 -3.77 -8.16 -14.78
C ALA B 268 -4.63 -9.17 -14.01
N ASP B 269 -4.21 -9.54 -12.79
CA ASP B 269 -4.91 -10.55 -12.05
C ASP B 269 -6.32 -10.09 -11.74
N PHE B 270 -6.50 -8.83 -11.35
CA PHE B 270 -7.85 -8.35 -11.01
C PHE B 270 -8.75 -8.37 -12.25
N ILE B 271 -8.25 -7.84 -13.35
CA ILE B 271 -9.03 -7.74 -14.60
C ILE B 271 -9.38 -9.13 -15.10
N ASN B 272 -8.41 -10.05 -15.12
CA ASN B 272 -8.60 -11.36 -15.73
C ASN B 272 -9.51 -12.24 -14.89
N ASN B 273 -9.54 -12.09 -13.57
CA ASN B 273 -10.23 -13.04 -12.69
C ASN B 273 -11.47 -12.44 -12.01
N VAL B 274 -11.70 -11.11 -12.15
CA VAL B 274 -12.87 -10.48 -11.59
C VAL B 274 -13.69 -9.85 -12.72
N MET B 275 -13.12 -8.88 -13.45
CA MET B 275 -13.89 -8.18 -14.47
C MET B 275 -14.31 -9.08 -15.64
N ILE B 276 -13.36 -9.82 -16.22
CA ILE B 276 -13.65 -10.66 -17.35
C ILE B 276 -14.78 -11.64 -17.03
N PRO B 277 -14.73 -12.44 -15.95
CA PRO B 277 -15.84 -13.33 -15.68
C PRO B 277 -17.15 -12.61 -15.44
N ASP B 278 -17.10 -11.44 -14.77
CA ASP B 278 -18.33 -10.69 -14.54
C ASP B 278 -18.95 -10.21 -15.86
N ALA B 279 -18.12 -9.79 -16.83
CA ALA B 279 -18.60 -9.34 -18.13
C ALA B 279 -19.26 -10.51 -18.88
N LEU B 280 -18.64 -11.69 -18.83
CA LEU B 280 -19.22 -12.88 -19.46
C LEU B 280 -20.55 -13.24 -18.79
N ALA B 281 -20.63 -13.12 -17.47
CA ALA B 281 -21.86 -13.43 -16.73
C ALA B 281 -22.97 -12.46 -17.10
N ILE B 282 -22.66 -11.15 -17.19
CA ILE B 282 -23.65 -10.20 -17.67
C ILE B 282 -24.14 -10.67 -19.04
N GLY B 283 -23.20 -11.06 -19.92
CA GLY B 283 -23.60 -11.59 -21.22
C GLY B 283 -24.57 -12.79 -21.12
N GLN B 284 -24.23 -13.77 -20.25
CA GLN B 284 -25.01 -15.00 -20.16
C GLN B 284 -26.44 -14.73 -19.72
N PHE B 285 -26.64 -13.77 -18.80
CA PHE B 285 -27.96 -13.49 -18.24
C PHE B 285 -28.73 -12.41 -19.02
N ASN B 286 -28.10 -11.76 -20.01
CA ASN B 286 -28.72 -10.66 -20.75
C ASN B 286 -28.52 -10.78 -22.26
N LYS B 287 -28.61 -12.02 -22.76
CA LYS B 287 -28.37 -12.29 -24.18
C LYS B 287 -29.24 -11.45 -25.12
N PRO B 288 -30.51 -11.12 -24.81
CA PRO B 288 -31.29 -10.25 -25.70
C PRO B 288 -30.67 -8.89 -26.01
N TRP B 289 -29.76 -8.43 -25.14
CA TRP B 289 -29.10 -7.14 -25.36
C TRP B 289 -27.97 -7.25 -26.37
N SER B 290 -27.70 -8.47 -26.90
CA SER B 290 -26.88 -8.62 -28.09
C SER B 290 -27.61 -8.17 -29.37
N GLU B 291 -28.90 -7.84 -29.27
CA GLU B 291 -29.73 -7.45 -30.42
CA GLU B 291 -29.71 -7.44 -30.43
C GLU B 291 -30.32 -6.06 -30.24
N ILE B 292 -29.90 -5.34 -29.18
CA ILE B 292 -30.40 -4.02 -28.85
C ILE B 292 -29.23 -3.05 -28.92
N GLY B 293 -29.49 -1.85 -29.41
CA GLY B 293 -28.51 -0.78 -29.42
C GLY B 293 -27.40 -0.97 -30.45
N THR B 294 -27.68 -1.67 -31.55
CA THR B 294 -26.68 -1.80 -32.60
C THR B 294 -26.23 -0.43 -33.09
N GLY B 295 -27.20 0.44 -33.40
CA GLY B 295 -26.93 1.73 -34.01
C GLY B 295 -25.99 1.66 -35.20
N LEU B 296 -24.97 2.49 -35.22
CA LEU B 296 -24.04 2.56 -36.34
C LEU B 296 -22.99 1.45 -36.36
N SER B 297 -22.99 0.52 -35.37
CA SER B 297 -21.87 -0.40 -35.21
C SER B 297 -21.86 -1.45 -36.33
N ASP B 298 -22.99 -1.61 -37.06
CA ASP B 298 -23.00 -2.48 -38.23
C ASP B 298 -22.93 -1.67 -39.53
N LYS B 299 -22.59 -0.39 -39.45
CA LYS B 299 -22.61 0.49 -40.61
C LYS B 299 -21.26 1.19 -40.74
N CYS B 300 -20.89 2.00 -39.73
CA CYS B 300 -19.75 2.90 -39.84
C CYS B 300 -18.99 2.91 -38.50
N VAL B 301 -17.74 2.50 -38.52
CA VAL B 301 -16.90 2.52 -37.32
C VAL B 301 -15.52 3.06 -37.68
N LEU B 302 -14.87 3.66 -36.67
CA LEU B 302 -13.66 4.44 -36.91
C LEU B 302 -12.69 4.21 -35.75
N SER B 303 -11.43 4.01 -36.13
CA SER B 303 -10.27 4.00 -35.25
C SER B 303 -9.12 4.73 -35.91
N TYR B 304 -8.42 5.59 -35.16
CA TYR B 304 -7.16 6.17 -35.63
C TYR B 304 -5.98 5.25 -35.41
N GLY B 305 -6.08 4.33 -34.43
CA GLY B 305 -4.98 3.49 -34.00
C GLY B 305 -4.14 4.16 -32.91
N ALA B 306 -3.34 3.35 -32.22
CA ALA B 306 -2.63 3.80 -31.04
C ALA B 306 -1.52 2.82 -30.67
N PHE B 307 -0.67 3.27 -29.72
CA PHE B 307 0.40 2.50 -29.11
C PHE B 307 1.48 2.25 -30.16
N PRO B 308 2.12 3.30 -30.67
CA PRO B 308 3.23 3.11 -31.63
C PRO B 308 4.37 2.37 -30.90
N ASP B 309 4.75 1.22 -31.44
CA ASP B 309 5.76 0.39 -30.80
C ASP B 309 7.16 0.74 -31.29
N ILE B 310 7.22 1.35 -32.50
CA ILE B 310 8.45 1.89 -33.03
C ILE B 310 8.44 3.39 -32.75
N ALA B 311 9.35 3.85 -31.91
CA ALA B 311 9.27 5.21 -31.42
C ALA B 311 9.21 6.19 -32.60
N ASN B 312 8.28 7.14 -32.52
CA ASN B 312 8.12 8.23 -33.47
C ASN B 312 7.62 7.76 -34.86
N ASP B 313 7.18 6.50 -34.96
CA ASP B 313 6.58 5.93 -36.17
C ASP B 313 5.11 5.69 -35.87
N PHE B 314 4.23 6.49 -36.50
CA PHE B 314 2.81 6.37 -36.31
C PHE B 314 2.12 5.62 -37.44
N GLY B 315 2.91 4.87 -38.21
CA GLY B 315 2.45 4.05 -39.31
C GLY B 315 1.80 2.73 -38.87
N GLU B 316 1.17 2.05 -39.84
CA GLU B 316 0.46 0.80 -39.62
C GLU B 316 1.37 -0.30 -39.05
N LYS B 317 2.65 -0.34 -39.42
CA LYS B 317 3.53 -1.40 -38.94
C LYS B 317 3.94 -1.17 -37.47
N SER B 318 3.75 0.04 -36.98
CA SER B 318 4.16 0.42 -35.63
C SER B 318 3.00 0.34 -34.61
N LEU B 319 1.81 0.81 -34.98
CA LEU B 319 0.68 0.91 -34.05
C LEU B 319 0.19 -0.46 -33.61
N LEU B 320 0.23 -0.74 -32.30
CA LEU B 320 -0.19 -2.04 -31.80
C LEU B 320 -1.70 -2.16 -31.77
N MET B 321 -2.39 -1.01 -31.73
CA MET B 321 -3.84 -0.97 -31.78
C MET B 321 -4.21 -0.41 -33.15
N PRO B 322 -4.78 -1.25 -34.05
CA PRO B 322 -5.02 -0.87 -35.45
C PRO B 322 -5.96 0.34 -35.62
N GLY B 323 -5.66 1.14 -36.65
CA GLY B 323 -6.55 2.15 -37.18
C GLY B 323 -7.23 1.74 -38.48
N GLY B 324 -8.28 2.47 -38.82
CA GLY B 324 -9.06 2.20 -40.01
C GLY B 324 -10.50 2.65 -39.86
N ALA B 325 -11.19 2.72 -41.00
CA ALA B 325 -12.58 3.13 -41.06
C ALA B 325 -13.36 2.13 -41.89
N VAL B 326 -14.57 1.78 -41.44
CA VAL B 326 -15.53 1.07 -42.25
C VAL B 326 -16.75 1.95 -42.45
N ILE B 327 -17.27 2.00 -43.69
CA ILE B 327 -18.52 2.70 -43.97
C ILE B 327 -19.47 1.77 -44.76
N ASN B 328 -20.77 2.10 -44.71
CA ASN B 328 -21.84 1.42 -45.46
C ASN B 328 -21.87 -0.07 -45.12
N GLY B 329 -21.49 -0.46 -43.89
CA GLY B 329 -21.53 -1.87 -43.54
C GLY B 329 -20.55 -2.76 -44.30
N ASP B 330 -19.58 -2.17 -45.01
CA ASP B 330 -18.64 -2.96 -45.79
C ASP B 330 -17.38 -3.23 -44.96
N PHE B 331 -17.45 -4.29 -44.14
CA PHE B 331 -16.33 -4.65 -43.27
C PHE B 331 -15.22 -5.37 -44.04
N ASN B 332 -15.46 -5.70 -45.32
CA ASN B 332 -14.43 -6.29 -46.17
C ASN B 332 -13.45 -5.27 -46.74
N ASN B 333 -13.70 -3.97 -46.51
CA ASN B 333 -12.84 -2.92 -47.01
C ASN B 333 -12.60 -1.90 -45.90
N VAL B 334 -11.60 -2.22 -45.07
CA VAL B 334 -11.18 -1.30 -44.03
C VAL B 334 -10.33 -0.22 -44.70
N LEU B 335 -10.74 1.04 -44.54
CA LEU B 335 -10.16 2.13 -45.27
C LEU B 335 -9.13 2.87 -44.40
N PRO B 336 -8.06 3.41 -45.01
CA PRO B 336 -7.04 4.13 -44.27
C PRO B 336 -7.54 5.52 -43.91
N VAL B 337 -7.13 5.99 -42.71
CA VAL B 337 -7.52 7.30 -42.21
C VAL B 337 -6.33 8.25 -42.29
N ASP B 338 -6.57 9.46 -42.77
CA ASP B 338 -5.54 10.50 -42.85
CA ASP B 338 -5.53 10.49 -42.81
C ASP B 338 -6.09 11.75 -42.17
N LEU B 339 -5.49 12.17 -41.05
CA LEU B 339 -6.00 13.30 -40.28
C LEU B 339 -5.61 14.68 -40.80
N VAL B 340 -4.79 14.76 -41.87
CA VAL B 340 -4.46 16.02 -42.51
C VAL B 340 -5.42 16.26 -43.70
N ASP B 341 -5.98 15.18 -44.27
CA ASP B 341 -6.84 15.25 -45.45
C ASP B 341 -8.10 16.07 -45.13
N PRO B 342 -8.30 17.25 -45.73
CA PRO B 342 -9.45 18.09 -45.42
C PRO B 342 -10.80 17.46 -45.78
N GLN B 343 -10.82 16.41 -46.62
CA GLN B 343 -12.08 15.77 -47.04
C GLN B 343 -12.48 14.64 -46.08
N GLN B 344 -11.61 14.33 -45.10
CA GLN B 344 -11.86 13.23 -44.18
C GLN B 344 -12.59 13.74 -42.95
N VAL B 345 -11.85 14.11 -41.90
CA VAL B 345 -12.50 14.58 -40.68
C VAL B 345 -12.98 16.02 -40.86
N GLN B 346 -14.28 16.24 -40.66
CA GLN B 346 -14.86 17.58 -40.65
CA GLN B 346 -14.87 17.57 -40.66
C GLN B 346 -15.87 17.65 -39.52
N GLU B 347 -16.06 18.85 -38.97
CA GLU B 347 -17.09 19.07 -37.97
C GLU B 347 -18.10 20.09 -38.49
N PHE B 348 -19.38 19.77 -38.24
CA PHE B 348 -20.53 20.60 -38.56
C PHE B 348 -21.10 21.22 -37.29
N VAL B 349 -21.70 22.41 -37.39
CA VAL B 349 -22.33 23.05 -36.24
C VAL B 349 -23.75 23.54 -36.53
N ASP B 350 -24.37 23.08 -37.62
CA ASP B 350 -25.73 23.52 -37.94
C ASP B 350 -26.70 23.13 -36.85
N HIS B 351 -26.41 22.04 -36.11
CA HIS B 351 -27.24 21.63 -34.98
C HIS B 351 -26.52 21.80 -33.63
N ALA B 352 -25.53 22.69 -33.55
CA ALA B 352 -24.78 22.93 -32.32
C ALA B 352 -24.72 24.44 -32.03
N TRP B 353 -24.36 24.75 -30.78
CA TRP B 353 -24.34 26.12 -30.27
C TRP B 353 -23.00 26.81 -30.55
N TYR B 354 -22.70 26.94 -31.86
CA TYR B 354 -21.49 27.55 -32.38
C TYR B 354 -21.82 28.32 -33.66
N ARG B 355 -20.97 29.32 -33.99
CA ARG B 355 -21.12 30.12 -35.20
CA ARG B 355 -21.13 30.10 -35.21
C ARG B 355 -20.06 29.68 -36.22
N TYR B 356 -20.50 29.37 -37.44
CA TYR B 356 -19.62 29.29 -38.59
C TYR B 356 -20.07 30.34 -39.59
N PRO B 357 -19.21 30.84 -40.49
CA PRO B 357 -19.68 31.74 -41.56
C PRO B 357 -20.70 31.07 -42.48
N ASN B 358 -20.54 29.76 -42.72
CA ASN B 358 -21.53 28.94 -43.40
C ASN B 358 -21.71 27.63 -42.63
N ASP B 359 -22.83 27.50 -41.93
CA ASP B 359 -23.13 26.35 -41.09
C ASP B 359 -23.62 25.14 -41.90
N GLN B 360 -23.69 25.25 -43.24
CA GLN B 360 -24.03 24.11 -44.08
C GLN B 360 -22.79 23.36 -44.52
N VAL B 361 -21.59 23.78 -44.10
CA VAL B 361 -20.40 23.05 -44.53
C VAL B 361 -19.64 22.60 -43.30
N GLY B 362 -18.88 21.53 -43.47
CA GLY B 362 -18.09 20.95 -42.40
C GLY B 362 -16.66 21.48 -42.46
N ARG B 363 -16.03 21.75 -41.30
CA ARG B 363 -14.68 22.30 -41.28
CA ARG B 363 -14.68 22.28 -41.26
C ARG B 363 -13.71 21.25 -40.70
N HIS B 364 -12.64 20.96 -41.48
CA HIS B 364 -11.53 20.17 -41.01
C HIS B 364 -10.93 20.92 -39.84
N PRO B 365 -10.36 20.22 -38.80
CA PRO B 365 -9.88 20.97 -37.63
C PRO B 365 -8.82 22.03 -37.85
N PHE B 366 -7.96 21.93 -38.90
CA PHE B 366 -7.02 23.00 -39.18
C PHE B 366 -7.72 24.28 -39.66
N ASP B 367 -8.98 24.14 -40.09
CA ASP B 367 -9.84 25.25 -40.45
C ASP B 367 -10.92 25.42 -39.39
N GLY B 368 -10.72 24.88 -38.17
CA GLY B 368 -11.79 24.82 -37.19
C GLY B 368 -12.05 26.18 -36.56
N ILE B 369 -13.27 26.37 -36.08
CA ILE B 369 -13.72 27.60 -35.44
C ILE B 369 -14.50 27.18 -34.20
N THR B 370 -14.17 27.82 -33.07
CA THR B 370 -14.88 27.62 -31.81
C THR B 370 -15.37 28.97 -31.31
N ASP B 371 -16.55 29.35 -31.83
CA ASP B 371 -17.20 30.63 -31.56
C ASP B 371 -18.55 30.31 -30.94
N PRO B 372 -18.62 30.24 -29.59
CA PRO B 372 -19.82 29.75 -28.91
C PRO B 372 -21.00 30.67 -29.18
N TRP B 373 -22.15 30.04 -29.39
CA TRP B 373 -23.39 30.74 -29.67
C TRP B 373 -24.58 29.98 -29.10
N TYR B 374 -24.97 30.36 -27.88
CA TYR B 374 -26.08 29.69 -27.24
C TYR B 374 -27.37 30.19 -27.88
N ASN B 375 -27.97 29.35 -28.70
CA ASN B 375 -29.13 29.74 -29.50
C ASN B 375 -30.03 28.52 -29.67
N PRO B 376 -30.85 28.22 -28.65
CA PRO B 376 -31.69 27.04 -28.63
C PRO B 376 -33.00 27.17 -29.40
N GLY B 377 -33.32 28.41 -29.83
CA GLY B 377 -34.59 28.63 -30.53
C GLY B 377 -35.77 28.32 -29.62
N ASP B 378 -36.90 27.90 -30.21
CA ASP B 378 -38.08 27.62 -29.40
C ASP B 378 -37.91 26.25 -28.73
N VAL B 379 -37.81 26.24 -27.39
CA VAL B 379 -37.64 25.03 -26.60
C VAL B 379 -38.80 24.86 -25.60
N LYS B 380 -39.94 25.44 -25.94
CA LYS B 380 -41.14 25.29 -25.12
C LYS B 380 -40.93 25.77 -23.70
N GLY B 381 -40.16 26.83 -23.53
CA GLY B 381 -39.87 27.40 -22.25
C GLY B 381 -39.24 28.76 -22.43
N SER B 382 -37.93 28.80 -22.24
CA SER B 382 -37.17 30.02 -22.45
C SER B 382 -35.72 29.60 -22.65
N ASP B 383 -34.87 30.56 -23.02
CA ASP B 383 -33.44 30.35 -23.14
C ASP B 383 -32.87 29.75 -21.84
N THR B 384 -33.50 29.99 -20.66
CA THR B 384 -32.97 29.53 -19.38
C THR B 384 -33.86 28.43 -18.81
N ASN B 385 -34.76 27.91 -19.66
CA ASN B 385 -35.66 26.87 -19.23
C ASN B 385 -35.98 25.97 -20.42
N ILE B 386 -35.09 25.02 -20.72
CA ILE B 386 -35.33 24.12 -21.82
C ILE B 386 -36.27 23.01 -21.34
N GLN B 387 -37.53 23.05 -21.81
CA GLN B 387 -38.47 21.97 -21.57
C GLN B 387 -38.38 20.89 -22.65
N GLN B 388 -38.18 21.29 -23.91
CA GLN B 388 -37.95 20.38 -25.00
C GLN B 388 -36.95 21.01 -25.98
N LEU B 389 -35.77 20.40 -26.11
CA LEU B 389 -34.82 20.82 -27.14
C LEU B 389 -35.52 20.81 -28.49
N ASN B 390 -35.04 21.68 -29.38
CA ASN B 390 -35.52 21.75 -30.75
C ASN B 390 -34.46 21.14 -31.68
N GLU B 391 -34.60 19.83 -31.92
CA GLU B 391 -33.63 19.09 -32.69
C GLU B 391 -33.65 19.45 -34.19
N GLN B 392 -34.64 20.24 -34.65
CA GLN B 392 -34.62 20.78 -36.00
C GLN B 392 -33.64 21.93 -36.11
N GLU B 393 -33.23 22.53 -34.98
CA GLU B 393 -32.21 23.56 -35.03
C GLU B 393 -31.10 23.18 -34.05
N ARG B 394 -30.56 24.14 -33.30
CA ARG B 394 -29.31 23.89 -32.56
C ARG B 394 -29.69 23.35 -31.19
N TYR B 395 -29.06 22.23 -30.78
CA TYR B 395 -29.51 21.54 -29.57
C TYR B 395 -28.38 20.99 -28.68
N SER B 396 -27.12 21.43 -28.86
CA SER B 396 -26.02 20.81 -28.16
C SER B 396 -24.78 21.70 -28.14
N TRP B 397 -23.95 21.54 -27.09
CA TRP B 397 -22.61 22.11 -27.04
C TRP B 397 -21.59 21.19 -27.73
N ILE B 398 -22.04 20.06 -28.28
CA ILE B 398 -21.13 19.15 -28.96
C ILE B 398 -21.18 19.40 -30.47
N LYS B 399 -20.02 19.57 -31.12
CA LYS B 399 -19.93 19.66 -32.57
C LYS B 399 -20.22 18.29 -33.19
N ALA B 400 -20.51 18.28 -34.50
CA ALA B 400 -20.91 17.07 -35.20
C ALA B 400 -19.77 16.64 -36.13
N PRO B 401 -18.87 15.74 -35.69
CA PRO B 401 -17.82 15.24 -36.58
C PRO B 401 -18.38 14.18 -37.54
N ARG B 402 -17.81 14.15 -38.75
CA ARG B 402 -18.11 13.17 -39.78
C ARG B 402 -16.80 12.80 -40.45
N TRP B 403 -16.76 11.60 -41.04
CA TRP B 403 -15.58 11.12 -41.72
C TRP B 403 -15.97 10.90 -43.19
N ARG B 404 -15.42 11.69 -44.14
CA ARG B 404 -15.87 11.66 -45.53
C ARG B 404 -17.40 11.85 -45.61
N GLY B 405 -17.95 12.64 -44.68
CA GLY B 405 -19.37 12.91 -44.59
C GLY B 405 -20.20 11.83 -43.92
N ASN B 406 -19.58 10.74 -43.47
CA ASN B 406 -20.29 9.65 -42.82
C ASN B 406 -20.31 9.82 -41.30
N ALA B 407 -21.44 9.49 -40.69
CA ALA B 407 -21.52 9.48 -39.23
C ALA B 407 -20.93 8.15 -38.74
N MET B 408 -19.99 8.21 -37.76
CA MET B 408 -19.20 7.07 -37.33
C MET B 408 -19.41 6.79 -35.84
N GLU B 409 -19.28 5.52 -35.45
CA GLU B 409 -19.10 5.10 -34.07
C GLU B 409 -17.61 4.88 -33.78
N VAL B 410 -17.16 5.39 -32.62
CA VAL B 410 -15.81 5.15 -32.15
C VAL B 410 -15.87 4.40 -30.80
N GLY B 411 -14.71 3.88 -30.37
CA GLY B 411 -14.62 3.26 -29.05
C GLY B 411 -14.25 1.78 -29.13
N PRO B 412 -14.34 1.07 -27.98
CA PRO B 412 -13.86 -0.31 -27.89
C PRO B 412 -14.49 -1.22 -28.93
N LEU B 413 -15.83 -1.16 -29.12
CA LEU B 413 -16.49 -1.97 -30.16
C LEU B 413 -15.96 -1.63 -31.56
N ALA B 414 -15.91 -0.34 -31.87
CA ALA B 414 -15.35 0.11 -33.14
C ALA B 414 -13.97 -0.49 -33.35
N ARG B 415 -13.09 -0.36 -32.34
CA ARG B 415 -11.72 -0.81 -32.47
C ARG B 415 -11.69 -2.31 -32.67
N THR B 416 -12.51 -3.06 -31.92
CA THR B 416 -12.53 -4.51 -32.01
C THR B 416 -12.89 -4.92 -33.44
N LEU B 417 -13.91 -4.26 -34.00
CA LEU B 417 -14.37 -4.58 -35.35
C LEU B 417 -13.30 -4.26 -36.38
N ILE B 418 -12.62 -3.11 -36.25
CA ILE B 418 -11.55 -2.76 -37.16
C ILE B 418 -10.44 -3.82 -37.08
N ALA B 419 -9.92 -4.10 -35.89
CA ALA B 419 -8.85 -5.08 -35.70
C ALA B 419 -9.27 -6.46 -36.21
N TYR B 420 -10.49 -6.88 -35.88
CA TYR B 420 -11.04 -8.16 -36.34
C TYR B 420 -11.02 -8.25 -37.87
N HIS B 421 -11.51 -7.21 -38.55
CA HIS B 421 -11.70 -7.28 -39.99
C HIS B 421 -10.40 -6.94 -40.72
N LYS B 422 -9.39 -6.40 -40.02
CA LYS B 422 -8.04 -6.29 -40.60
C LYS B 422 -7.27 -7.60 -40.45
N GLY B 423 -7.82 -8.55 -39.69
CA GLY B 423 -7.22 -9.87 -39.52
C GLY B 423 -6.20 -9.93 -38.38
N ASP B 424 -6.32 -9.08 -37.36
CA ASP B 424 -5.45 -9.21 -36.20
C ASP B 424 -5.76 -10.54 -35.49
N ALA B 425 -4.75 -11.41 -35.37
CA ALA B 425 -4.96 -12.79 -34.97
C ALA B 425 -5.50 -12.88 -33.55
N ALA B 426 -4.87 -12.13 -32.63
CA ALA B 426 -5.26 -12.11 -31.22
C ALA B 426 -6.71 -11.67 -31.07
N THR B 427 -7.10 -10.63 -31.81
CA THR B 427 -8.47 -10.15 -31.76
C THR B 427 -9.44 -11.19 -32.35
N VAL B 428 -9.12 -11.73 -33.52
CA VAL B 428 -10.04 -12.70 -34.10
C VAL B 428 -10.26 -13.85 -33.10
N GLU B 429 -9.18 -14.38 -32.54
CA GLU B 429 -9.30 -15.52 -31.63
C GLU B 429 -10.08 -15.17 -30.37
N SER B 430 -9.83 -13.99 -29.81
CA SER B 430 -10.51 -13.54 -28.60
C SER B 430 -12.02 -13.41 -28.84
N VAL B 431 -12.39 -12.72 -29.93
CA VAL B 431 -13.78 -12.43 -30.24
C VAL B 431 -14.53 -13.74 -30.52
N ASP B 432 -13.94 -14.58 -31.37
CA ASP B 432 -14.57 -15.86 -31.73
C ASP B 432 -14.86 -16.71 -30.49
N ARG B 433 -13.87 -16.82 -29.59
CA ARG B 433 -13.98 -17.61 -28.37
C ARG B 433 -15.05 -17.02 -27.45
N MET B 434 -15.09 -15.69 -27.39
CA MET B 434 -15.99 -15.01 -26.47
C MET B 434 -17.44 -15.22 -26.92
N MET B 435 -17.70 -15.07 -28.23
CA MET B 435 -19.06 -15.21 -28.77
C MET B 435 -19.45 -16.69 -28.78
N SER B 436 -18.48 -17.60 -29.01
CA SER B 436 -18.72 -19.03 -28.87
CA SER B 436 -18.76 -19.03 -28.89
C SER B 436 -19.20 -19.37 -27.46
N ALA B 437 -18.52 -18.82 -26.44
CA ALA B 437 -18.81 -19.11 -25.04
C ALA B 437 -20.20 -18.65 -24.65
N LEU B 438 -20.71 -17.61 -25.34
CA LEU B 438 -22.04 -17.06 -25.11
C LEU B 438 -23.08 -17.74 -26.00
N ASN B 439 -22.64 -18.56 -26.97
CA ASN B 439 -23.54 -19.21 -27.90
CA ASN B 439 -23.53 -19.21 -27.91
C ASN B 439 -24.31 -18.15 -28.68
N LEU B 440 -23.57 -17.12 -29.17
CA LEU B 440 -24.10 -16.05 -29.99
C LEU B 440 -23.29 -15.94 -31.27
N PRO B 441 -23.92 -15.46 -32.36
CA PRO B 441 -23.19 -15.19 -33.60
C PRO B 441 -22.33 -13.94 -33.46
N LEU B 442 -21.36 -13.77 -34.37
CA LEU B 442 -20.46 -12.62 -34.38
C LEU B 442 -21.21 -11.30 -34.29
N SER B 443 -22.35 -11.24 -35.00
CA SER B 443 -23.16 -10.05 -35.13
C SER B 443 -23.65 -9.59 -33.75
N GLY B 444 -23.72 -10.51 -32.77
CA GLY B 444 -24.12 -10.16 -31.42
C GLY B 444 -23.18 -9.16 -30.72
N ILE B 445 -21.97 -9.01 -31.24
CA ILE B 445 -21.01 -8.03 -30.72
C ILE B 445 -21.43 -6.60 -31.08
N GLN B 446 -22.25 -6.46 -32.14
CA GLN B 446 -22.65 -5.14 -32.63
C GLN B 446 -23.94 -4.75 -31.94
N SER B 447 -23.78 -4.28 -30.69
CA SER B 447 -24.88 -4.18 -29.76
C SER B 447 -24.40 -3.44 -28.52
N THR B 448 -25.38 -3.05 -27.69
CA THR B 448 -25.13 -2.51 -26.35
C THR B 448 -24.37 -3.55 -25.52
N LEU B 449 -24.81 -4.82 -25.48
CA LEU B 449 -24.04 -5.86 -24.76
C LEU B 449 -22.62 -5.94 -25.31
N GLY B 450 -22.47 -5.92 -26.64
CA GLY B 450 -21.17 -6.02 -27.27
C GLY B 450 -20.21 -4.91 -26.84
N ARG B 451 -20.71 -3.68 -26.67
CA ARG B 451 -19.84 -2.59 -26.28
C ARG B 451 -19.19 -2.91 -24.92
N ILE B 452 -19.98 -3.48 -24.01
CA ILE B 452 -19.53 -3.83 -22.67
C ILE B 452 -18.51 -4.97 -22.75
N LEU B 453 -18.82 -6.00 -23.56
CA LEU B 453 -17.93 -7.14 -23.71
C LEU B 453 -16.57 -6.70 -24.27
N CYS B 454 -16.61 -5.83 -25.28
CA CYS B 454 -15.40 -5.38 -25.94
C CYS B 454 -14.55 -4.55 -24.98
N ARG B 455 -15.22 -3.72 -24.19
CA ARG B 455 -14.50 -2.89 -23.20
C ARG B 455 -13.72 -3.74 -22.20
N ALA B 456 -14.39 -4.77 -21.66
CA ALA B 456 -13.74 -5.70 -20.74
C ALA B 456 -12.54 -6.38 -21.40
N HIS B 457 -12.75 -6.93 -22.59
CA HIS B 457 -11.68 -7.60 -23.32
C HIS B 457 -10.51 -6.66 -23.61
N GLU B 458 -10.81 -5.37 -23.86
CA GLU B 458 -9.75 -4.40 -24.01
C GLU B 458 -8.94 -4.17 -22.73
N ALA B 459 -9.61 -4.20 -21.59
CA ALA B 459 -8.91 -4.06 -20.32
C ALA B 459 -7.89 -5.20 -20.15
N GLN B 460 -8.28 -6.40 -20.59
CA GLN B 460 -7.42 -7.57 -20.56
C GLN B 460 -6.26 -7.38 -21.52
N TRP B 461 -6.53 -6.91 -22.76
CA TRP B 461 -5.51 -6.63 -23.75
C TRP B 461 -4.48 -5.65 -23.21
N ALA B 462 -4.98 -4.55 -22.59
CA ALA B 462 -4.12 -3.50 -22.13
C ALA B 462 -3.23 -4.00 -20.98
N ALA B 463 -3.77 -4.83 -20.09
CA ALA B 463 -3.00 -5.35 -18.95
C ALA B 463 -1.85 -6.22 -19.47
N GLY B 464 -2.09 -6.97 -20.56
CA GLY B 464 -1.07 -7.73 -21.25
C GLY B 464 0.01 -6.82 -21.82
N LYS B 465 -0.41 -5.75 -22.50
CA LYS B 465 0.52 -4.82 -23.11
C LYS B 465 1.35 -4.08 -22.06
N LEU B 466 0.77 -3.77 -20.90
CA LEU B 466 1.58 -3.18 -19.83
C LEU B 466 2.85 -3.98 -19.56
N GLN B 467 2.73 -5.31 -19.42
CA GLN B 467 3.88 -6.15 -19.13
C GLN B 467 4.84 -6.11 -20.32
N TYR B 468 4.29 -6.18 -21.55
CA TYR B 468 5.14 -6.15 -22.74
C TYR B 468 5.98 -4.86 -22.74
N PHE B 469 5.32 -3.70 -22.47
CA PHE B 469 6.03 -2.43 -22.51
C PHE B 469 7.08 -2.32 -21.38
N PHE B 470 6.70 -2.77 -20.18
CA PHE B 470 7.62 -2.81 -19.05
C PHE B 470 8.88 -3.61 -19.41
N ASP B 471 8.69 -4.78 -19.99
CA ASP B 471 9.80 -5.65 -20.36
C ASP B 471 10.68 -4.95 -21.39
N LYS B 472 10.07 -4.25 -22.35
CA LYS B 472 10.79 -3.48 -23.36
CA LYS B 472 10.83 -3.50 -23.35
C LYS B 472 11.65 -2.39 -22.70
N LEU B 473 11.07 -1.68 -21.71
CA LEU B 473 11.82 -0.71 -20.96
C LEU B 473 13.03 -1.36 -20.28
N MET B 474 12.80 -2.47 -19.56
CA MET B 474 13.87 -3.11 -18.82
C MET B 474 14.97 -3.64 -19.76
N THR B 475 14.61 -4.10 -20.95
CA THR B 475 15.58 -4.52 -21.96
C THR B 475 16.48 -3.35 -22.30
N ASN B 476 15.92 -2.14 -22.50
CA ASN B 476 16.75 -1.01 -22.83
C ASN B 476 17.70 -0.68 -21.68
N LEU B 477 17.18 -0.69 -20.43
CA LEU B 477 17.99 -0.36 -19.27
C LEU B 477 19.13 -1.36 -19.10
N LYS B 478 18.89 -2.65 -19.38
CA LYS B 478 19.95 -3.65 -19.30
C LYS B 478 21.05 -3.39 -20.33
N ASN B 479 20.67 -2.78 -21.48
CA ASN B 479 21.61 -2.44 -22.55
C ASN B 479 22.21 -1.05 -22.37
N GLY B 480 21.94 -0.38 -21.24
CA GLY B 480 22.53 0.90 -20.90
C GLY B 480 21.89 2.11 -21.63
N ASN B 481 20.68 1.92 -22.16
CA ASN B 481 19.95 2.96 -22.89
C ASN B 481 18.95 3.57 -21.90
N LEU B 482 19.31 4.72 -21.33
CA LEU B 482 18.52 5.32 -20.27
C LEU B 482 17.70 6.54 -20.74
N ALA B 483 17.97 7.08 -21.93
CA ALA B 483 17.45 8.41 -22.32
C ALA B 483 15.92 8.47 -22.20
N THR B 484 15.40 9.59 -21.68
CA THR B 484 13.96 9.81 -21.53
C THR B 484 13.52 11.14 -22.17
N ALA B 485 14.45 11.99 -22.64
CA ALA B 485 14.06 13.26 -23.26
C ALA B 485 15.02 13.64 -24.36
N SER B 486 14.44 14.23 -25.41
CA SER B 486 15.17 14.92 -26.46
C SER B 486 14.95 16.41 -26.27
N THR B 487 16.05 17.19 -26.18
CA THR B 487 15.93 18.61 -25.91
C THR B 487 16.54 19.46 -27.04
N GLU B 488 16.96 18.81 -28.13
CA GLU B 488 17.52 19.54 -29.27
C GLU B 488 16.60 20.71 -29.69
N LYS B 489 15.28 20.52 -29.63
CA LYS B 489 14.33 21.55 -30.06
C LYS B 489 13.43 22.00 -28.91
N TRP B 490 13.94 22.00 -27.68
CA TRP B 490 13.24 22.56 -26.54
C TRP B 490 13.09 24.08 -26.66
N GLU B 491 14.13 24.78 -27.12
CA GLU B 491 14.14 26.24 -27.13
C GLU B 491 13.33 26.76 -28.33
N PRO B 492 12.43 27.74 -28.13
CA PRO B 492 11.62 28.26 -29.25
C PRO B 492 12.41 28.78 -30.45
N ALA B 493 13.65 29.25 -30.20
CA ALA B 493 14.50 29.76 -31.27
C ALA B 493 14.85 28.66 -32.28
N THR B 494 14.63 27.37 -31.96
CA THR B 494 14.94 26.27 -32.87
C THR B 494 13.73 25.84 -33.69
N TRP B 495 12.55 26.40 -33.40
CA TRP B 495 11.32 25.96 -34.05
C TRP B 495 11.14 26.65 -35.39
N PRO B 496 10.37 26.05 -36.30
CA PRO B 496 9.91 26.77 -37.50
C PRO B 496 9.05 27.95 -37.07
N THR B 497 9.12 29.07 -37.80
CA THR B 497 8.33 30.26 -37.52
CA THR B 497 8.34 30.24 -37.40
C THR B 497 6.85 29.94 -37.62
N GLU B 498 6.52 29.06 -38.57
CA GLU B 498 5.15 28.62 -38.75
C GLU B 498 5.15 27.12 -38.98
N CYS B 499 4.37 26.33 -38.23
CA CYS B 499 4.27 24.90 -38.48
C CYS B 499 2.95 24.42 -37.89
N ARG B 500 2.55 23.23 -38.29
CA ARG B 500 1.37 22.63 -37.72
C ARG B 500 1.57 21.13 -37.62
N GLY B 501 0.75 20.54 -36.76
CA GLY B 501 0.89 19.12 -36.47
C GLY B 501 -0.39 18.51 -35.92
N VAL B 502 -0.44 17.17 -36.01
CA VAL B 502 -1.56 16.39 -35.54
C VAL B 502 -1.01 15.39 -34.53
N GLY B 503 -1.66 15.33 -33.37
CA GLY B 503 -1.42 14.25 -32.42
C GLY B 503 -2.68 13.40 -32.31
N PHE B 504 -2.53 12.08 -32.39
CA PHE B 504 -3.68 11.20 -32.37
C PHE B 504 -3.38 9.97 -31.55
N THR B 505 -4.46 9.41 -31.00
CA THR B 505 -4.40 8.18 -30.23
C THR B 505 -5.81 7.63 -30.07
N GLU B 506 -5.88 6.47 -29.41
CA GLU B 506 -7.13 5.84 -29.04
C GLU B 506 -7.25 5.98 -27.52
N ALA B 507 -8.10 6.91 -27.11
CA ALA B 507 -8.51 7.06 -25.72
C ALA B 507 -9.41 5.90 -25.34
N PRO B 508 -9.66 5.69 -24.02
CA PRO B 508 -10.57 4.62 -23.60
C PRO B 508 -11.91 4.63 -24.36
N ARG B 509 -12.39 5.83 -24.78
CA ARG B 509 -13.70 5.94 -25.42
C ARG B 509 -13.65 5.99 -26.94
N GLY B 510 -12.45 6.08 -27.53
CA GLY B 510 -12.31 6.04 -28.98
C GLY B 510 -11.28 7.02 -29.54
N ALA B 511 -11.43 7.32 -30.84
CA ALA B 511 -10.47 8.06 -31.64
C ALA B 511 -10.38 9.51 -31.15
N LEU B 512 -9.16 9.93 -30.81
CA LEU B 512 -8.84 11.27 -30.34
C LEU B 512 -7.82 11.92 -31.26
N GLY B 513 -8.07 13.21 -31.60
CA GLY B 513 -7.11 14.01 -32.34
C GLY B 513 -7.02 15.40 -31.76
N HIS B 514 -5.79 15.92 -31.72
CA HIS B 514 -5.49 17.32 -31.46
C HIS B 514 -4.77 17.86 -32.69
N TRP B 515 -5.27 18.98 -33.19
CA TRP B 515 -4.68 19.68 -34.33
C TRP B 515 -4.14 21.03 -33.87
N ALA B 516 -2.83 21.25 -34.02
CA ALA B 516 -2.20 22.44 -33.50
C ALA B 516 -1.46 23.18 -34.60
N ALA B 517 -1.61 24.52 -34.63
CA ALA B 517 -0.82 25.38 -35.49
C ALA B 517 -0.02 26.34 -34.62
N ILE B 518 1.30 26.35 -34.84
CA ILE B 518 2.23 27.18 -34.10
C ILE B 518 2.67 28.31 -35.03
N ARG B 519 2.69 29.52 -34.49
CA ARG B 519 3.24 30.65 -35.21
CA ARG B 519 3.25 30.66 -35.21
C ARG B 519 4.01 31.53 -34.23
N ASP B 520 5.25 31.89 -34.56
CA ASP B 520 5.99 32.84 -33.76
C ASP B 520 6.07 32.36 -32.31
N GLY B 521 6.30 31.06 -32.12
CA GLY B 521 6.51 30.51 -30.78
C GLY B 521 5.27 30.35 -29.92
N LYS B 522 4.10 30.56 -30.49
CA LYS B 522 2.86 30.49 -29.70
C LYS B 522 1.81 29.69 -30.47
N ILE B 523 0.81 29.18 -29.73
CA ILE B 523 -0.30 28.47 -30.34
C ILE B 523 -1.20 29.48 -31.06
N ASP B 524 -1.33 29.28 -32.36
CA ASP B 524 -2.20 30.09 -33.20
C ASP B 524 -3.61 29.48 -33.24
N LEU B 525 -3.65 28.14 -33.27
CA LEU B 525 -4.90 27.39 -33.37
C LEU B 525 -4.69 26.06 -32.66
N TYR B 526 -5.72 25.65 -31.92
CA TYR B 526 -5.65 24.35 -31.23
C TYR B 526 -7.07 23.81 -31.26
N GLN B 527 -7.31 22.80 -32.08
CA GLN B 527 -8.63 22.19 -32.23
C GLN B 527 -8.60 20.71 -31.84
N CYS B 528 -9.55 20.32 -30.99
CA CYS B 528 -9.72 18.96 -30.51
C CYS B 528 -11.00 18.37 -31.09
N VAL B 529 -10.91 17.13 -31.52
CA VAL B 529 -12.06 16.30 -31.80
C VAL B 529 -11.86 15.02 -30.98
N VAL B 530 -12.81 14.78 -30.07
CA VAL B 530 -12.62 13.79 -29.01
C VAL B 530 -13.62 12.66 -29.21
N PRO B 531 -13.37 11.44 -28.70
CA PRO B 531 -14.25 10.33 -29.02
C PRO B 531 -15.72 10.57 -28.73
N THR B 532 -16.06 11.13 -27.57
CA THR B 532 -17.47 11.35 -27.26
C THR B 532 -18.04 12.47 -28.14
N THR B 533 -17.19 13.35 -28.73
CA THR B 533 -17.67 14.27 -29.73
C THR B 533 -18.30 13.49 -30.88
N TRP B 534 -17.61 12.45 -31.36
CA TRP B 534 -18.14 11.58 -32.40
C TRP B 534 -19.42 10.96 -31.90
N ASN B 535 -19.35 10.23 -30.79
CA ASN B 535 -20.44 9.34 -30.45
C ASN B 535 -21.71 10.14 -30.06
N ALA B 536 -21.55 11.25 -29.33
CA ALA B 536 -22.66 12.01 -28.79
C ALA B 536 -23.10 13.13 -29.75
N SER B 537 -22.52 13.12 -30.96
CA SER B 537 -22.73 14.12 -32.02
C SER B 537 -24.20 14.41 -32.21
N PRO B 538 -24.56 15.70 -32.45
CA PRO B 538 -25.88 16.03 -33.00
C PRO B 538 -25.88 15.78 -34.50
N ARG B 539 -26.99 16.18 -35.13
CA ARG B 539 -27.18 15.94 -36.55
C ARG B 539 -26.37 16.90 -37.41
N ASP B 540 -26.31 16.59 -38.71
CA ASP B 540 -25.59 17.38 -39.70
C ASP B 540 -26.59 17.98 -40.72
N PRO B 541 -26.12 18.71 -41.75
CA PRO B 541 -27.05 19.36 -42.70
C PRO B 541 -27.89 18.36 -43.49
N LYS B 542 -27.43 17.12 -43.61
CA LYS B 542 -28.20 16.06 -44.27
C LYS B 542 -29.15 15.35 -43.32
N GLY B 543 -29.21 15.77 -42.04
CA GLY B 543 -30.05 15.12 -41.06
C GLY B 543 -29.50 13.79 -40.53
N GLN B 544 -28.24 13.45 -40.87
CA GLN B 544 -27.65 12.20 -40.42
C GLN B 544 -27.45 12.27 -38.90
N ILE B 545 -27.78 11.15 -38.26
CA ILE B 545 -27.72 11.02 -36.79
C ILE B 545 -26.40 10.35 -36.40
N GLY B 546 -25.93 10.74 -35.20
CA GLY B 546 -24.72 10.18 -34.63
C GLY B 546 -24.97 8.86 -33.90
N ALA B 547 -23.88 8.31 -33.32
CA ALA B 547 -23.85 6.95 -32.79
C ALA B 547 -24.86 6.76 -31.66
N TYR B 548 -24.93 7.71 -30.70
CA TYR B 548 -25.86 7.63 -29.59
C TYR B 548 -27.32 7.63 -30.08
N GLU B 549 -27.67 8.62 -30.90
CA GLU B 549 -29.04 8.73 -31.39
C GLU B 549 -29.43 7.45 -32.13
N ALA B 550 -28.52 6.94 -32.99
CA ALA B 550 -28.80 5.76 -33.75
C ALA B 550 -28.98 4.54 -32.86
N ALA B 551 -28.11 4.39 -31.84
CA ALA B 551 -28.16 3.22 -30.98
C ALA B 551 -29.45 3.21 -30.14
N LEU B 552 -30.00 4.40 -29.85
CA LEU B 552 -31.23 4.51 -29.07
C LEU B 552 -32.47 4.23 -29.95
N MET B 553 -32.36 4.51 -31.25
CA MET B 553 -33.47 4.33 -32.16
C MET B 553 -33.94 2.88 -32.05
N ASN B 554 -35.27 2.69 -32.12
CA ASN B 554 -35.92 1.40 -32.30
C ASN B 554 -35.93 0.60 -31.00
N THR B 555 -35.60 1.23 -29.86
CA THR B 555 -35.47 0.53 -28.59
C THR B 555 -36.79 0.48 -27.80
N LYS B 556 -37.20 -0.70 -27.39
CA LYS B 556 -38.36 -0.86 -26.53
C LYS B 556 -38.08 -0.40 -25.10
N MET B 557 -39.06 0.29 -24.48
CA MET B 557 -39.00 0.64 -23.07
C MET B 557 -40.13 -0.10 -22.35
N ALA B 558 -39.83 -0.79 -21.24
CA ALA B 558 -40.84 -1.48 -20.46
C ALA B 558 -41.71 -0.48 -19.71
N ILE B 559 -41.06 0.54 -19.15
CA ILE B 559 -41.69 1.52 -18.30
C ILE B 559 -41.16 2.88 -18.72
N PRO B 560 -41.90 3.66 -19.55
CA PRO B 560 -41.38 4.92 -20.08
C PRO B 560 -40.79 5.89 -19.05
N GLU B 561 -41.40 5.98 -17.87
CA GLU B 561 -40.97 6.90 -16.84
C GLU B 561 -39.64 6.48 -16.19
N GLN B 562 -39.23 5.21 -16.35
CA GLN B 562 -37.98 4.71 -15.78
C GLN B 562 -37.01 4.38 -16.90
N PRO B 563 -36.08 5.27 -17.26
CA PRO B 563 -35.35 5.10 -18.51
C PRO B 563 -34.20 4.10 -18.46
N LEU B 564 -34.42 2.91 -17.91
CA LEU B 564 -33.30 1.99 -17.73
C LEU B 564 -32.70 1.60 -19.07
N GLU B 565 -33.52 1.36 -20.12
CA GLU B 565 -32.98 0.97 -21.41
C GLU B 565 -32.12 2.05 -22.05
N ILE B 566 -32.54 3.30 -21.88
CA ILE B 566 -31.78 4.43 -22.40
C ILE B 566 -30.41 4.49 -21.69
N LEU B 567 -30.45 4.45 -20.37
CA LEU B 567 -29.21 4.43 -19.57
C LEU B 567 -28.29 3.29 -19.99
N ARG B 568 -28.84 2.10 -20.21
CA ARG B 568 -28.03 0.96 -20.55
C ARG B 568 -27.25 1.24 -21.82
N THR B 569 -27.95 1.67 -22.86
CA THR B 569 -27.29 1.91 -24.13
C THR B 569 -26.32 3.08 -24.01
N LEU B 570 -26.75 4.22 -23.45
CA LEU B 570 -25.83 5.34 -23.36
C LEU B 570 -24.59 4.95 -22.55
N HIS B 571 -24.78 4.33 -21.38
CA HIS B 571 -23.64 3.96 -20.54
C HIS B 571 -22.72 2.99 -21.29
N SER B 572 -23.25 2.14 -22.20
CA SER B 572 -22.42 1.18 -22.91
C SER B 572 -21.35 1.86 -23.76
N PHE B 573 -21.58 3.12 -24.13
CA PHE B 573 -20.60 3.88 -24.90
C PHE B 573 -19.61 4.62 -23.99
N ASP B 574 -19.83 4.56 -22.67
CA ASP B 574 -18.98 5.23 -21.70
C ASP B 574 -18.88 6.74 -21.97
N PRO B 575 -20.00 7.50 -21.93
CA PRO B 575 -19.97 8.92 -22.31
C PRO B 575 -19.04 9.75 -21.44
N CYS B 576 -18.22 10.57 -22.09
CA CYS B 576 -17.39 11.54 -21.39
C CYS B 576 -17.75 12.93 -21.94
N LEU B 577 -18.60 13.65 -21.21
CA LEU B 577 -19.18 14.87 -21.77
C LEU B 577 -18.22 16.05 -21.73
N ALA B 578 -17.37 16.13 -20.71
CA ALA B 578 -16.36 17.19 -20.63
C ALA B 578 -15.38 17.01 -21.79
N CYS B 579 -15.01 15.75 -22.11
CA CYS B 579 -14.25 15.45 -23.31
C CYS B 579 -14.99 15.97 -24.54
N SER B 580 -16.28 15.64 -24.66
CA SER B 580 -16.99 15.81 -25.90
C SER B 580 -17.03 17.28 -26.29
N THR B 581 -17.07 18.17 -25.29
CA THR B 581 -17.30 19.59 -25.44
C THR B 581 -16.02 20.43 -25.29
N HIS B 582 -15.15 20.06 -24.31
CA HIS B 582 -13.88 20.73 -24.09
C HIS B 582 -14.05 22.25 -24.14
N LYS C 4 13.60 -22.44 -15.36
CA LYS C 4 15.06 -22.12 -15.40
C LYS C 4 15.56 -22.01 -13.95
N PRO C 5 16.75 -22.51 -13.57
CA PRO C 5 17.18 -22.50 -12.16
C PRO C 5 17.30 -21.08 -11.62
N ARG C 6 17.09 -20.93 -10.31
CA ARG C 6 17.23 -19.65 -9.63
C ARG C 6 18.60 -19.57 -8.95
N ILE C 7 19.15 -18.37 -8.82
CA ILE C 7 20.50 -18.15 -8.30
C ILE C 7 20.57 -18.57 -6.83
N PRO C 8 21.49 -19.49 -6.49
CA PRO C 8 21.61 -19.94 -5.11
C PRO C 8 22.09 -18.82 -4.18
N VAL C 9 21.41 -18.70 -3.03
CA VAL C 9 21.83 -17.78 -1.99
C VAL C 9 21.96 -18.52 -0.66
N VAL C 10 23.08 -18.33 -0.01
CA VAL C 10 23.38 -18.87 1.31
C VAL C 10 23.39 -17.69 2.26
N TRP C 11 22.50 -17.71 3.27
CA TRP C 11 22.35 -16.59 4.20
C TRP C 11 22.76 -17.06 5.59
N ILE C 12 23.91 -16.61 6.05
CA ILE C 12 24.42 -16.99 7.38
C ILE C 12 24.29 -15.83 8.37
N HIS C 13 24.42 -16.19 9.67
CA HIS C 13 24.14 -15.33 10.78
C HIS C 13 25.24 -15.44 11.84
N GLY C 14 25.93 -14.32 12.13
CA GLY C 14 26.88 -14.23 13.21
C GLY C 14 26.25 -13.61 14.45
N LEU C 15 27.04 -12.83 15.19
CA LEU C 15 26.48 -12.00 16.25
C LEU C 15 25.58 -10.96 15.59
N GLU C 16 24.33 -10.88 16.06
CA GLU C 16 23.26 -10.23 15.33
CA GLU C 16 23.28 -10.19 15.34
C GLU C 16 22.11 -9.95 16.29
N CYS C 17 21.14 -9.11 15.85
CA CYS C 17 19.82 -9.03 16.48
C CYS C 17 18.72 -9.55 15.54
N THR C 18 19.06 -9.91 14.28
CA THR C 18 18.12 -10.41 13.28
C THR C 18 17.25 -9.29 12.68
N CYS C 19 17.62 -8.03 12.89
CA CYS C 19 16.94 -6.88 12.27
C CYS C 19 17.02 -6.91 10.75
N CYS C 20 18.10 -7.49 10.19
CA CYS C 20 18.35 -7.44 8.76
C CYS C 20 17.45 -8.46 8.06
N THR C 21 17.32 -9.68 8.62
CA THR C 21 16.33 -10.65 8.14
C THR C 21 14.91 -10.05 8.22
N GLU C 22 14.61 -9.38 9.34
CA GLU C 22 13.29 -8.82 9.55
C GLU C 22 13.00 -7.74 8.51
N SER C 23 14.00 -6.91 8.23
CA SER C 23 13.83 -5.86 7.24
C SER C 23 13.53 -6.51 5.90
N PHE C 24 14.31 -7.52 5.54
CA PHE C 24 14.15 -8.14 4.24
C PHE C 24 12.73 -8.62 4.03
N ILE C 25 12.12 -9.27 5.04
CA ILE C 25 10.79 -9.83 4.86
C ILE C 25 9.70 -8.76 4.80
N ARG C 26 10.03 -7.50 5.15
CA ARG C 26 9.12 -6.37 4.98
C ARG C 26 8.95 -5.93 3.53
N SER C 27 9.79 -6.41 2.62
CA SER C 27 9.83 -5.89 1.26
C SER C 27 8.42 -5.81 0.68
N ALA C 28 8.08 -4.68 0.10
CA ALA C 28 6.76 -4.45 -0.50
C ALA C 28 6.75 -4.79 -1.99
N HIS C 29 7.91 -4.66 -2.67
CA HIS C 29 7.94 -4.81 -4.11
C HIS C 29 9.39 -5.06 -4.52
N PRO C 30 9.78 -6.30 -4.85
CA PRO C 30 8.94 -7.49 -4.83
C PRO C 30 8.65 -7.93 -3.40
N LEU C 31 7.51 -8.59 -3.19
CA LEU C 31 7.28 -9.22 -1.89
C LEU C 31 8.38 -10.24 -1.60
N ALA C 32 8.78 -10.38 -0.33
CA ALA C 32 9.76 -11.38 0.06
C ALA C 32 9.34 -12.78 -0.38
N LYS C 33 8.05 -13.07 -0.29
CA LYS C 33 7.45 -14.30 -0.79
C LYS C 33 7.89 -14.56 -2.22
N ASP C 34 7.75 -13.57 -3.11
CA ASP C 34 8.09 -13.72 -4.51
C ASP C 34 9.60 -13.77 -4.72
N VAL C 35 10.38 -13.08 -3.89
CA VAL C 35 11.83 -13.17 -3.97
C VAL C 35 12.23 -14.64 -3.75
N ILE C 36 11.71 -15.21 -2.67
CA ILE C 36 12.04 -16.57 -2.25
C ILE C 36 11.53 -17.59 -3.26
N LEU C 37 10.30 -17.47 -3.73
CA LEU C 37 9.72 -18.48 -4.61
C LEU C 37 10.26 -18.36 -6.04
N SER C 38 10.51 -17.13 -6.53
CA SER C 38 10.72 -16.91 -7.97
C SER C 38 12.02 -16.26 -8.39
N LEU C 39 12.68 -15.48 -7.54
CA LEU C 39 13.80 -14.68 -8.00
CA LEU C 39 13.80 -14.66 -7.95
C LEU C 39 15.14 -15.31 -7.63
N ILE C 40 15.23 -15.90 -6.41
CA ILE C 40 16.44 -16.56 -5.93
C ILE C 40 16.08 -17.96 -5.43
N SER C 41 17.12 -18.74 -5.13
CA SER C 41 16.94 -19.96 -4.35
C SER C 41 17.61 -19.76 -3.00
N LEU C 42 16.80 -19.47 -1.97
CA LEU C 42 17.32 -19.18 -0.65
C LEU C 42 17.61 -20.52 0.03
N ASP C 43 18.85 -20.94 -0.10
CA ASP C 43 19.22 -22.35 0.07
C ASP C 43 19.64 -22.67 1.51
N TYR C 44 19.93 -21.65 2.31
CA TYR C 44 20.32 -21.80 3.69
C TYR C 44 20.00 -20.50 4.39
N ASP C 45 19.34 -20.59 5.54
CA ASP C 45 18.98 -19.40 6.30
C ASP C 45 18.41 -19.88 7.62
N ASP C 46 19.21 -19.78 8.69
CA ASP C 46 18.84 -20.30 10.01
C ASP C 46 17.46 -19.85 10.44
N THR C 47 17.07 -18.60 10.17
CA THR C 47 15.85 -18.05 10.77
C THR C 47 14.59 -18.68 10.17
N LEU C 48 14.66 -19.18 8.93
CA LEU C 48 13.47 -19.57 8.16
C LEU C 48 13.44 -21.06 7.78
N MET C 49 14.60 -21.73 7.81
CA MET C 49 14.68 -23.07 7.20
C MET C 49 14.02 -24.14 8.10
N ALA C 50 13.44 -25.16 7.46
CA ALA C 50 12.79 -26.28 8.14
C ALA C 50 13.79 -27.10 8.95
N ALA C 51 14.89 -27.45 8.29
CA ALA C 51 15.89 -28.34 8.87
C ALA C 51 16.59 -27.67 10.05
N ALA C 52 16.94 -28.45 11.10
CA ALA C 52 17.79 -27.99 12.19
C ALA C 52 18.97 -28.97 12.38
N GLY C 53 19.96 -28.58 13.20
CA GLY C 53 20.95 -29.54 13.67
C GLY C 53 21.69 -30.23 12.52
N THR C 54 21.77 -31.57 12.56
CA THR C 54 22.54 -32.30 11.57
C THR C 54 21.92 -32.16 10.17
N GLN C 55 20.59 -32.05 10.08
CA GLN C 55 19.90 -31.85 8.81
C GLN C 55 20.27 -30.47 8.22
N ALA C 56 20.38 -29.45 9.07
CA ALA C 56 20.80 -28.12 8.62
C ALA C 56 22.25 -28.13 8.16
N GLU C 57 23.12 -28.86 8.89
CA GLU C 57 24.51 -28.97 8.52
C GLU C 57 24.66 -29.63 7.14
N GLU C 58 23.83 -30.65 6.89
CA GLU C 58 23.83 -31.37 5.61
C GLU C 58 23.41 -30.42 4.49
N VAL C 59 22.41 -29.58 4.75
CA VAL C 59 22.02 -28.57 3.75
C VAL C 59 23.20 -27.67 3.44
N PHE C 60 23.82 -27.09 4.47
CA PHE C 60 24.94 -26.19 4.31
C PHE C 60 26.04 -26.81 3.45
N GLU C 61 26.49 -28.01 3.85
CA GLU C 61 27.52 -28.75 3.13
C GLU C 61 27.11 -29.03 1.69
N ASP C 62 25.90 -29.54 1.47
CA ASP C 62 25.46 -29.97 0.15
C ASP C 62 25.42 -28.74 -0.78
N ILE C 63 24.86 -27.63 -0.29
CA ILE C 63 24.71 -26.45 -1.14
C ILE C 63 26.07 -25.87 -1.51
N ILE C 64 26.96 -25.65 -0.52
CA ILE C 64 28.22 -24.96 -0.82
C ILE C 64 29.11 -25.87 -1.66
N THR C 65 28.91 -27.21 -1.59
CA THR C 65 29.63 -28.13 -2.46
C THR C 65 29.06 -28.19 -3.87
N GLN C 66 27.76 -28.48 -4.01
CA GLN C 66 27.11 -28.62 -5.32
C GLN C 66 27.20 -27.30 -6.11
N TYR C 67 27.13 -26.13 -5.43
CA TYR C 67 27.06 -24.83 -6.09
C TYR C 67 28.32 -24.03 -5.81
N ASN C 68 29.43 -24.72 -5.50
CA ASN C 68 30.70 -24.07 -5.26
C ASN C 68 31.02 -23.12 -6.41
N GLY C 69 31.44 -21.89 -6.06
CA GLY C 69 31.73 -20.82 -7.01
C GLY C 69 30.51 -20.12 -7.59
N LYS C 70 29.28 -20.56 -7.26
CA LYS C 70 28.08 -20.13 -7.98
C LYS C 70 26.99 -19.54 -7.07
N TYR C 71 27.20 -19.53 -5.75
CA TYR C 71 26.22 -18.94 -4.86
C TYR C 71 26.67 -17.57 -4.40
N ILE C 72 25.66 -16.74 -4.13
CA ILE C 72 25.82 -15.50 -3.38
C ILE C 72 25.78 -15.85 -1.91
N LEU C 73 26.76 -15.37 -1.17
CA LEU C 73 26.74 -15.44 0.29
C LEU C 73 26.21 -14.13 0.85
N ALA C 74 25.12 -14.20 1.60
CA ALA C 74 24.61 -13.07 2.37
C ALA C 74 25.01 -13.30 3.83
N VAL C 75 25.58 -12.27 4.45
CA VAL C 75 26.00 -12.32 5.83
C VAL C 75 25.25 -11.29 6.65
N GLU C 76 24.57 -11.79 7.68
CA GLU C 76 23.93 -10.96 8.68
C GLU C 76 24.73 -11.14 9.98
N GLY C 77 24.98 -10.06 10.70
CA GLY C 77 25.80 -10.18 11.90
C GLY C 77 27.28 -10.23 11.57
N ASN C 78 28.10 -10.54 12.58
CA ASN C 78 29.54 -10.49 12.41
C ASN C 78 30.23 -11.51 13.33
N PRO C 79 31.48 -11.87 13.02
CA PRO C 79 32.25 -12.76 13.90
C PRO C 79 32.94 -12.01 15.05
N PRO C 80 32.89 -12.57 16.28
CA PRO C 80 33.69 -12.10 17.40
C PRO C 80 35.04 -12.80 17.45
N LEU C 81 36.13 -12.03 17.62
CA LEU C 81 37.45 -12.65 17.71
C LEU C 81 37.80 -13.02 19.15
N GLY C 82 37.09 -12.48 20.13
CA GLY C 82 37.37 -12.80 21.52
C GLY C 82 37.03 -14.25 21.87
N GLU C 83 37.66 -14.73 22.96
CA GLU C 83 37.41 -16.08 23.49
C GLU C 83 37.51 -17.12 22.37
N GLN C 84 38.53 -16.99 21.51
CA GLN C 84 38.77 -17.90 20.41
C GLN C 84 37.56 -18.06 19.47
N GLY C 85 36.73 -17.01 19.39
CA GLY C 85 35.55 -17.01 18.54
C GLY C 85 34.32 -17.63 19.19
N MET C 86 34.42 -18.07 20.47
CA MET C 86 33.35 -18.84 21.05
C MET C 86 32.32 -17.95 21.71
N PHE C 87 32.41 -16.62 21.49
CA PHE C 87 31.28 -15.74 21.73
C PHE C 87 30.16 -15.97 20.71
N CYS C 88 30.41 -16.69 19.63
CA CYS C 88 29.37 -17.07 18.69
C CYS C 88 29.68 -18.46 18.15
N ILE C 89 28.89 -19.43 18.62
CA ILE C 89 29.17 -20.85 18.44
C ILE C 89 28.14 -21.42 17.46
N SER C 90 28.61 -22.15 16.46
CA SER C 90 27.73 -22.87 15.56
C SER C 90 28.27 -24.30 15.37
N SER C 91 27.42 -25.28 15.58
CA SER C 91 27.79 -26.69 15.52
C SER C 91 29.03 -26.94 16.39
N GLY C 92 29.06 -26.32 17.57
CA GLY C 92 30.08 -26.55 18.59
C GLY C 92 31.44 -25.92 18.26
N ARG C 93 31.52 -25.14 17.17
CA ARG C 93 32.75 -24.49 16.75
C ARG C 93 32.56 -22.98 16.57
N PRO C 94 33.63 -22.19 16.51
CA PRO C 94 33.47 -20.74 16.28
C PRO C 94 32.69 -20.48 14.98
N PHE C 95 31.75 -19.52 15.04
CA PHE C 95 31.05 -19.06 13.85
C PHE C 95 32.01 -18.74 12.69
N ILE C 96 33.15 -18.13 12.99
CA ILE C 96 34.07 -17.63 11.98
C ILE C 96 34.46 -18.76 11.02
N GLU C 97 34.51 -20.02 11.50
CA GLU C 97 34.87 -21.13 10.62
C GLU C 97 33.80 -21.32 9.54
N LYS C 98 32.51 -21.20 9.88
CA LYS C 98 31.45 -21.29 8.90
C LYS C 98 31.51 -20.09 7.95
N LEU C 99 31.79 -18.88 8.47
CA LEU C 99 31.93 -17.70 7.61
C LEU C 99 33.02 -17.95 6.57
N LYS C 100 34.17 -18.46 7.02
CA LYS C 100 35.30 -18.63 6.12
C LYS C 100 34.95 -19.70 5.07
N ARG C 101 34.34 -20.82 5.50
CA ARG C 101 34.01 -21.90 4.57
C ARG C 101 32.98 -21.40 3.54
N ALA C 102 31.96 -20.68 4.02
CA ALA C 102 30.93 -20.12 3.12
C ALA C 102 31.53 -19.11 2.14
N ALA C 103 32.42 -18.25 2.63
CA ALA C 103 33.03 -17.22 1.82
C ALA C 103 33.86 -17.86 0.70
N ALA C 104 34.58 -18.96 1.01
CA ALA C 104 35.52 -19.52 0.04
C ALA C 104 34.83 -19.95 -1.25
N GLY C 105 33.61 -20.50 -1.12
CA GLY C 105 32.84 -20.95 -2.28
C GLY C 105 31.96 -19.88 -2.96
N ALA C 106 31.87 -18.68 -2.42
CA ALA C 106 30.90 -17.70 -2.90
C ALA C 106 31.39 -17.00 -4.16
N SER C 107 30.49 -16.66 -5.09
CA SER C 107 30.83 -15.78 -6.21
C SER C 107 30.95 -14.34 -5.72
N ALA C 108 30.09 -13.98 -4.77
CA ALA C 108 30.10 -12.64 -4.21
C ALA C 108 29.41 -12.68 -2.86
N ILE C 109 29.70 -11.68 -2.03
CA ILE C 109 29.21 -11.59 -0.66
C ILE C 109 28.47 -10.26 -0.49
N ILE C 110 27.27 -10.32 0.09
CA ILE C 110 26.51 -9.18 0.53
C ILE C 110 26.66 -9.10 2.05
N ALA C 111 27.22 -7.98 2.55
CA ALA C 111 27.26 -7.71 3.97
C ALA C 111 26.01 -6.91 4.30
N TRP C 112 24.97 -7.57 4.77
CA TRP C 112 23.76 -6.89 5.16
C TRP C 112 24.00 -6.10 6.45
N GLY C 113 23.55 -4.85 6.47
CA GLY C 113 23.43 -4.13 7.71
C GLY C 113 24.75 -3.56 8.19
N THR C 114 24.64 -2.71 9.19
CA THR C 114 25.81 -2.16 9.86
C THR C 114 26.61 -3.25 10.57
N CYS C 115 25.97 -4.31 11.07
CA CYS C 115 26.72 -5.43 11.67
C CYS C 115 27.79 -5.96 10.71
N ALA C 116 27.37 -6.46 9.54
CA ALA C 116 28.28 -7.15 8.66
C ALA C 116 29.22 -6.15 8.00
N SER C 117 28.72 -4.93 7.76
CA SER C 117 29.49 -3.89 7.11
C SER C 117 30.59 -3.33 7.99
N TRP C 118 30.23 -2.96 9.24
CA TRP C 118 31.07 -2.13 10.09
C TRP C 118 31.31 -2.70 11.51
N GLY C 119 30.29 -3.34 12.11
CA GLY C 119 30.39 -3.84 13.46
C GLY C 119 29.09 -3.68 14.25
N CYS C 120 28.46 -2.49 14.12
CA CYS C 120 27.21 -2.13 14.77
C CYS C 120 27.33 -2.29 16.29
N VAL C 121 26.23 -2.57 17.00
CA VAL C 121 26.12 -2.21 18.39
C VAL C 121 27.12 -3.02 19.24
N GLN C 122 27.36 -4.28 18.90
CA GLN C 122 28.28 -5.11 19.68
C GLN C 122 29.72 -4.60 19.53
N ALA C 123 30.04 -3.85 18.48
CA ALA C 123 31.39 -3.33 18.28
C ALA C 123 31.56 -1.93 18.90
N ALA C 124 30.50 -1.39 19.48
CA ALA C 124 30.59 -0.11 20.18
C ALA C 124 31.43 -0.29 21.45
N ARG C 125 32.05 0.82 21.89
CA ARG C 125 32.96 0.77 23.03
C ARG C 125 32.28 0.07 24.21
N PRO C 126 32.95 -0.86 24.93
CA PRO C 126 34.33 -1.27 24.69
C PRO C 126 34.52 -2.53 23.85
N ASN C 127 33.53 -2.89 23.03
CA ASN C 127 33.55 -4.05 22.15
C ASN C 127 34.02 -5.30 22.92
N PRO C 128 33.22 -5.76 23.88
CA PRO C 128 33.58 -6.89 24.73
C PRO C 128 33.99 -8.16 23.98
N THR C 129 33.38 -8.45 22.83
CA THR C 129 33.60 -9.70 22.12
C THR C 129 34.63 -9.59 20.99
N GLN C 130 35.16 -8.39 20.76
CA GLN C 130 35.98 -8.08 19.58
C GLN C 130 35.20 -8.46 18.32
N ALA C 131 33.94 -8.02 18.24
CA ALA C 131 33.09 -8.15 17.04
C ALA C 131 33.74 -7.35 15.89
N THR C 132 33.86 -7.98 14.72
CA THR C 132 34.73 -7.57 13.62
C THR C 132 33.93 -7.64 12.31
N PRO C 133 33.89 -6.57 11.48
CA PRO C 133 33.12 -6.59 10.23
C PRO C 133 33.72 -7.59 9.25
N ILE C 134 32.88 -8.09 8.32
CA ILE C 134 33.23 -9.20 7.42
C ILE C 134 34.48 -8.88 6.60
N ASP C 135 34.64 -7.65 6.11
CA ASP C 135 35.73 -7.33 5.19
C ASP C 135 37.09 -7.27 5.89
N LYS C 136 37.11 -7.27 7.23
CA LYS C 136 38.35 -7.42 7.99
C LYS C 136 38.73 -8.88 8.21
N VAL C 137 37.85 -9.83 7.88
CA VAL C 137 38.12 -11.26 7.99
C VAL C 137 38.27 -11.88 6.61
N ILE C 138 37.34 -11.59 5.70
CA ILE C 138 37.37 -12.06 4.32
C ILE C 138 37.98 -10.97 3.46
N THR C 139 39.18 -11.23 2.92
CA THR C 139 39.95 -10.23 2.18
C THR C 139 40.15 -10.60 0.72
N ASP C 140 39.59 -11.73 0.26
CA ASP C 140 39.82 -12.20 -1.11
C ASP C 140 38.54 -12.35 -1.94
N LYS C 141 37.44 -11.69 -1.56
CA LYS C 141 36.19 -11.85 -2.27
C LYS C 141 35.52 -10.48 -2.41
N PRO C 142 34.71 -10.25 -3.47
CA PRO C 142 33.92 -9.02 -3.59
C PRO C 142 32.92 -9.01 -2.44
N ILE C 143 32.85 -7.88 -1.71
CA ILE C 143 31.90 -7.63 -0.63
C ILE C 143 31.11 -6.34 -0.91
N ILE C 144 29.80 -6.49 -1.00
CA ILE C 144 28.92 -5.36 -1.21
C ILE C 144 28.36 -5.02 0.16
N LYS C 145 28.68 -3.84 0.68
CA LYS C 145 28.19 -3.43 1.98
CA LYS C 145 28.20 -3.41 1.99
C LYS C 145 26.85 -2.75 1.81
N VAL C 146 25.85 -3.18 2.60
CA VAL C 146 24.50 -2.64 2.52
C VAL C 146 24.14 -2.16 3.91
N PRO C 147 24.71 -1.03 4.36
CA PRO C 147 24.60 -0.64 5.78
C PRO C 147 23.28 0.01 6.17
N GLY C 148 23.17 0.27 7.47
CA GLY C 148 21.92 0.64 8.11
C GLY C 148 21.56 -0.40 9.14
N CYS C 149 20.80 0.05 10.15
CA CYS C 149 20.44 -0.79 11.26
C CYS C 149 18.93 -0.79 11.43
N PRO C 150 18.20 -1.59 10.64
CA PRO C 150 18.74 -2.31 9.48
C PRO C 150 18.64 -1.46 8.22
N PRO C 151 19.11 -1.94 7.06
CA PRO C 151 18.87 -1.26 5.80
C PRO C 151 17.36 -1.23 5.48
N ILE C 152 16.98 -0.34 4.57
CA ILE C 152 15.57 -0.20 4.17
C ILE C 152 15.09 -1.46 3.45
N PRO C 153 13.92 -2.02 3.80
CA PRO C 153 13.44 -3.25 3.16
C PRO C 153 13.51 -3.25 1.64
N ASP C 154 12.96 -2.20 0.99
CA ASP C 154 12.89 -2.15 -0.45
C ASP C 154 14.24 -1.83 -1.09
N VAL C 155 15.21 -1.33 -0.33
CA VAL C 155 16.60 -1.24 -0.80
C VAL C 155 17.20 -2.65 -0.90
N MET C 156 16.98 -3.43 0.16
CA MET C 156 17.49 -4.78 0.17
C MET C 156 16.97 -5.56 -1.02
N SER C 157 15.64 -5.54 -1.22
CA SER C 157 15.06 -6.25 -2.33
C SER C 157 15.43 -5.65 -3.68
N ALA C 158 15.60 -4.33 -3.78
CA ALA C 158 16.03 -3.77 -5.06
C ALA C 158 17.44 -4.22 -5.40
N ILE C 159 18.33 -4.30 -4.41
CA ILE C 159 19.68 -4.74 -4.69
C ILE C 159 19.65 -6.17 -5.23
N ILE C 160 18.88 -7.06 -4.60
CA ILE C 160 18.75 -8.43 -5.09
C ILE C 160 18.17 -8.44 -6.51
N THR C 161 17.11 -7.65 -6.76
CA THR C 161 16.52 -7.66 -8.09
C THR C 161 17.52 -7.13 -9.13
N TYR C 162 18.32 -6.15 -8.76
CA TYR C 162 19.37 -5.66 -9.64
C TYR C 162 20.29 -6.81 -10.02
N MET C 163 20.82 -7.50 -9.02
CA MET C 163 21.80 -8.55 -9.27
C MET C 163 21.20 -9.66 -10.15
N VAL C 164 19.96 -10.07 -9.87
CA VAL C 164 19.32 -11.10 -10.68
C VAL C 164 18.99 -10.64 -12.10
N THR C 165 18.31 -9.50 -12.24
CA THR C 165 17.83 -8.95 -13.50
C THR C 165 18.97 -8.55 -14.43
N PHE C 166 20.00 -7.86 -13.89
CA PHE C 166 21.08 -7.31 -14.70
C PHE C 166 22.30 -8.21 -14.72
N ASP C 167 22.28 -9.28 -13.93
CA ASP C 167 23.35 -10.27 -13.89
C ASP C 167 24.69 -9.60 -13.61
N ARG C 168 24.73 -8.70 -12.62
CA ARG C 168 25.97 -8.04 -12.28
C ARG C 168 25.84 -7.44 -10.89
N LEU C 169 26.98 -7.18 -10.23
CA LEU C 169 26.95 -6.50 -8.94
C LEU C 169 26.61 -5.03 -9.18
N PRO C 170 25.95 -4.38 -8.23
CA PRO C 170 25.81 -2.93 -8.28
C PRO C 170 27.16 -2.25 -8.24
N ASP C 171 27.27 -1.11 -8.92
CA ASP C 171 28.45 -0.29 -8.79
C ASP C 171 28.51 0.31 -7.39
N VAL C 172 29.71 0.41 -6.81
CA VAL C 172 29.87 0.80 -5.41
C VAL C 172 30.76 2.04 -5.31
N ASP C 173 30.62 2.73 -4.17
CA ASP C 173 31.52 3.77 -3.75
C ASP C 173 32.81 3.15 -3.19
N ARG C 174 33.69 4.00 -2.66
CA ARG C 174 35.03 3.56 -2.27
C ARG C 174 34.95 2.68 -1.01
N MET C 175 33.77 2.67 -0.35
CA MET C 175 33.54 1.90 0.86
CA MET C 175 33.54 1.90 0.86
C MET C 175 32.78 0.59 0.58
N GLY C 176 32.46 0.34 -0.69
CA GLY C 176 31.80 -0.87 -1.16
C GLY C 176 30.26 -0.81 -1.04
N ARG C 177 29.69 0.41 -0.86
CA ARG C 177 28.24 0.59 -0.77
C ARG C 177 27.65 0.85 -2.14
N PRO C 178 26.50 0.24 -2.50
CA PRO C 178 25.88 0.53 -3.80
C PRO C 178 25.59 2.02 -4.01
N LEU C 179 26.13 2.59 -5.08
CA LEU C 179 25.94 4.01 -5.42
C LEU C 179 24.45 4.37 -5.52
N MET C 180 23.65 3.44 -6.04
CA MET C 180 22.23 3.70 -6.29
C MET C 180 21.54 4.23 -5.04
N PHE C 181 21.81 3.63 -3.87
CA PHE C 181 21.10 4.00 -2.65
C PHE C 181 21.96 4.70 -1.62
N TYR C 182 23.30 4.66 -1.75
CA TYR C 182 24.18 5.24 -0.74
C TYR C 182 25.08 6.34 -1.31
N GLY C 183 24.78 6.81 -2.52
CA GLY C 183 25.57 7.87 -3.16
C GLY C 183 25.38 9.25 -2.57
N GLN C 184 24.24 9.48 -1.87
CA GLN C 184 23.94 10.79 -1.31
C GLN C 184 23.59 10.66 0.16
N ARG C 185 23.67 11.78 0.87
CA ARG C 185 23.38 11.87 2.29
C ARG C 185 21.88 12.00 2.54
N ILE C 186 21.47 11.58 3.73
CA ILE C 186 20.11 11.85 4.22
C ILE C 186 19.78 13.34 4.06
N HIS C 187 20.70 14.20 4.53
CA HIS C 187 20.54 15.65 4.55
C HIS C 187 20.56 16.27 3.15
N ASP C 188 21.04 15.54 2.12
CA ASP C 188 21.05 15.99 0.74
C ASP C 188 19.68 15.81 0.05
N LYS C 189 18.75 15.08 0.70
CA LYS C 189 17.42 14.81 0.18
C LYS C 189 16.37 14.90 1.28
N CYS C 190 16.67 15.65 2.34
CA CYS C 190 15.72 15.76 3.44
C CYS C 190 14.67 16.86 3.23
N TYR C 191 13.40 16.49 3.43
CA TYR C 191 12.31 17.42 3.22
C TYR C 191 12.27 18.51 4.30
N ARG C 192 13.13 18.44 5.34
CA ARG C 192 13.19 19.53 6.32
C ARG C 192 14.32 20.51 6.00
N ARG C 193 15.01 20.34 4.86
CA ARG C 193 16.13 21.20 4.55
C ARG C 193 15.72 22.67 4.51
N ALA C 194 14.49 22.98 4.07
CA ALA C 194 14.02 24.37 4.00
C ALA C 194 14.21 25.00 5.37
N HIS C 195 13.85 24.26 6.43
CA HIS C 195 13.95 24.73 7.78
C HIS C 195 15.41 24.85 8.19
N PHE C 196 16.23 23.84 7.89
CA PHE C 196 17.67 23.91 8.18
C PHE C 196 18.26 25.21 7.61
N ASP C 197 17.95 25.48 6.34
CA ASP C 197 18.55 26.57 5.58
C ASP C 197 18.07 27.90 6.18
N ALA C 198 16.89 27.95 6.80
CA ALA C 198 16.31 29.15 7.39
C ALA C 198 16.64 29.32 8.88
N GLY C 199 17.31 28.33 9.48
CA GLY C 199 17.61 28.36 10.91
C GLY C 199 16.38 28.13 11.78
N GLU C 200 15.46 27.30 11.26
CA GLU C 200 14.21 26.98 11.90
C GLU C 200 14.34 25.56 12.50
N PHE C 201 14.52 25.53 13.82
CA PHE C 201 14.91 24.29 14.48
C PHE C 201 14.02 23.95 15.65
N VAL C 202 13.72 22.65 15.82
CA VAL C 202 13.23 22.15 17.10
C VAL C 202 14.30 22.42 18.16
N GLN C 203 13.90 22.94 19.32
CA GLN C 203 14.88 23.17 20.40
C GLN C 203 14.60 22.31 21.63
N SER C 204 13.35 21.90 21.83
CA SER C 204 12.99 20.95 22.84
C SER C 204 11.82 20.13 22.28
N TRP C 205 11.71 18.87 22.74
CA TRP C 205 10.68 18.00 22.19
C TRP C 205 9.29 18.61 22.37
N ASP C 206 8.47 18.45 21.30
CA ASP C 206 7.06 18.82 21.30
C ASP C 206 6.89 20.32 21.49
N ASP C 207 7.91 21.11 21.14
CA ASP C 207 7.77 22.58 21.09
C ASP C 207 6.97 22.95 19.83
N ASP C 208 6.69 24.26 19.64
CA ASP C 208 5.90 24.67 18.47
C ASP C 208 6.61 24.30 17.16
N ALA C 209 7.94 24.41 17.13
CA ALA C 209 8.76 24.04 15.98
C ALA C 209 8.57 22.58 15.63
N ALA C 210 8.65 21.70 16.65
CA ALA C 210 8.43 20.28 16.42
C ALA C 210 7.06 19.98 15.79
N ARG C 211 6.03 20.70 16.25
CA ARG C 211 4.66 20.49 15.79
C ARG C 211 4.46 20.99 14.36
N LYS C 212 5.44 21.71 13.79
CA LYS C 212 5.40 22.25 12.44
C LYS C 212 6.43 21.54 11.56
N GLY C 213 7.13 20.51 12.09
CA GLY C 213 8.08 19.76 11.28
C GLY C 213 9.38 20.50 10.98
N TYR C 214 9.86 21.31 11.95
CA TYR C 214 11.13 22.00 11.77
C TYR C 214 12.29 21.00 11.87
N CYS C 215 13.45 21.47 11.41
CA CYS C 215 14.67 20.71 11.31
C CYS C 215 15.12 20.22 12.69
N LEU C 216 15.69 19.01 12.72
CA LEU C 216 16.08 18.32 13.94
C LEU C 216 17.57 18.46 14.28
N TYR C 217 18.31 19.31 13.56
CA TYR C 217 19.75 19.49 13.74
C TYR C 217 20.14 19.78 15.19
N LYS C 218 19.44 20.72 15.85
CA LYS C 218 19.77 21.08 17.22
C LYS C 218 19.36 19.98 18.20
N MET C 219 18.54 19.00 17.78
CA MET C 219 18.25 17.83 18.59
C MET C 219 19.21 16.67 18.32
N GLY C 220 20.29 16.89 17.55
CA GLY C 220 21.30 15.86 17.35
C GLY C 220 21.27 15.14 16.01
N CYS C 221 20.40 15.56 15.08
CA CYS C 221 20.26 14.83 13.82
C CYS C 221 21.63 14.64 13.14
N LYS C 222 21.97 13.40 12.75
CA LYS C 222 23.21 13.08 12.08
C LYS C 222 23.04 12.88 10.59
N GLY C 223 21.90 13.33 10.05
CA GLY C 223 21.67 13.26 8.59
C GLY C 223 22.77 13.93 7.77
N PRO C 224 23.34 15.07 8.24
CA PRO C 224 24.43 15.70 7.48
C PRO C 224 25.66 14.86 7.19
N THR C 225 25.89 13.76 7.94
CA THR C 225 27.08 12.95 7.74
C THR C 225 26.73 11.51 7.43
N THR C 226 25.47 11.23 7.05
CA THR C 226 24.98 9.86 6.89
C THR C 226 24.49 9.61 5.46
N TYR C 227 25.03 8.57 4.81
CA TYR C 227 24.71 8.13 3.47
C TYR C 227 23.73 6.97 3.52
N ASN C 228 22.53 7.19 2.97
CA ASN C 228 21.44 6.23 2.91
C ASN C 228 20.32 6.82 2.06
N ALA C 229 19.23 6.04 1.89
CA ALA C 229 18.11 6.40 1.00
C ALA C 229 16.86 6.80 1.79
N CYS C 230 16.96 7.01 3.11
CA CYS C 230 15.78 7.09 3.94
C CYS C 230 14.93 8.32 3.64
N SER C 231 15.57 9.43 3.24
CA SER C 231 14.83 10.67 3.01
C SER C 231 14.18 10.73 1.63
N SER C 232 14.43 9.73 0.76
CA SER C 232 13.92 9.65 -0.61
CA SER C 232 13.88 9.68 -0.59
C SER C 232 13.00 8.44 -0.77
N THR C 233 13.60 7.27 -0.66
CA THR C 233 12.89 6.01 -0.74
C THR C 233 11.95 5.86 0.45
N ARG C 234 12.41 6.31 1.63
CA ARG C 234 11.66 6.21 2.88
C ARG C 234 11.50 4.73 3.28
N TRP C 235 10.74 4.51 4.35
CA TRP C 235 10.63 3.22 5.05
C TRP C 235 9.24 2.64 5.00
N ASN C 236 9.15 1.29 4.93
CA ASN C 236 7.93 0.56 5.12
C ASN C 236 6.91 0.97 4.03
N ASP C 237 7.33 0.84 2.78
CA ASP C 237 6.51 1.14 1.61
C ASP C 237 6.18 2.63 1.57
N GLY C 238 7.20 3.44 1.87
CA GLY C 238 7.06 4.86 1.69
C GLY C 238 6.31 5.56 2.81
N VAL C 239 6.10 4.87 3.92
CA VAL C 239 5.27 5.44 4.99
C VAL C 239 5.99 6.54 5.77
N SER C 240 7.27 6.37 6.12
CA SER C 240 7.91 7.35 6.98
C SER C 240 9.43 7.15 6.91
N PHE C 241 10.14 7.95 7.70
CA PHE C 241 11.54 7.70 8.01
C PHE C 241 11.80 8.38 9.36
N PRO C 242 12.95 8.14 10.03
CA PRO C 242 13.18 8.68 11.36
C PRO C 242 12.80 10.16 11.49
N ILE C 243 13.35 11.01 10.62
CA ILE C 243 13.15 12.45 10.70
C ILE C 243 11.68 12.84 10.49
N GLN C 244 11.00 12.17 9.57
CA GLN C 244 9.57 12.49 9.27
C GLN C 244 8.72 12.24 10.51
N SER C 245 9.09 11.25 11.33
CA SER C 245 8.35 10.97 12.56
C SER C 245 8.96 11.67 13.80
N GLY C 246 9.89 12.61 13.57
CA GLY C 246 10.25 13.57 14.60
C GLY C 246 11.55 13.28 15.36
N HIS C 247 12.29 12.25 14.99
CA HIS C 247 13.56 11.96 15.66
C HIS C 247 14.69 12.22 14.67
N GLY C 248 15.76 12.89 15.13
CA GLY C 248 16.88 13.03 14.23
C GLY C 248 17.43 11.68 13.79
N CYS C 249 18.07 11.67 12.64
CA CYS C 249 18.89 10.55 12.20
C CYS C 249 19.94 10.25 13.27
N LEU C 250 20.10 8.96 13.62
CA LEU C 250 21.13 8.48 14.56
C LEU C 250 22.49 8.34 13.87
N GLY C 251 22.46 8.28 12.54
CA GLY C 251 23.64 7.99 11.71
C GLY C 251 23.85 6.50 11.47
N CYS C 252 22.77 5.71 11.48
CA CYS C 252 22.88 4.27 11.69
C CYS C 252 23.51 3.52 10.52
N ALA C 253 23.63 4.13 9.34
CA ALA C 253 24.27 3.54 8.19
C ALA C 253 25.79 3.78 8.15
N GLU C 254 26.31 4.59 9.08
CA GLU C 254 27.73 4.96 9.08
C GLU C 254 28.59 4.15 10.08
N ASN C 255 29.80 3.82 9.62
CA ASN C 255 30.81 3.14 10.43
C ASN C 255 30.97 3.86 11.77
N GLY C 256 30.83 3.14 12.89
CA GLY C 256 31.13 3.72 14.19
C GLY C 256 30.09 4.68 14.75
N PHE C 257 28.85 4.66 14.21
CA PHE C 257 27.88 5.69 14.55
C PHE C 257 27.50 5.66 16.01
N TRP C 258 27.62 4.52 16.67
CA TRP C 258 27.32 4.39 18.09
C TRP C 258 28.27 5.22 18.96
N ASP C 259 29.51 5.42 18.50
CA ASP C 259 30.56 6.02 19.29
C ASP C 259 30.89 7.43 18.79
N ARG C 260 30.04 8.02 17.93
CA ARG C 260 30.29 9.39 17.50
C ARG C 260 29.82 10.40 18.53
N GLY C 261 29.30 9.96 19.66
CA GLY C 261 28.80 10.86 20.67
C GLY C 261 27.29 10.65 20.86
N SER C 262 26.73 11.33 21.85
CA SER C 262 25.31 11.24 22.13
C SER C 262 24.53 11.52 20.85
N PHE C 263 23.40 10.81 20.68
CA PHE C 263 22.55 11.05 19.52
C PHE C 263 21.95 12.44 19.60
N TYR C 264 21.93 13.05 20.81
CA TYR C 264 21.28 14.32 21.02
C TYR C 264 22.25 15.50 21.06
N SER C 265 23.52 15.25 20.72
CA SER C 265 24.58 16.27 20.78
C SER C 265 25.12 16.47 19.38
N ARG C 266 25.79 17.60 19.16
CA ARG C 266 26.51 17.82 17.90
C ARG C 266 27.92 17.24 18.02
N SER D 2 28.21 -41.08 34.31
CA SER D 2 26.80 -40.61 34.25
C SER D 2 26.32 -40.36 35.68
N THR D 3 25.38 -39.41 35.84
CA THR D 3 24.79 -39.10 37.14
C THR D 3 23.28 -39.11 37.02
N GLN D 4 22.59 -39.20 38.16
CA GLN D 4 21.17 -39.02 38.20
C GLN D 4 20.79 -38.27 39.48
N TYR D 5 19.94 -37.24 39.36
CA TYR D 5 19.38 -36.58 40.52
C TYR D 5 17.94 -36.19 40.25
N GLU D 6 17.20 -35.84 41.32
CA GLU D 6 15.80 -35.48 41.28
C GLU D 6 15.66 -33.97 41.50
N THR D 7 14.86 -33.29 40.66
CA THR D 7 14.51 -31.89 40.85
C THR D 7 13.13 -31.64 40.24
N GLN D 8 12.28 -30.90 40.97
CA GLN D 8 11.00 -30.41 40.48
C GLN D 8 10.10 -31.53 39.94
N GLY D 9 10.25 -32.76 40.48
CA GLY D 9 9.43 -33.88 40.04
C GLY D 9 10.07 -34.67 38.89
N TYR D 10 11.24 -34.25 38.40
CA TYR D 10 11.90 -34.91 37.28
C TYR D 10 13.09 -35.73 37.80
N THR D 11 13.41 -36.80 37.05
CA THR D 11 14.63 -37.57 37.22
C THR D 11 15.59 -37.23 36.09
N ILE D 12 16.63 -36.47 36.42
CA ILE D 12 17.61 -35.95 35.48
C ILE D 12 18.70 -37.00 35.36
N ASN D 13 18.75 -37.68 34.22
CA ASN D 13 19.65 -38.81 34.06
C ASN D 13 20.42 -38.66 32.75
N ASN D 14 21.75 -38.53 32.84
CA ASN D 14 22.57 -38.28 31.66
C ASN D 14 23.32 -39.52 31.19
N ALA D 15 22.80 -40.69 31.57
CA ALA D 15 23.28 -41.96 31.05
C ALA D 15 22.70 -42.14 29.66
N GLY D 16 23.25 -43.07 28.88
CA GLY D 16 22.55 -43.37 27.63
C GLY D 16 22.85 -42.35 26.52
N ARG D 17 22.20 -42.54 25.41
CA ARG D 17 22.57 -41.89 24.16
C ARG D 17 22.39 -40.37 24.28
N ARG D 18 23.40 -39.65 23.77
CA ARG D 18 23.32 -38.21 23.68
C ARG D 18 22.93 -37.78 22.26
N LEU D 19 21.96 -36.84 22.14
CA LEU D 19 21.58 -36.21 20.87
C LEU D 19 21.89 -34.72 20.95
N VAL D 20 22.42 -34.16 19.86
CA VAL D 20 22.78 -32.74 19.80
C VAL D 20 22.01 -32.10 18.65
N VAL D 21 21.37 -30.95 18.93
CA VAL D 21 20.77 -30.10 17.90
C VAL D 21 21.45 -28.74 17.94
N ASP D 22 22.38 -28.54 17.01
CA ASP D 22 23.15 -27.30 16.92
C ASP D 22 23.56 -27.14 15.48
N PRO D 23 22.97 -26.18 14.70
CA PRO D 23 22.12 -25.10 15.20
C PRO D 23 20.63 -25.37 15.34
N ILE D 24 20.01 -24.78 16.36
CA ILE D 24 18.55 -24.73 16.36
C ILE D 24 18.15 -23.64 15.35
N THR D 25 17.28 -24.00 14.39
CA THR D 25 16.82 -23.07 13.37
C THR D 25 15.40 -22.63 13.68
N ARG D 26 14.91 -21.62 12.93
CA ARG D 26 13.56 -21.08 13.08
C ARG D 26 13.33 -20.59 14.51
N ILE D 27 14.37 -19.96 14.98
CA ILE D 27 14.41 -19.12 16.16
C ILE D 27 15.14 -17.84 15.78
N GLU D 28 15.08 -16.87 16.70
CA GLU D 28 16.00 -15.76 16.64
C GLU D 28 17.32 -16.17 17.27
N GLY D 29 18.42 -15.98 16.54
CA GLY D 29 19.76 -16.06 17.11
C GLY D 29 20.25 -17.51 17.25
N HIS D 30 21.13 -17.74 18.23
CA HIS D 30 21.98 -18.91 18.30
C HIS D 30 21.65 -19.72 19.57
N MET D 31 21.24 -20.97 19.34
CA MET D 31 20.97 -21.91 20.43
C MET D 31 21.48 -23.29 20.04
N ARG D 32 21.98 -24.01 21.06
CA ARG D 32 22.32 -25.44 21.02
C ARG D 32 21.47 -26.15 22.06
N CYS D 33 21.00 -27.35 21.73
CA CYS D 33 20.26 -28.17 22.68
C CYS D 33 20.88 -29.57 22.65
N GLU D 34 21.08 -30.15 23.82
CA GLU D 34 21.50 -31.54 23.92
C GLU D 34 20.50 -32.27 24.80
N VAL D 35 20.26 -33.56 24.49
CA VAL D 35 19.41 -34.37 25.35
C VAL D 35 20.11 -35.72 25.53
N ASN D 36 19.70 -36.46 26.57
CA ASN D 36 19.93 -37.89 26.60
C ASN D 36 18.59 -38.60 26.48
N ILE D 37 18.60 -39.70 25.73
CA ILE D 37 17.42 -40.53 25.56
C ILE D 37 17.76 -41.93 26.08
N ASN D 38 16.75 -42.57 26.65
CA ASN D 38 16.91 -43.93 27.13
C ASN D 38 16.56 -44.89 25.98
N ASP D 39 16.55 -46.20 26.29
CA ASP D 39 16.24 -47.28 25.35
C ASP D 39 14.85 -47.18 24.74
N GLN D 40 13.95 -46.48 25.46
CA GLN D 40 12.57 -46.29 25.04
C GLN D 40 12.37 -45.01 24.20
N ASN D 41 13.46 -44.36 23.79
CA ASN D 41 13.48 -43.12 23.00
C ASN D 41 12.76 -42.00 23.75
N VAL D 42 12.90 -42.00 25.08
CA VAL D 42 12.34 -40.96 25.94
C VAL D 42 13.49 -40.12 26.51
N ILE D 43 13.32 -38.78 26.45
CA ILE D 43 14.29 -37.84 26.97
C ILE D 43 14.32 -37.92 28.49
N THR D 44 15.52 -38.17 29.02
CA THR D 44 15.78 -38.27 30.44
C THR D 44 16.70 -37.15 30.92
N ASN D 45 17.15 -36.30 29.98
CA ASN D 45 17.98 -35.16 30.33
C ASN D 45 17.90 -34.14 29.19
N ALA D 46 17.84 -32.85 29.51
CA ALA D 46 17.75 -31.80 28.50
C ALA D 46 18.66 -30.64 28.92
N VAL D 47 19.44 -30.13 27.96
CA VAL D 47 20.45 -29.12 28.17
C VAL D 47 20.16 -27.97 27.18
N SER D 48 19.90 -26.76 27.73
CA SER D 48 19.65 -25.54 26.97
C SER D 48 20.89 -24.64 26.99
N CYS D 49 21.43 -24.30 25.80
CA CYS D 49 22.66 -23.53 25.68
C CYS D 49 22.48 -22.34 24.72
N GLY D 50 22.66 -21.12 25.23
CA GLY D 50 22.74 -19.97 24.35
C GLY D 50 24.14 -19.85 23.82
N THR D 51 24.27 -19.87 22.50
CA THR D 51 25.53 -19.91 21.78
C THR D 51 25.90 -18.56 21.15
N MET D 52 25.54 -17.46 21.80
CA MET D 52 25.99 -16.13 21.38
C MET D 52 26.02 -15.20 22.60
N PHE D 53 26.84 -14.15 22.53
CA PHE D 53 26.86 -13.08 23.52
C PHE D 53 27.43 -11.83 22.86
N ARG D 54 26.88 -10.66 23.20
CA ARG D 54 27.35 -9.36 22.68
C ARG D 54 27.82 -8.40 23.76
N GLY D 55 27.11 -8.33 24.90
CA GLY D 55 27.55 -7.53 26.04
C GLY D 55 26.99 -6.10 26.08
N LEU D 56 25.70 -5.94 25.76
CA LEU D 56 25.09 -4.61 25.85
C LEU D 56 25.22 -4.03 27.25
N GLU D 57 25.15 -4.85 28.32
CA GLU D 57 25.23 -4.29 29.69
C GLU D 57 26.58 -3.62 29.95
N ILE D 58 27.61 -4.08 29.25
CA ILE D 58 28.95 -3.55 29.37
C ILE D 58 29.06 -2.29 28.51
N ILE D 59 28.56 -2.40 27.26
CA ILE D 59 28.58 -1.30 26.30
C ILE D 59 27.84 -0.06 26.81
N LEU D 60 26.77 -0.25 27.56
CA LEU D 60 25.98 0.88 28.07
CA LEU D 60 25.98 0.87 28.09
C LEU D 60 26.69 1.68 29.16
N GLN D 61 27.69 1.12 29.82
CA GLN D 61 28.35 1.87 30.89
C GLN D 61 28.95 3.17 30.37
N GLY D 62 28.70 4.25 31.09
CA GLY D 62 29.32 5.52 30.75
C GLY D 62 28.58 6.30 29.65
N ARG D 63 27.46 5.75 29.15
CA ARG D 63 26.67 6.45 28.15
C ARG D 63 25.64 7.36 28.80
N ASP D 64 25.11 8.27 27.97
CA ASP D 64 24.05 9.15 28.41
C ASP D 64 22.78 8.33 28.54
N PRO D 65 22.06 8.39 29.67
CA PRO D 65 20.82 7.67 29.84
C PRO D 65 19.77 7.91 28.75
N ARG D 66 19.79 9.11 28.14
CA ARG D 66 18.87 9.45 27.08
C ARG D 66 19.15 8.65 25.82
N ASP D 67 20.38 8.18 25.59
CA ASP D 67 20.72 7.38 24.42
C ASP D 67 20.46 5.88 24.61
N ALA D 68 20.19 5.44 25.85
CA ALA D 68 20.26 4.02 26.16
C ALA D 68 19.24 3.22 25.33
N TRP D 69 18.04 3.78 25.12
CA TRP D 69 16.98 3.06 24.41
C TRP D 69 17.45 2.58 23.03
N ALA D 70 18.27 3.39 22.35
CA ALA D 70 18.67 3.10 20.99
C ALA D 70 19.62 1.93 20.96
N PHE D 71 20.55 1.87 21.93
CA PHE D 71 21.49 0.76 22.06
C PHE D 71 20.71 -0.54 22.35
N VAL D 72 19.90 -0.50 23.43
CA VAL D 72 19.28 -1.73 23.89
C VAL D 72 18.16 -2.18 22.95
N GLU D 73 17.63 -1.27 22.11
CA GLU D 73 16.69 -1.75 21.10
C GLU D 73 17.34 -2.83 20.25
N ARG D 74 18.64 -2.67 19.95
CA ARG D 74 19.39 -3.62 19.15
C ARG D 74 19.76 -4.91 19.91
N ILE D 75 19.24 -5.11 21.12
CA ILE D 75 19.27 -6.46 21.69
C ILE D 75 18.56 -7.40 20.72
N CYS D 76 17.46 -6.90 20.09
CA CYS D 76 16.66 -7.81 19.28
C CYS D 76 15.85 -7.11 18.19
N GLY D 77 15.92 -7.66 16.99
CA GLY D 77 15.24 -7.13 15.82
C GLY D 77 13.90 -7.81 15.58
N VAL D 78 13.67 -8.92 16.30
CA VAL D 78 12.41 -9.63 16.23
C VAL D 78 11.43 -8.97 17.20
N CYS D 79 11.79 -8.93 18.49
CA CYS D 79 10.98 -8.20 19.47
C CYS D 79 11.38 -6.73 19.40
N THR D 80 11.44 -6.16 18.18
CA THR D 80 11.97 -4.82 17.98
C THR D 80 11.06 -3.77 18.62
N GLY D 81 11.65 -2.95 19.47
CA GLY D 81 10.93 -1.91 20.19
C GLY D 81 10.78 -2.18 21.67
N VAL D 82 10.64 -3.45 22.06
CA VAL D 82 10.29 -3.72 23.45
C VAL D 82 11.41 -3.30 24.40
N HIS D 83 12.68 -3.39 24.00
CA HIS D 83 13.79 -2.99 24.84
C HIS D 83 13.87 -1.47 24.91
N ALA D 84 13.51 -0.79 23.80
CA ALA D 84 13.43 0.68 23.87
C ALA D 84 12.39 1.10 24.88
N LEU D 85 11.22 0.47 24.87
CA LEU D 85 10.15 0.79 25.81
C LEU D 85 10.62 0.55 27.25
N ALA D 86 11.25 -0.60 27.50
CA ALA D 86 11.74 -0.89 28.86
C ALA D 86 12.78 0.14 29.28
N SER D 87 13.61 0.59 28.33
CA SER D 87 14.68 1.54 28.59
C SER D 87 14.10 2.88 29.00
N VAL D 88 13.15 3.40 28.19
CA VAL D 88 12.65 4.72 28.53
C VAL D 88 11.89 4.62 29.85
N TYR D 89 11.16 3.52 30.09
CA TYR D 89 10.53 3.32 31.39
C TYR D 89 11.55 3.35 32.53
N ALA D 90 12.71 2.71 32.33
CA ALA D 90 13.69 2.58 33.42
C ALA D 90 14.32 3.94 33.72
N ILE D 91 14.66 4.70 32.68
CA ILE D 91 15.32 5.99 32.86
C ILE D 91 14.33 7.00 33.46
N GLU D 92 13.07 6.94 33.01
CA GLU D 92 12.02 7.77 33.59
C GLU D 92 11.81 7.45 35.07
N ASP D 93 11.85 6.15 35.42
CA ASP D 93 11.71 5.69 36.78
C ASP D 93 12.87 6.20 37.65
N ALA D 94 14.08 6.20 37.10
CA ALA D 94 15.27 6.63 37.81
C ALA D 94 15.21 8.12 38.09
N ILE D 95 14.92 8.91 37.04
CA ILE D 95 15.01 10.37 37.11
C ILE D 95 13.78 10.98 37.78
N GLY D 96 12.63 10.31 37.72
CA GLY D 96 11.37 10.89 38.15
C GLY D 96 10.69 11.70 37.04
N ILE D 97 10.48 11.06 35.88
CA ILE D 97 9.80 11.72 34.75
C ILE D 97 8.44 11.07 34.57
N LYS D 98 7.41 11.91 34.40
CA LYS D 98 6.05 11.49 34.07
CA LYS D 98 6.05 11.49 34.07
C LYS D 98 5.74 11.96 32.65
N VAL D 99 5.40 11.03 31.74
CA VAL D 99 5.14 11.40 30.34
C VAL D 99 3.68 11.81 30.18
N PRO D 100 3.36 12.61 29.15
CA PRO D 100 1.97 12.93 28.86
C PRO D 100 1.15 11.72 28.43
N ASP D 101 -0.16 11.77 28.66
CA ASP D 101 -1.05 10.66 28.32
C ASP D 101 -0.85 10.18 26.89
N ASN D 102 -0.78 11.09 25.93
CA ASN D 102 -0.66 10.64 24.54
C ASN D 102 0.61 9.86 24.30
N ALA D 103 1.71 10.20 24.98
CA ALA D 103 2.93 9.41 24.79
C ALA D 103 2.72 7.99 25.30
N ASN D 104 2.07 7.85 26.47
CA ASN D 104 1.78 6.54 27.04
C ASN D 104 0.88 5.73 26.10
N ILE D 105 -0.15 6.38 25.55
CA ILE D 105 -1.07 5.68 24.68
C ILE D 105 -0.31 5.21 23.45
N ILE D 106 0.53 6.07 22.87
CA ILE D 106 1.30 5.72 21.69
C ILE D 106 2.28 4.57 21.99
N ARG D 107 2.92 4.61 23.16
CA ARG D 107 3.79 3.50 23.55
C ARG D 107 3.00 2.19 23.65
N ASN D 108 1.79 2.25 24.22
CA ASN D 108 0.93 1.09 24.25
C ASN D 108 0.57 0.58 22.86
N ILE D 109 0.34 1.50 21.89
CA ILE D 109 0.14 1.14 20.52
C ILE D 109 1.37 0.47 19.93
N MET D 110 2.56 1.01 20.21
CA MET D 110 3.79 0.41 19.70
C MET D 110 3.95 -1.03 20.22
N LEU D 111 3.63 -1.27 21.50
CA LEU D 111 3.80 -2.59 22.09
C LEU D 111 2.74 -3.55 21.54
N ALA D 112 1.48 -3.11 21.45
CA ALA D 112 0.40 -3.95 20.90
C ALA D 112 0.68 -4.33 19.45
N THR D 113 1.20 -3.35 18.67
CA THR D 113 1.59 -3.59 17.29
C THR D 113 2.62 -4.71 17.22
N LEU D 114 3.63 -4.59 18.09
CA LEU D 114 4.67 -5.60 18.14
C LEU D 114 4.11 -6.99 18.53
N TRP D 115 3.25 -7.05 19.53
CA TRP D 115 2.61 -8.32 19.87
C TRP D 115 1.95 -8.95 18.65
N CYS D 116 1.14 -8.16 17.90
CA CYS D 116 0.42 -8.69 16.77
C CYS D 116 1.41 -9.21 15.74
N HIS D 117 2.37 -8.37 15.36
CA HIS D 117 3.31 -8.70 14.29
C HIS D 117 4.12 -9.96 14.66
N ASP D 118 4.73 -9.89 15.84
CA ASP D 118 5.67 -10.90 16.30
C ASP D 118 4.95 -12.25 16.41
N HIS D 119 3.83 -12.27 17.10
CA HIS D 119 3.07 -13.51 17.26
C HIS D 119 2.68 -14.10 15.91
N LEU D 120 2.29 -13.25 14.94
CA LEU D 120 1.82 -13.74 13.65
C LEU D 120 2.96 -14.43 12.91
N VAL D 121 4.11 -13.76 12.83
CA VAL D 121 5.29 -14.29 12.16
C VAL D 121 5.75 -15.57 12.88
N HIS D 122 5.69 -15.59 14.20
CA HIS D 122 6.13 -16.78 14.90
C HIS D 122 5.27 -17.97 14.50
N PHE D 123 3.96 -17.78 14.50
CA PHE D 123 3.03 -18.85 14.23
C PHE D 123 3.30 -19.50 12.85
N TYR D 124 3.46 -18.66 11.80
CA TYR D 124 3.60 -19.18 10.46
C TYR D 124 5.06 -19.48 10.16
N GLN D 125 5.93 -18.46 10.22
CA GLN D 125 7.30 -18.60 9.70
C GLN D 125 8.27 -19.35 10.62
N LEU D 126 8.03 -19.30 11.94
CA LEU D 126 8.95 -19.95 12.86
C LEU D 126 8.42 -21.32 13.30
N ALA D 127 7.23 -21.40 13.92
CA ALA D 127 6.73 -22.66 14.44
C ALA D 127 6.00 -23.48 13.38
N GLY D 128 5.42 -22.84 12.35
CA GLY D 128 4.41 -23.46 11.51
C GLY D 128 4.82 -24.78 10.89
N MET D 129 6.05 -24.84 10.35
CA MET D 129 6.50 -26.02 9.61
C MET D 129 6.77 -27.21 10.54
N ASP D 130 6.64 -27.01 11.86
CA ASP D 130 6.69 -28.15 12.78
C ASP D 130 5.36 -28.92 12.81
N TRP D 131 4.26 -28.30 12.32
CA TRP D 131 2.89 -28.80 12.42
C TRP D 131 2.32 -29.09 11.03
N ILE D 132 2.72 -28.26 10.05
CA ILE D 132 2.28 -28.31 8.68
C ILE D 132 3.34 -29.02 7.86
N ASP D 133 2.95 -30.13 7.24
CA ASP D 133 3.82 -30.82 6.32
C ASP D 133 3.68 -30.19 4.94
N VAL D 134 4.65 -29.34 4.57
CA VAL D 134 4.59 -28.53 3.36
C VAL D 134 4.56 -29.44 2.14
N LEU D 135 5.40 -30.48 2.10
CA LEU D 135 5.40 -31.33 0.89
C LEU D 135 4.11 -32.13 0.76
N ASP D 136 3.47 -32.44 1.90
CA ASP D 136 2.20 -33.16 1.86
C ASP D 136 1.09 -32.32 1.24
N ALA D 137 1.24 -30.98 1.24
CA ALA D 137 0.25 -30.11 0.61
C ALA D 137 0.12 -30.38 -0.89
N LEU D 138 1.20 -30.90 -1.53
CA LEU D 138 1.18 -31.25 -2.94
C LEU D 138 0.15 -32.35 -3.25
N LYS D 139 -0.28 -33.12 -2.24
CA LYS D 139 -1.17 -34.25 -2.44
C LYS D 139 -2.61 -33.85 -2.20
N ALA D 140 -2.86 -32.62 -1.71
CA ALA D 140 -4.22 -32.25 -1.36
C ALA D 140 -5.11 -32.09 -2.58
N ASP D 141 -6.40 -32.21 -2.33
CA ASP D 141 -7.45 -31.88 -3.27
C ASP D 141 -7.83 -30.43 -3.02
N PRO D 142 -7.63 -29.54 -4.01
CA PRO D 142 -7.94 -28.11 -3.85
C PRO D 142 -9.38 -27.82 -3.46
N ARG D 143 -10.33 -28.62 -3.97
CA ARG D 143 -11.73 -28.44 -3.62
C ARG D 143 -11.97 -28.86 -2.16
N LYS D 144 -11.40 -29.98 -1.70
CA LYS D 144 -11.56 -30.38 -0.31
C LYS D 144 -10.86 -29.38 0.63
N THR D 145 -9.81 -28.72 0.13
CA THR D 145 -9.11 -27.68 0.86
C THR D 145 -10.00 -26.47 1.04
N SER D 146 -10.68 -26.08 -0.05
CA SER D 146 -11.66 -25.01 -0.01
C SER D 146 -12.77 -25.33 0.99
N GLU D 147 -13.30 -26.56 0.94
CA GLU D 147 -14.39 -26.94 1.84
C GLU D 147 -13.92 -26.90 3.29
N LEU D 148 -12.68 -27.34 3.55
CA LEU D 148 -12.18 -27.30 4.91
C LEU D 148 -12.10 -25.86 5.43
N ALA D 149 -11.45 -25.00 4.64
CA ALA D 149 -11.26 -23.60 5.02
C ALA D 149 -12.59 -22.93 5.26
N GLN D 150 -13.59 -23.19 4.39
CA GLN D 150 -14.89 -22.58 4.52
C GLN D 150 -15.66 -23.10 5.73
N SER D 151 -15.33 -24.31 6.20
CA SER D 151 -15.96 -24.87 7.38
C SER D 151 -15.42 -24.23 8.66
N LEU D 152 -14.25 -23.56 8.56
CA LEU D 152 -13.52 -23.03 9.71
C LEU D 152 -13.56 -21.50 9.81
N SER D 153 -13.86 -20.81 8.70
CA SER D 153 -13.60 -19.37 8.67
C SER D 153 -14.42 -18.67 7.59
N SER D 154 -14.79 -17.41 7.88
CA SER D 154 -15.38 -16.49 6.92
CA SER D 154 -15.39 -16.51 6.89
C SER D 154 -14.35 -15.83 6.02
N TRP D 155 -13.06 -16.03 6.27
CA TRP D 155 -11.99 -15.39 5.48
C TRP D 155 -12.28 -15.52 4.00
N PRO D 156 -12.20 -14.42 3.22
CA PRO D 156 -12.62 -14.51 1.81
C PRO D 156 -11.84 -15.49 0.96
N LYS D 157 -10.51 -15.61 1.20
CA LYS D 157 -9.62 -16.25 0.24
C LYS D 157 -9.61 -17.75 0.43
N SER D 158 -10.62 -18.42 -0.14
CA SER D 158 -10.85 -19.83 0.09
C SER D 158 -11.28 -20.57 -1.18
N SER D 159 -11.21 -19.93 -2.37
CA SER D 159 -11.71 -20.58 -3.58
C SER D 159 -10.91 -21.83 -3.92
N PRO D 160 -11.53 -22.87 -4.55
CA PRO D 160 -10.75 -24.01 -5.05
C PRO D 160 -9.65 -23.55 -5.98
N GLY D 161 -9.92 -22.53 -6.81
CA GLY D 161 -8.93 -22.11 -7.77
C GLY D 161 -7.71 -21.49 -7.08
N TYR D 162 -7.95 -20.79 -5.97
CA TYR D 162 -6.89 -20.23 -5.18
C TYR D 162 -5.98 -21.35 -4.65
N PHE D 163 -6.59 -22.35 -4.01
CA PHE D 163 -5.82 -23.46 -3.44
C PHE D 163 -5.07 -24.21 -4.54
N PHE D 164 -5.69 -24.31 -5.72
CA PHE D 164 -5.01 -24.91 -6.85
C PHE D 164 -3.81 -24.09 -7.28
N ASP D 165 -3.98 -22.75 -7.39
CA ASP D 165 -2.89 -21.87 -7.75
C ASP D 165 -1.73 -21.96 -6.75
N VAL D 166 -2.06 -21.98 -5.45
CA VAL D 166 -1.03 -22.06 -4.40
C VAL D 166 -0.30 -23.39 -4.52
N GLN D 167 -1.07 -24.45 -4.74
CA GLN D 167 -0.50 -25.78 -4.89
C GLN D 167 0.42 -25.83 -6.11
N ASN D 168 0.04 -25.21 -7.23
CA ASN D 168 0.85 -25.19 -8.43
C ASN D 168 2.12 -24.35 -8.26
N ARG D 169 2.03 -23.28 -7.45
CA ARG D 169 3.21 -22.48 -7.12
C ARG D 169 4.24 -23.36 -6.37
N LEU D 170 3.76 -24.11 -5.39
CA LEU D 170 4.65 -25.04 -4.66
C LEU D 170 5.21 -26.12 -5.58
N LYS D 171 4.35 -26.69 -6.41
CA LYS D 171 4.79 -27.71 -7.37
C LYS D 171 5.92 -27.16 -8.23
N LYS D 172 5.76 -25.95 -8.77
CA LYS D 172 6.78 -25.34 -9.62
C LYS D 172 8.05 -25.06 -8.82
N PHE D 173 7.86 -24.63 -7.58
CA PHE D 173 8.98 -24.27 -6.74
C PHE D 173 9.92 -25.47 -6.57
N VAL D 174 9.33 -26.67 -6.39
CA VAL D 174 10.14 -27.82 -6.05
C VAL D 174 10.57 -28.58 -7.33
N GLU D 175 9.99 -28.23 -8.50
CA GLU D 175 10.14 -29.02 -9.72
C GLU D 175 11.59 -29.07 -10.19
N GLY D 176 12.39 -28.06 -9.89
CA GLY D 176 13.79 -27.98 -10.32
C GLY D 176 14.77 -28.56 -9.31
N GLY D 177 14.23 -29.16 -8.23
CA GLY D 177 15.04 -29.72 -7.17
C GLY D 177 15.67 -28.68 -6.26
N GLN D 178 15.24 -27.39 -6.32
CA GLN D 178 15.75 -26.35 -5.45
C GLN D 178 14.72 -26.10 -4.34
N LEU D 179 14.76 -26.92 -3.28
CA LEU D 179 13.69 -26.91 -2.29
C LEU D 179 13.91 -25.78 -1.27
N GLY D 180 15.06 -25.09 -1.31
CA GLY D 180 15.30 -23.92 -0.47
C GLY D 180 15.05 -24.22 1.01
N ILE D 181 14.21 -23.39 1.67
CA ILE D 181 13.95 -23.56 3.09
C ILE D 181 13.28 -24.89 3.40
N PHE D 182 12.74 -25.62 2.40
CA PHE D 182 12.11 -26.90 2.65
C PHE D 182 13.07 -28.07 2.53
N ARG D 183 14.32 -27.81 2.12
CA ARG D 183 15.25 -28.90 1.84
C ARG D 183 15.60 -29.65 3.12
N ASN D 184 15.57 -31.00 3.05
CA ASN D 184 16.07 -31.86 4.12
C ASN D 184 15.28 -31.59 5.41
N GLY D 185 13.99 -31.27 5.27
CA GLY D 185 13.07 -31.13 6.37
C GLY D 185 12.62 -32.50 6.87
N TYR D 186 11.67 -32.49 7.81
CA TYR D 186 11.20 -33.70 8.49
C TYR D 186 9.93 -34.27 7.86
N TRP D 187 9.61 -33.82 6.65
CA TRP D 187 8.38 -34.15 5.96
C TRP D 187 8.13 -35.66 5.98
N GLY D 188 6.90 -36.06 6.29
CA GLY D 188 6.54 -37.48 6.32
C GLY D 188 6.76 -38.12 7.69
N HIS D 189 7.37 -37.40 8.62
CA HIS D 189 7.56 -37.89 9.97
C HIS D 189 6.19 -38.28 10.53
N PRO D 190 6.09 -39.40 11.29
CA PRO D 190 4.81 -39.84 11.79
C PRO D 190 4.07 -38.86 12.69
N GLN D 191 4.78 -37.87 13.27
CA GLN D 191 4.11 -36.87 14.09
C GLN D 191 3.40 -35.78 13.29
N TYR D 192 3.62 -35.69 11.97
CA TYR D 192 2.79 -34.86 11.09
C TYR D 192 1.41 -35.50 10.97
N LYS D 193 0.38 -34.86 11.53
CA LYS D 193 -0.97 -35.43 11.63
C LYS D 193 -2.06 -34.71 10.84
N LEU D 194 -1.76 -33.54 10.24
CA LEU D 194 -2.77 -32.89 9.43
C LEU D 194 -3.06 -33.74 8.20
N PRO D 195 -4.32 -33.75 7.72
CA PRO D 195 -4.63 -34.28 6.40
C PRO D 195 -4.07 -33.37 5.30
N PRO D 196 -3.92 -33.87 4.06
CA PRO D 196 -3.29 -33.07 3.01
C PRO D 196 -3.98 -31.70 2.82
N GLU D 197 -5.31 -31.67 2.95
CA GLU D 197 -6.08 -30.45 2.73
CA GLU D 197 -6.06 -30.44 2.70
C GLU D 197 -5.73 -29.41 3.80
N ALA D 198 -5.51 -29.85 5.04
CA ALA D 198 -5.16 -28.92 6.10
C ALA D 198 -3.74 -28.42 5.88
N ASN D 199 -2.84 -29.26 5.33
CA ASN D 199 -1.49 -28.81 5.01
C ASN D 199 -1.53 -27.72 3.94
N LEU D 200 -2.34 -27.93 2.89
CA LEU D 200 -2.43 -26.94 1.82
C LEU D 200 -3.05 -25.65 2.36
N MET D 201 -4.09 -25.75 3.20
CA MET D 201 -4.68 -24.58 3.83
C MET D 201 -3.60 -23.83 4.64
N GLY D 202 -2.86 -24.54 5.47
CA GLY D 202 -1.85 -23.93 6.30
C GLY D 202 -0.74 -23.28 5.48
N PHE D 203 -0.28 -23.95 4.41
CA PHE D 203 0.75 -23.44 3.54
C PHE D 203 0.30 -22.16 2.81
N ALA D 204 -0.92 -22.14 2.28
CA ALA D 204 -1.49 -20.92 1.71
C ALA D 204 -1.42 -19.79 2.74
N HIS D 205 -1.77 -20.09 3.99
CA HIS D 205 -1.80 -19.09 5.05
C HIS D 205 -0.40 -18.63 5.44
N TYR D 206 0.59 -19.53 5.35
CA TYR D 206 1.99 -19.19 5.56
C TYR D 206 2.36 -18.05 4.61
N LEU D 207 1.98 -18.19 3.33
CA LEU D 207 2.33 -17.23 2.29
C LEU D 207 1.55 -15.94 2.50
N GLU D 208 0.25 -16.04 2.85
CA GLU D 208 -0.58 -14.88 3.13
C GLU D 208 -0.02 -14.09 4.32
N ALA D 209 0.47 -14.80 5.35
CA ALA D 209 1.02 -14.15 6.54
C ALA D 209 2.37 -13.48 6.25
N LEU D 210 3.20 -14.12 5.42
CA LEU D 210 4.46 -13.55 5.02
C LEU D 210 4.23 -12.20 4.34
N ASP D 211 3.24 -12.15 3.44
CA ASP D 211 2.86 -10.90 2.79
C ASP D 211 2.33 -9.93 3.86
N PHE D 212 1.35 -10.34 4.65
CA PHE D 212 0.56 -9.40 5.42
C PHE D 212 1.35 -8.79 6.56
N GLN D 213 2.29 -9.52 7.14
CA GLN D 213 3.02 -9.01 8.30
C GLN D 213 3.66 -7.65 8.00
N ARG D 214 4.14 -7.42 6.76
CA ARG D 214 4.78 -6.16 6.43
C ARG D 214 3.88 -4.95 6.67
N GLU D 215 2.55 -5.13 6.58
CA GLU D 215 1.61 -4.04 6.74
C GLU D 215 1.51 -3.60 8.19
N ILE D 216 1.60 -4.57 9.11
CA ILE D 216 1.28 -4.30 10.52
C ILE D 216 2.23 -3.23 11.05
N VAL D 217 3.49 -3.31 10.65
CA VAL D 217 4.53 -2.46 11.22
C VAL D 217 4.48 -1.05 10.63
N LYS D 218 3.57 -0.78 9.68
CA LYS D 218 3.34 0.59 9.25
C LYS D 218 2.94 1.47 10.42
N ILE D 219 2.29 0.92 11.45
CA ILE D 219 1.97 1.68 12.65
C ILE D 219 3.26 2.16 13.33
N HIS D 220 4.24 1.25 13.48
CA HIS D 220 5.57 1.65 13.96
C HIS D 220 6.17 2.75 13.11
N ALA D 221 6.02 2.68 11.78
CA ALA D 221 6.65 3.68 10.93
C ALA D 221 6.02 5.05 11.18
N VAL D 222 4.70 5.11 11.37
CA VAL D 222 4.05 6.39 11.59
C VAL D 222 4.56 7.03 12.90
N PHE D 223 4.52 6.31 14.01
CA PHE D 223 4.83 6.89 15.32
C PHE D 223 6.34 6.87 15.61
N GLY D 224 7.06 5.93 14.99
CA GLY D 224 8.47 5.67 15.35
C GLY D 224 9.42 5.72 14.17
N GLY D 225 8.97 6.18 13.00
CA GLY D 225 9.85 6.44 11.88
C GLY D 225 10.15 5.26 10.98
N LYS D 226 10.28 4.05 11.53
CA LYS D 226 10.73 2.91 10.77
C LYS D 226 10.52 1.63 11.57
N ASN D 227 10.43 0.51 10.85
CA ASN D 227 10.50 -0.81 11.45
C ASN D 227 11.28 -1.69 10.48
N PRO D 228 12.23 -2.53 10.95
CA PRO D 228 12.63 -2.61 12.38
C PRO D 228 13.31 -1.40 13.01
N HIS D 229 13.32 -1.42 14.36
CA HIS D 229 14.04 -0.51 15.23
C HIS D 229 13.52 0.92 15.10
N PRO D 230 12.26 1.19 15.54
CA PRO D 230 11.72 2.55 15.55
C PRO D 230 12.42 3.40 16.64
N ASN D 231 12.11 4.69 16.66
CA ASN D 231 12.72 5.67 17.55
C ASN D 231 11.74 6.02 18.66
N TRP D 232 12.34 6.46 19.79
CA TRP D 232 11.65 6.75 21.03
C TRP D 232 12.38 7.94 21.70
N ILE D 233 11.84 8.51 22.76
CA ILE D 233 12.60 9.42 23.62
C ILE D 233 12.27 9.18 25.09
N VAL D 234 13.27 9.47 25.93
CA VAL D 234 13.02 9.68 27.35
C VAL D 234 12.14 10.92 27.48
N GLY D 235 11.01 10.78 28.17
CA GLY D 235 10.05 11.88 28.29
C GLY D 235 8.79 11.68 27.45
N GLY D 236 8.78 10.73 26.49
CA GLY D 236 7.53 10.45 25.77
C GLY D 236 7.80 9.81 24.43
N MET D 237 7.39 10.48 23.35
CA MET D 237 7.68 10.07 21.98
C MET D 237 7.98 11.34 21.18
N PRO D 238 8.82 11.24 20.15
CA PRO D 238 9.20 12.38 19.34
C PRO D 238 8.22 12.75 18.22
N CYS D 239 7.18 11.92 18.07
CA CYS D 239 6.18 12.08 17.01
C CYS D 239 5.14 13.12 17.43
N ALA D 240 5.55 14.38 17.41
CA ALA D 240 4.69 15.50 17.76
C ALA D 240 3.42 15.50 16.90
N ILE D 241 2.30 15.89 17.53
CA ILE D 241 0.98 15.87 16.92
C ILE D 241 0.57 17.31 16.57
N ASN D 242 -0.06 17.42 15.41
CA ASN D 242 -0.67 18.64 14.93
C ASN D 242 -1.83 18.26 14.03
N ILE D 243 -3.07 18.46 14.51
CA ILE D 243 -4.27 18.10 13.73
C ILE D 243 -4.79 19.26 12.89
N ASP D 244 -4.80 20.48 13.46
CA ASP D 244 -5.64 21.56 12.92
C ASP D 244 -4.89 22.88 12.83
N GLU D 245 -3.55 22.84 12.83
CA GLU D 245 -2.77 24.06 12.75
C GLU D 245 -1.84 24.05 11.56
N SER D 246 -1.37 25.24 11.18
CA SER D 246 -0.37 25.35 10.12
C SER D 246 0.79 24.41 10.41
N GLY D 247 1.33 23.78 9.35
CA GLY D 247 2.46 22.90 9.47
C GLY D 247 2.08 21.49 9.92
N ALA D 248 0.79 21.11 9.91
CA ALA D 248 0.40 19.75 10.28
C ALA D 248 1.05 18.73 9.36
N VAL D 249 1.42 19.16 8.15
CA VAL D 249 2.12 18.30 7.18
C VAL D 249 3.46 17.81 7.74
N GLY D 250 3.96 18.49 8.78
CA GLY D 250 5.23 18.14 9.40
C GLY D 250 5.09 17.34 10.70
N ALA D 251 3.92 16.72 10.92
CA ALA D 251 3.60 16.13 12.22
C ALA D 251 2.61 14.98 12.03
N VAL D 252 2.30 14.31 13.14
CA VAL D 252 1.20 13.37 13.16
C VAL D 252 -0.09 14.15 13.02
N ASN D 253 -0.74 13.97 11.87
CA ASN D 253 -1.95 14.70 11.48
C ASN D 253 -3.08 13.72 11.19
N MET D 254 -4.23 14.23 10.72
CA MET D 254 -5.39 13.36 10.55
C MET D 254 -5.11 12.29 9.49
N GLU D 255 -4.36 12.61 8.44
CA GLU D 255 -4.05 11.63 7.40
C GLU D 255 -3.17 10.50 7.97
N ARG D 256 -2.17 10.85 8.80
CA ARG D 256 -1.33 9.83 9.43
CA ARG D 256 -1.33 9.83 9.43
C ARG D 256 -2.14 8.93 10.37
N LEU D 257 -3.04 9.56 11.15
CA LEU D 257 -3.88 8.76 12.04
C LEU D 257 -4.81 7.84 11.25
N ASN D 258 -5.33 8.31 10.13
CA ASN D 258 -6.16 7.51 9.26
C ASN D 258 -5.42 6.27 8.77
N LEU D 259 -4.14 6.44 8.40
CA LEU D 259 -3.33 5.31 7.99
C LEU D 259 -3.27 4.28 9.12
N VAL D 260 -2.98 4.75 10.34
CA VAL D 260 -2.95 3.85 11.51
C VAL D 260 -4.26 3.07 11.66
N GLN D 261 -5.40 3.76 11.59
CA GLN D 261 -6.70 3.09 11.73
C GLN D 261 -6.86 1.98 10.70
N SER D 262 -6.53 2.29 9.44
CA SER D 262 -6.67 1.31 8.37
CA SER D 262 -6.63 1.33 8.35
C SER D 262 -5.85 0.06 8.69
N ILE D 263 -4.62 0.23 9.19
CA ILE D 263 -3.79 -0.92 9.52
C ILE D 263 -4.37 -1.70 10.69
N ILE D 264 -4.90 -1.00 11.70
CA ILE D 264 -5.47 -1.71 12.84
C ILE D 264 -6.57 -2.66 12.38
N THR D 265 -7.50 -2.16 11.57
CA THR D 265 -8.65 -2.97 11.18
C THR D 265 -8.19 -4.20 10.39
N ARG D 266 -7.25 -4.01 9.46
CA ARG D 266 -6.76 -5.10 8.63
C ARG D 266 -6.05 -6.13 9.49
N THR D 267 -5.30 -5.67 10.52
CA THR D 267 -4.55 -6.54 11.40
C THR D 267 -5.50 -7.43 12.21
N ALA D 268 -6.51 -6.83 12.81
CA ALA D 268 -7.55 -7.59 13.52
C ALA D 268 -8.17 -8.62 12.60
N ASP D 269 -8.56 -8.22 11.40
CA ASP D 269 -9.25 -9.12 10.49
C ASP D 269 -8.36 -10.33 10.14
N PHE D 270 -7.07 -10.10 9.86
CA PHE D 270 -6.20 -11.20 9.45
C PHE D 270 -6.03 -12.18 10.63
N ILE D 271 -5.75 -11.65 11.82
CA ILE D 271 -5.54 -12.46 13.00
C ILE D 271 -6.80 -13.29 13.32
N ASN D 272 -7.96 -12.66 13.28
CA ASN D 272 -9.19 -13.30 13.73
C ASN D 272 -9.68 -14.36 12.74
N ASN D 273 -9.43 -14.15 11.44
CA ASN D 273 -10.04 -15.00 10.41
C ASN D 273 -9.03 -15.92 9.75
N VAL D 274 -7.72 -15.78 10.02
CA VAL D 274 -6.69 -16.64 9.44
C VAL D 274 -5.94 -17.35 10.56
N MET D 275 -5.31 -16.61 11.46
CA MET D 275 -4.44 -17.24 12.45
C MET D 275 -5.23 -17.98 13.53
N ILE D 276 -6.29 -17.38 14.04
CA ILE D 276 -7.09 -18.01 15.09
C ILE D 276 -7.63 -19.36 14.62
N PRO D 277 -8.35 -19.44 13.48
CA PRO D 277 -8.86 -20.73 13.04
C PRO D 277 -7.75 -21.73 12.72
N ASP D 278 -6.61 -21.26 12.21
CA ASP D 278 -5.50 -22.19 11.99
C ASP D 278 -4.93 -22.73 13.31
N ALA D 279 -4.88 -21.92 14.37
CA ALA D 279 -4.38 -22.39 15.65
C ALA D 279 -5.32 -23.47 16.19
N LEU D 280 -6.62 -23.21 16.09
CA LEU D 280 -7.61 -24.17 16.55
C LEU D 280 -7.50 -25.45 15.74
N ALA D 281 -7.28 -25.35 14.43
CA ALA D 281 -7.18 -26.53 13.58
C ALA D 281 -5.96 -27.37 13.97
N ILE D 282 -4.83 -26.74 14.19
CA ILE D 282 -3.66 -27.45 14.67
C ILE D 282 -4.01 -28.16 15.98
N GLY D 283 -4.72 -27.48 16.89
CA GLY D 283 -5.23 -28.12 18.09
C GLY D 283 -6.07 -29.37 17.80
N GLN D 284 -7.03 -29.26 16.87
CA GLN D 284 -7.96 -30.35 16.61
C GLN D 284 -7.22 -31.59 16.12
N PHE D 285 -6.18 -31.42 15.29
CA PHE D 285 -5.43 -32.51 14.67
C PHE D 285 -4.25 -33.00 15.51
N ASN D 286 -3.94 -32.35 16.64
CA ASN D 286 -2.74 -32.67 17.43
C ASN D 286 -3.05 -32.63 18.92
N LYS D 287 -4.21 -33.16 19.32
CA LYS D 287 -4.64 -33.09 20.71
C LYS D 287 -3.65 -33.76 21.67
N PRO D 288 -2.93 -34.84 21.30
CA PRO D 288 -1.93 -35.43 22.21
C PRO D 288 -0.88 -34.43 22.68
N TRP D 289 -0.65 -33.37 21.89
CA TRP D 289 0.35 -32.37 22.26
C TRP D 289 -0.20 -31.43 23.33
N SER D 290 -1.46 -31.60 23.75
CA SER D 290 -1.97 -30.94 24.96
C SER D 290 -1.45 -31.60 26.25
N GLU D 291 -0.76 -32.74 26.13
CA GLU D 291 -0.18 -33.47 27.27
C GLU D 291 1.34 -33.65 27.15
N ILE D 292 1.98 -32.97 26.20
CA ILE D 292 3.41 -33.01 25.96
C ILE D 292 3.99 -31.62 26.22
N GLY D 293 5.17 -31.56 26.84
CA GLY D 293 5.90 -30.32 27.02
C GLY D 293 5.34 -29.43 28.11
N THR D 294 4.68 -30.02 29.10
CA THR D 294 4.11 -29.23 30.19
C THR D 294 5.22 -28.43 30.87
N GLY D 295 6.33 -29.08 31.20
CA GLY D 295 7.42 -28.43 31.91
C GLY D 295 6.97 -27.75 33.21
N LEU D 296 7.42 -26.50 33.38
CA LEU D 296 7.12 -25.74 34.57
C LEU D 296 5.72 -25.11 34.56
N SER D 297 4.98 -25.25 33.44
CA SER D 297 3.74 -24.51 33.25
C SER D 297 2.63 -24.96 34.19
N ASP D 298 2.78 -26.12 34.85
CA ASP D 298 1.83 -26.51 35.89
C ASP D 298 2.43 -26.36 37.30
N LYS D 299 3.55 -25.64 37.40
CA LYS D 299 4.24 -25.43 38.67
C LYS D 299 4.53 -23.95 38.97
N CYS D 300 5.33 -23.30 38.10
CA CYS D 300 5.80 -21.95 38.35
C CYS D 300 5.71 -21.09 37.08
N VAL D 301 4.92 -20.03 37.15
CA VAL D 301 4.77 -19.09 36.03
C VAL D 301 4.84 -17.66 36.52
N LEU D 302 5.30 -16.76 35.63
CA LEU D 302 5.64 -15.40 36.01
C LEU D 302 5.24 -14.41 34.90
N SER D 303 4.59 -13.33 35.35
CA SER D 303 4.31 -12.14 34.57
C SER D 303 4.60 -10.91 35.41
N TYR D 304 5.25 -9.91 34.81
CA TYR D 304 5.40 -8.62 35.46
C TYR D 304 4.17 -7.74 35.25
N GLY D 305 3.46 -8.00 34.15
CA GLY D 305 2.35 -7.15 33.71
C GLY D 305 2.79 -6.07 32.74
N ALA D 306 1.82 -5.53 31.98
CA ALA D 306 2.13 -4.60 30.91
C ALA D 306 0.92 -3.74 30.54
N PHE D 307 1.18 -2.76 29.67
CA PHE D 307 0.15 -1.89 29.11
C PHE D 307 -0.51 -1.04 30.20
N PRO D 308 0.24 -0.17 30.89
CA PRO D 308 -0.37 0.71 31.88
C PRO D 308 -1.37 1.64 31.20
N ASP D 309 -2.63 1.56 31.59
CA ASP D 309 -3.70 2.37 30.98
C ASP D 309 -3.78 3.76 31.61
N ILE D 310 -3.33 3.87 32.86
CA ILE D 310 -3.24 5.13 33.57
C ILE D 310 -1.81 5.58 33.42
N ALA D 311 -1.58 6.68 32.71
CA ALA D 311 -0.22 7.09 32.37
C ALA D 311 0.64 7.20 33.63
N ASN D 312 1.84 6.60 33.57
CA ASN D 312 2.86 6.65 34.63
C ASN D 312 2.44 5.92 35.91
N ASP D 313 1.38 5.13 35.86
CA ASP D 313 0.95 4.28 36.96
C ASP D 313 1.21 2.85 36.53
N PHE D 314 2.17 2.18 37.18
CA PHE D 314 2.50 0.81 36.87
C PHE D 314 1.89 -0.19 37.85
N GLY D 315 0.88 0.24 38.61
CA GLY D 315 0.19 -0.63 39.56
C GLY D 315 -0.84 -1.54 38.92
N GLU D 316 -1.39 -2.44 39.75
CA GLU D 316 -2.38 -3.43 39.35
C GLU D 316 -3.67 -2.82 38.78
N LYS D 317 -4.08 -1.63 39.25
CA LYS D 317 -5.30 -1.00 38.74
C LYS D 317 -5.10 -0.43 37.33
N SER D 318 -3.85 -0.26 36.93
CA SER D 318 -3.49 0.37 35.67
C SER D 318 -3.16 -0.64 34.59
N LEU D 319 -2.38 -1.69 34.91
CA LEU D 319 -1.84 -2.58 33.88
C LEU D 319 -2.98 -3.39 33.25
N LEU D 320 -3.17 -3.31 31.93
CA LEU D 320 -4.22 -4.05 31.23
C LEU D 320 -3.85 -5.53 31.07
N MET D 321 -2.54 -5.83 31.03
CA MET D 321 -2.07 -7.21 31.02
C MET D 321 -1.57 -7.49 32.43
N PRO D 322 -2.26 -8.36 33.21
CA PRO D 322 -1.92 -8.58 34.61
C PRO D 322 -0.51 -9.12 34.87
N GLY D 323 0.03 -8.72 36.02
CA GLY D 323 1.26 -9.23 36.62
C GLY D 323 0.97 -10.21 37.76
N GLY D 324 1.92 -11.09 38.05
CA GLY D 324 1.84 -11.98 39.20
C GLY D 324 2.68 -13.22 38.98
N ALA D 325 2.90 -13.94 40.10
CA ALA D 325 3.68 -15.18 40.09
C ALA D 325 2.90 -16.29 40.78
N VAL D 326 2.99 -17.48 40.21
CA VAL D 326 2.51 -18.72 40.82
C VAL D 326 3.72 -19.64 41.03
N ILE D 327 3.77 -20.27 42.21
CA ILE D 327 4.79 -21.27 42.51
C ILE D 327 4.08 -22.50 43.10
N ASN D 328 4.80 -23.62 43.10
CA ASN D 328 4.39 -24.88 43.74
C ASN D 328 3.07 -25.37 43.17
N GLY D 329 2.75 -24.99 41.92
CA GLY D 329 1.49 -25.35 41.31
C GLY D 329 0.27 -24.81 42.01
N ASP D 330 0.42 -23.76 42.82
CA ASP D 330 -0.70 -23.22 43.59
C ASP D 330 -1.27 -22.00 42.84
N PHE D 331 -2.14 -22.28 41.86
CA PHE D 331 -2.75 -21.25 41.01
C PHE D 331 -3.84 -20.48 41.73
N ASN D 332 -4.14 -20.88 42.97
CA ASN D 332 -5.05 -20.19 43.87
C ASN D 332 -4.36 -19.01 44.57
N ASN D 333 -3.01 -18.92 44.43
CA ASN D 333 -2.20 -17.93 45.13
C ASN D 333 -1.32 -17.18 44.13
N VAL D 334 -1.94 -16.24 43.40
CA VAL D 334 -1.17 -15.38 42.53
C VAL D 334 -0.51 -14.31 43.39
N LEU D 335 0.82 -14.33 43.39
CA LEU D 335 1.64 -13.53 44.27
C LEU D 335 2.05 -12.24 43.56
N PRO D 336 2.14 -11.11 44.28
CA PRO D 336 2.60 -9.86 43.68
C PRO D 336 4.10 -9.88 43.52
N VAL D 337 4.57 -9.24 42.44
CA VAL D 337 5.96 -9.15 42.06
C VAL D 337 6.48 -7.75 42.31
N ASP D 338 7.66 -7.65 42.93
CA ASP D 338 8.31 -6.38 43.18
C ASP D 338 9.71 -6.50 42.60
N LEU D 339 10.02 -5.69 41.60
CA LEU D 339 11.31 -5.80 40.91
C LEU D 339 12.44 -5.05 41.64
N VAL D 340 12.16 -4.35 42.73
CA VAL D 340 13.19 -3.75 43.56
C VAL D 340 13.59 -4.70 44.70
N ASP D 341 12.73 -5.66 45.07
CA ASP D 341 12.99 -6.54 46.21
C ASP D 341 14.19 -7.45 45.90
N PRO D 342 15.32 -7.34 46.65
CA PRO D 342 16.51 -8.14 46.34
C PRO D 342 16.28 -9.64 46.53
N GLN D 343 15.20 -10.02 47.23
CA GLN D 343 14.96 -11.44 47.45
CA GLN D 343 14.88 -11.42 47.50
C GLN D 343 14.06 -12.03 46.37
N GLN D 344 13.58 -11.21 45.40
CA GLN D 344 12.71 -11.76 44.36
C GLN D 344 13.51 -12.16 43.12
N VAL D 345 13.75 -11.23 42.17
CA VAL D 345 14.48 -11.60 40.97
C VAL D 345 15.97 -11.61 41.25
N GLN D 346 16.59 -12.78 41.00
CA GLN D 346 18.03 -12.95 41.15
C GLN D 346 18.55 -13.75 39.96
N GLU D 347 19.79 -13.51 39.57
CA GLU D 347 20.40 -14.32 38.52
C GLU D 347 21.60 -15.07 39.10
N PHE D 348 21.72 -16.33 38.69
CA PHE D 348 22.82 -17.21 39.04
C PHE D 348 23.67 -17.45 37.81
N VAL D 349 24.97 -17.73 38.02
CA VAL D 349 25.88 -18.00 36.92
C VAL D 349 26.75 -19.24 37.15
N ASP D 350 26.44 -20.07 38.17
CA ASP D 350 27.27 -21.26 38.42
C ASP D 350 27.31 -22.16 37.17
N HIS D 351 26.28 -22.14 36.32
CA HIS D 351 26.24 -22.96 35.13
C HIS D 351 26.29 -22.11 33.85
N ALA D 352 26.78 -20.86 33.95
CA ALA D 352 26.89 -19.95 32.83
C ALA D 352 28.31 -19.42 32.70
N TRP D 353 28.63 -18.86 31.52
CA TRP D 353 29.96 -18.36 31.23
C TRP D 353 30.20 -16.92 31.69
N TYR D 354 30.20 -16.72 33.03
CA TYR D 354 30.34 -15.44 33.70
C TYR D 354 31.11 -15.65 35.00
N ARG D 355 31.72 -14.60 35.54
CA ARG D 355 32.34 -14.62 36.86
C ARG D 355 31.47 -13.88 37.85
N TYR D 356 31.24 -14.50 39.02
CA TYR D 356 30.71 -13.83 40.20
C TYR D 356 31.71 -14.00 41.34
N PRO D 357 31.72 -13.08 42.31
CA PRO D 357 32.48 -13.33 43.55
C PRO D 357 32.07 -14.60 44.28
N ASN D 358 30.77 -14.91 44.31
CA ASN D 358 30.29 -16.19 44.82
C ASN D 358 29.24 -16.76 43.87
N ASP D 359 29.59 -17.81 43.13
CA ASP D 359 28.70 -18.36 42.11
C ASP D 359 27.67 -19.29 42.72
N GLN D 360 27.67 -19.50 44.05
CA GLN D 360 26.63 -20.27 44.69
C GLN D 360 25.47 -19.42 45.19
N VAL D 361 25.46 -18.12 44.87
CA VAL D 361 24.34 -17.26 45.26
C VAL D 361 23.86 -16.50 44.04
N GLY D 362 22.63 -16.02 44.10
CA GLY D 362 22.04 -15.23 43.04
C GLY D 362 22.19 -13.74 43.33
N ARG D 363 22.26 -12.93 42.28
CA ARG D 363 22.38 -11.49 42.44
C ARG D 363 21.18 -10.77 41.78
N HIS D 364 20.50 -9.95 42.56
CA HIS D 364 19.43 -9.06 42.07
C HIS D 364 20.07 -8.11 41.05
N PRO D 365 19.35 -7.72 39.98
CA PRO D 365 20.02 -6.93 38.93
C PRO D 365 20.64 -5.60 39.33
N PHE D 366 20.17 -4.92 40.39
CA PHE D 366 20.85 -3.74 40.89
C PHE D 366 22.24 -4.08 41.45
N ASP D 367 22.47 -5.36 41.77
CA ASP D 367 23.80 -5.85 42.15
C ASP D 367 24.40 -6.71 41.04
N GLY D 368 23.87 -6.61 39.81
CA GLY D 368 24.23 -7.51 38.72
C GLY D 368 25.67 -7.29 38.30
N ILE D 369 26.27 -8.33 37.71
CA ILE D 369 27.62 -8.33 37.20
C ILE D 369 27.60 -9.10 35.88
N THR D 370 28.23 -8.52 34.86
CA THR D 370 28.37 -9.14 33.55
C THR D 370 29.84 -9.15 33.16
N ASP D 371 30.52 -10.23 33.63
CA ASP D 371 31.96 -10.38 33.48
C ASP D 371 32.15 -11.70 32.74
N PRO D 372 32.19 -11.64 31.40
CA PRO D 372 32.14 -12.85 30.60
C PRO D 372 33.37 -13.71 30.85
N TRP D 373 33.15 -15.03 30.88
CA TRP D 373 34.18 -16.01 31.16
C TRP D 373 33.83 -17.28 30.42
N TYR D 374 34.41 -17.47 29.26
CA TYR D 374 34.14 -18.66 28.47
C TYR D 374 34.94 -19.82 29.04
N ASN D 375 34.24 -20.71 29.76
CA ASN D 375 34.87 -21.81 30.50
C ASN D 375 33.96 -23.01 30.44
N PRO D 376 33.98 -23.76 29.32
CA PRO D 376 33.10 -24.90 29.18
C PRO D 376 33.64 -26.14 29.92
N GLY D 377 34.87 -26.06 30.44
CA GLY D 377 35.39 -27.15 31.26
C GLY D 377 35.51 -28.47 30.49
N ASP D 378 35.14 -29.57 31.17
CA ASP D 378 35.45 -30.91 30.70
C ASP D 378 34.37 -31.39 29.73
N VAL D 379 34.35 -30.78 28.53
CA VAL D 379 33.45 -31.16 27.46
C VAL D 379 33.99 -32.43 26.81
N LYS D 380 33.10 -33.13 26.11
CA LYS D 380 33.52 -34.06 25.08
C LYS D 380 33.95 -33.19 23.92
N GLY D 381 35.19 -33.37 23.51
CA GLY D 381 35.83 -32.49 22.55
C GLY D 381 36.75 -31.51 23.24
N SER D 382 36.73 -30.22 22.80
CA SER D 382 37.59 -29.17 23.30
C SER D 382 36.81 -27.83 23.37
N ASP D 383 37.46 -26.81 23.89
CA ASP D 383 36.78 -25.53 24.09
C ASP D 383 36.41 -24.87 22.77
N THR D 384 37.04 -25.24 21.63
CA THR D 384 36.69 -24.66 20.34
C THR D 384 36.08 -25.72 19.41
N ASN D 385 35.81 -26.90 19.97
CA ASN D 385 35.20 -27.95 19.19
C ASN D 385 34.37 -28.85 20.09
N ILE D 386 33.20 -28.36 20.47
CA ILE D 386 32.38 -28.99 21.48
C ILE D 386 31.57 -30.13 20.83
N GLN D 387 31.79 -31.38 21.29
CA GLN D 387 30.93 -32.49 20.92
C GLN D 387 29.78 -32.62 21.92
N GLN D 388 30.08 -32.46 23.22
CA GLN D 388 29.08 -32.48 24.27
C GLN D 388 29.47 -31.48 25.36
N LEU D 389 28.55 -30.55 25.63
CA LEU D 389 28.62 -29.64 26.78
C LEU D 389 28.66 -30.49 28.04
N ASN D 390 29.29 -29.95 29.08
CA ASN D 390 29.21 -30.56 30.39
C ASN D 390 28.26 -29.77 31.29
N GLU D 391 27.03 -30.27 31.38
CA GLU D 391 25.96 -29.62 32.12
C GLU D 391 26.19 -29.66 33.63
N GLN D 392 27.20 -30.42 34.09
CA GLN D 392 27.59 -30.39 35.49
C GLN D 392 28.42 -29.14 35.79
N GLU D 393 28.91 -28.43 34.77
CA GLU D 393 29.57 -27.16 35.00
C GLU D 393 28.96 -26.08 34.11
N ARG D 394 29.77 -25.16 33.58
CA ARG D 394 29.23 -24.00 32.87
C ARG D 394 28.95 -24.40 31.43
N TYR D 395 27.74 -24.08 30.92
CA TYR D 395 27.32 -24.61 29.63
C TYR D 395 26.50 -23.63 28.78
N SER D 396 26.57 -22.32 29.04
CA SER D 396 25.67 -21.38 28.37
C SER D 396 26.14 -19.94 28.50
N TRP D 397 25.82 -19.09 27.49
CA TRP D 397 25.95 -17.65 27.60
C TRP D 397 24.74 -17.04 28.30
N ILE D 398 23.74 -17.84 28.66
CA ILE D 398 22.54 -17.35 29.32
C ILE D 398 22.69 -17.41 30.84
N LYS D 399 22.40 -16.33 31.56
CA LYS D 399 22.35 -16.38 33.03
C LYS D 399 21.07 -17.10 33.46
N ALA D 400 21.02 -17.52 34.74
CA ALA D 400 19.92 -18.31 35.26
C ALA D 400 19.09 -17.45 36.20
N PRO D 401 18.00 -16.81 35.75
CA PRO D 401 17.15 -16.04 36.66
C PRO D 401 16.24 -16.98 37.44
N ARG D 402 15.92 -16.58 38.68
CA ARG D 402 14.97 -17.27 39.52
C ARG D 402 14.15 -16.21 40.22
N TRP D 403 12.96 -16.60 40.71
CA TRP D 403 12.09 -15.69 41.44
C TRP D 403 11.88 -16.30 42.84
N ARG D 404 12.36 -15.62 43.87
CA ARG D 404 12.43 -16.17 45.22
C ARG D 404 13.03 -17.57 45.21
N GLY D 405 14.04 -17.78 44.36
CA GLY D 405 14.75 -19.05 44.26
C GLY D 405 14.05 -20.08 43.38
N ASN D 406 12.87 -19.76 42.86
CA ASN D 406 12.09 -20.71 42.07
C ASN D 406 12.38 -20.53 40.58
N ALA D 407 12.41 -21.64 39.83
CA ALA D 407 12.54 -21.62 38.37
C ALA D 407 11.16 -21.44 37.75
N MET D 408 11.02 -20.41 36.87
CA MET D 408 9.72 -19.95 36.39
C MET D 408 9.64 -20.06 34.88
N GLU D 409 8.45 -20.30 34.35
CA GLU D 409 8.16 -20.12 32.93
C GLU D 409 7.50 -18.76 32.71
N VAL D 410 7.91 -18.06 31.63
CA VAL D 410 7.35 -16.76 31.24
C VAL D 410 6.80 -16.87 29.82
N GLY D 411 6.02 -15.88 29.37
CA GLY D 411 5.51 -15.83 28.00
C GLY D 411 3.99 -15.97 27.94
N PRO D 412 3.43 -16.18 26.72
CA PRO D 412 1.97 -16.13 26.53
C PRO D 412 1.18 -17.10 27.42
N LEU D 413 1.64 -18.36 27.53
CA LEU D 413 0.98 -19.31 28.43
C LEU D 413 1.03 -18.83 29.88
N ALA D 414 2.23 -18.41 30.35
CA ALA D 414 2.37 -17.89 31.69
C ALA D 414 1.38 -16.76 31.96
N ARG D 415 1.34 -15.77 31.05
CA ARG D 415 0.43 -14.65 31.21
C ARG D 415 -1.02 -15.10 31.25
N THR D 416 -1.37 -16.01 30.32
CA THR D 416 -2.74 -16.49 30.22
C THR D 416 -3.15 -17.10 31.57
N LEU D 417 -2.26 -17.94 32.12
CA LEU D 417 -2.53 -18.59 33.41
C LEU D 417 -2.70 -17.55 34.52
N ILE D 418 -1.84 -16.55 34.57
CA ILE D 418 -1.91 -15.53 35.62
C ILE D 418 -3.23 -14.78 35.46
N ALA D 419 -3.53 -14.29 34.25
CA ALA D 419 -4.75 -13.53 34.04
C ALA D 419 -5.98 -14.36 34.38
N TYR D 420 -5.99 -15.63 33.92
CA TYR D 420 -7.10 -16.55 34.17
C TYR D 420 -7.37 -16.67 35.67
N HIS D 421 -6.28 -16.90 36.44
CA HIS D 421 -6.41 -17.23 37.85
C HIS D 421 -6.59 -15.99 38.70
N LYS D 422 -6.28 -14.80 38.15
CA LYS D 422 -6.67 -13.55 38.79
C LYS D 422 -8.13 -13.20 38.50
N GLY D 423 -8.79 -13.91 37.57
CA GLY D 423 -10.20 -13.69 37.27
C GLY D 423 -10.45 -12.57 36.25
N ASP D 424 -9.48 -12.32 35.36
CA ASP D 424 -9.71 -11.43 34.23
C ASP D 424 -10.83 -11.99 33.37
N ALA D 425 -11.97 -11.29 33.28
CA ALA D 425 -13.17 -11.82 32.62
C ALA D 425 -12.88 -12.19 31.16
N ALA D 426 -12.19 -11.32 30.44
CA ALA D 426 -11.95 -11.58 29.01
C ALA D 426 -11.08 -12.83 28.83
N THR D 427 -10.03 -12.98 29.65
CA THR D 427 -9.15 -14.14 29.52
C THR D 427 -9.90 -15.44 29.86
N VAL D 428 -10.67 -15.40 30.95
CA VAL D 428 -11.45 -16.58 31.34
C VAL D 428 -12.37 -16.98 30.18
N GLU D 429 -13.12 -16.01 29.62
CA GLU D 429 -14.05 -16.33 28.54
C GLU D 429 -13.30 -16.91 27.34
N SER D 430 -12.20 -16.26 26.94
CA SER D 430 -11.43 -16.71 25.77
C SER D 430 -10.93 -18.13 25.96
N VAL D 431 -10.25 -18.36 27.09
CA VAL D 431 -9.65 -19.67 27.33
C VAL D 431 -10.73 -20.76 27.40
N ASP D 432 -11.81 -20.48 28.15
CA ASP D 432 -12.87 -21.47 28.33
C ASP D 432 -13.48 -21.83 26.97
N ARG D 433 -13.71 -20.82 26.12
CA ARG D 433 -14.34 -21.07 24.83
C ARG D 433 -13.41 -21.87 23.94
N MET D 434 -12.12 -21.57 24.00
CA MET D 434 -11.13 -22.25 23.17
C MET D 434 -11.00 -23.74 23.55
N MET D 435 -10.92 -24.01 24.85
CA MET D 435 -10.74 -25.38 25.31
C MET D 435 -12.03 -26.15 25.13
N SER D 436 -13.20 -25.48 25.27
CA SER D 436 -14.49 -26.12 24.98
C SER D 436 -14.56 -26.58 23.52
N ALA D 437 -14.09 -25.72 22.60
CA ALA D 437 -14.11 -26.01 21.17
C ALA D 437 -13.24 -27.23 20.86
N LEU D 438 -12.13 -27.40 21.58
CA LEU D 438 -11.26 -28.56 21.41
C LEU D 438 -11.72 -29.79 22.22
N ASN D 439 -12.74 -29.65 23.05
CA ASN D 439 -13.12 -30.71 23.98
C ASN D 439 -11.92 -31.19 24.81
N LEU D 440 -11.16 -30.20 25.34
CA LEU D 440 -10.03 -30.47 26.21
C LEU D 440 -10.21 -29.75 27.53
N PRO D 441 -9.69 -30.35 28.62
CA PRO D 441 -9.72 -29.73 29.94
C PRO D 441 -8.83 -28.49 29.94
N LEU D 442 -9.06 -27.59 30.91
CA LEU D 442 -8.24 -26.41 31.08
C LEU D 442 -6.76 -26.77 31.20
N SER D 443 -6.43 -27.89 31.86
CA SER D 443 -5.07 -28.38 32.00
C SER D 443 -4.36 -28.56 30.66
N GLY D 444 -5.11 -28.74 29.58
CA GLY D 444 -4.54 -28.93 28.25
C GLY D 444 -3.79 -27.71 27.73
N ILE D 445 -4.00 -26.53 28.33
CA ILE D 445 -3.22 -25.36 27.92
C ILE D 445 -1.79 -25.43 28.46
N GLN D 446 -1.58 -26.20 29.54
CA GLN D 446 -0.28 -26.33 30.15
C GLN D 446 0.48 -27.40 29.39
N SER D 447 1.02 -26.98 28.25
CA SER D 447 1.53 -27.91 27.26
C SER D 447 2.17 -27.18 26.09
N THR D 448 2.91 -27.92 25.26
CA THR D 448 3.45 -27.35 24.02
C THR D 448 2.32 -26.82 23.13
N LEU D 449 1.23 -27.58 22.96
CA LEU D 449 0.12 -27.11 22.14
C LEU D 449 -0.48 -25.85 22.77
N GLY D 450 -0.61 -25.84 24.11
CA GLY D 450 -1.19 -24.72 24.81
C GLY D 450 -0.38 -23.43 24.61
N ARG D 451 0.95 -23.52 24.52
CA ARG D 451 1.76 -22.34 24.31
C ARG D 451 1.41 -21.67 22.96
N ILE D 452 1.15 -22.50 21.96
CA ILE D 452 0.76 -22.04 20.62
C ILE D 452 -0.64 -21.43 20.66
N LEU D 453 -1.60 -22.12 21.29
CA LEU D 453 -2.96 -21.61 21.41
C LEU D 453 -2.98 -20.26 22.12
N CYS D 454 -2.24 -20.15 23.23
CA CYS D 454 -2.25 -18.92 24.00
C CYS D 454 -1.61 -17.77 23.18
N ARG D 455 -0.57 -18.06 22.40
CA ARG D 455 0.08 -17.05 21.57
C ARG D 455 -0.90 -16.49 20.54
N ALA D 456 -1.66 -17.35 19.88
CA ALA D 456 -2.67 -16.91 18.93
C ALA D 456 -3.76 -16.10 19.63
N HIS D 457 -4.28 -16.57 20.78
N HIS D 457 -4.19 -16.50 20.80
CA HIS D 457 -5.22 -15.82 21.63
CA HIS D 457 -5.27 -15.76 21.45
C HIS D 457 -4.69 -14.40 21.87
C HIS D 457 -4.74 -14.42 22.02
N GLU D 458 -3.44 -14.29 22.28
CA GLU D 458 -2.85 -13.01 22.68
C GLU D 458 -2.78 -12.07 21.46
N ALA D 459 -2.49 -12.59 20.27
CA ALA D 459 -2.50 -11.76 19.07
C ALA D 459 -3.90 -11.16 18.88
N GLN D 460 -4.95 -11.94 19.08
CA GLN D 460 -6.31 -11.43 19.01
C GLN D 460 -6.58 -10.38 20.08
N TRP D 461 -6.11 -10.66 21.30
CA TRP D 461 -6.24 -9.72 22.40
C TRP D 461 -5.58 -8.39 22.08
N ALA D 462 -4.36 -8.44 21.54
CA ALA D 462 -3.58 -7.25 21.28
C ALA D 462 -4.19 -6.43 20.14
N ALA D 463 -4.75 -7.13 19.13
CA ALA D 463 -5.44 -6.47 18.03
C ALA D 463 -6.63 -5.67 18.53
N GLY D 464 -7.39 -6.22 19.46
CA GLY D 464 -8.49 -5.50 20.09
C GLY D 464 -7.98 -4.28 20.86
N LYS D 465 -6.93 -4.49 21.66
CA LYS D 465 -6.38 -3.39 22.46
C LYS D 465 -5.88 -2.26 21.56
N LEU D 466 -5.34 -2.59 20.37
CA LEU D 466 -4.91 -1.55 19.42
C LEU D 466 -6.02 -0.55 19.15
N GLN D 467 -7.24 -1.03 18.87
CA GLN D 467 -8.34 -0.14 18.59
C GLN D 467 -8.67 0.67 19.85
N TYR D 468 -8.68 0.00 21.02
CA TYR D 468 -8.95 0.69 22.27
C TYR D 468 -8.00 1.87 22.48
N PHE D 469 -6.70 1.64 22.30
CA PHE D 469 -5.69 2.67 22.46
C PHE D 469 -5.87 3.78 21.41
N PHE D 470 -6.12 3.39 20.15
CA PHE D 470 -6.33 4.39 19.11
C PHE D 470 -7.48 5.32 19.49
N ASP D 471 -8.60 4.73 19.93
CA ASP D 471 -9.77 5.51 20.33
C ASP D 471 -9.45 6.45 21.48
N LYS D 472 -8.62 6.00 22.43
CA LYS D 472 -8.25 6.81 23.58
CA LYS D 472 -8.26 6.84 23.57
C LYS D 472 -7.42 8.02 23.11
N LEU D 473 -6.50 7.78 22.17
CA LEU D 473 -5.70 8.86 21.59
C LEU D 473 -6.63 9.86 20.92
N MET D 474 -7.56 9.38 20.08
CA MET D 474 -8.46 10.31 19.36
C MET D 474 -9.35 11.13 20.33
N THR D 475 -9.78 10.48 21.42
CA THR D 475 -10.55 11.17 22.45
C THR D 475 -9.76 12.36 22.99
N ASN D 476 -8.49 12.13 23.32
CA ASN D 476 -7.64 13.22 23.79
C ASN D 476 -7.52 14.32 22.75
N LEU D 477 -7.28 13.97 21.47
CA LEU D 477 -7.08 14.99 20.45
C LEU D 477 -8.37 15.81 20.25
N LYS D 478 -9.51 15.16 20.34
CA LYS D 478 -10.80 15.88 20.22
C LYS D 478 -10.94 16.89 21.36
N ASN D 479 -10.30 16.62 22.51
CA ASN D 479 -10.36 17.50 23.72
C ASN D 479 -9.20 18.52 23.74
N GLY D 480 -8.43 18.57 22.68
CA GLY D 480 -7.34 19.51 22.56
C GLY D 480 -6.14 19.14 23.44
N ASN D 481 -6.01 17.86 23.79
CA ASN D 481 -4.90 17.33 24.54
C ASN D 481 -3.92 16.70 23.55
N LEU D 482 -2.87 17.44 23.19
CA LEU D 482 -1.98 17.03 22.11
C LEU D 482 -0.59 16.63 22.62
N ALA D 483 -0.25 16.86 23.89
CA ALA D 483 1.13 16.75 24.32
C ALA D 483 1.68 15.32 24.14
N THR D 484 2.94 15.21 23.67
CA THR D 484 3.58 13.94 23.48
C THR D 484 4.93 13.83 24.22
N ALA D 485 5.43 14.91 24.82
CA ALA D 485 6.71 14.84 25.53
C ALA D 485 6.71 15.74 26.76
N SER D 486 7.36 15.24 27.83
CA SER D 486 7.73 16.03 29.00
CA SER D 486 7.73 16.02 29.01
C SER D 486 9.24 16.26 28.95
N THR D 487 9.64 17.53 28.97
CA THR D 487 11.04 17.90 28.79
C THR D 487 11.62 18.66 30.01
N GLU D 488 10.89 18.74 31.13
CA GLU D 488 11.34 19.52 32.26
CA GLU D 488 11.31 19.50 32.30
C GLU D 488 12.56 18.87 32.92
N LYS D 489 12.78 17.55 32.68
CA LYS D 489 13.98 16.88 33.17
C LYS D 489 14.78 16.27 32.02
N TRP D 490 14.75 16.86 30.84
CA TRP D 490 15.53 16.37 29.71
C TRP D 490 17.01 16.62 29.97
N GLU D 491 17.36 17.80 30.50
CA GLU D 491 18.75 18.17 30.66
C GLU D 491 19.38 17.45 31.85
N PRO D 492 20.58 16.86 31.69
CA PRO D 492 21.24 16.14 32.78
C PRO D 492 21.39 16.93 34.08
N ALA D 493 21.53 18.26 34.02
CA ALA D 493 21.67 19.03 35.25
C ALA D 493 20.45 18.93 36.14
N THR D 494 19.28 18.57 35.61
CA THR D 494 18.06 18.45 36.39
C THR D 494 17.91 17.10 37.08
N TRP D 495 18.77 16.11 36.76
CA TRP D 495 18.61 14.78 37.29
C TRP D 495 19.19 14.66 38.71
N PRO D 496 18.76 13.68 39.51
CA PRO D 496 19.47 13.36 40.76
C PRO D 496 20.91 13.04 40.41
N THR D 497 21.85 13.45 41.25
CA THR D 497 23.24 13.04 41.10
C THR D 497 23.40 11.52 41.12
N GLU D 498 22.59 10.85 41.92
CA GLU D 498 22.58 9.40 42.00
C GLU D 498 21.15 8.92 42.11
N CYS D 499 20.76 7.99 41.21
CA CYS D 499 19.39 7.48 41.23
C CYS D 499 19.35 6.16 40.46
N ARG D 500 18.31 5.38 40.71
CA ARG D 500 18.17 4.11 40.00
CA ARG D 500 18.16 4.10 40.03
C ARG D 500 16.69 3.87 39.70
N GLY D 501 16.45 3.07 38.67
CA GLY D 501 15.09 2.81 38.24
C GLY D 501 14.93 1.43 37.62
N VAL D 502 13.66 1.02 37.54
CA VAL D 502 13.29 -0.23 36.90
C VAL D 502 12.32 0.07 35.78
N GLY D 503 12.57 -0.48 34.61
CA GLY D 503 11.62 -0.44 33.51
C GLY D 503 11.18 -1.86 33.20
N PHE D 504 9.85 -2.14 33.20
CA PHE D 504 9.40 -3.50 32.99
C PHE D 504 8.20 -3.50 32.05
N THR D 505 8.07 -4.61 31.31
CA THR D 505 6.91 -4.81 30.46
C THR D 505 6.77 -6.32 30.18
N GLU D 506 5.77 -6.67 29.35
CA GLU D 506 5.63 -8.03 28.82
C GLU D 506 5.96 -7.96 27.34
N ALA D 507 7.13 -8.48 26.98
CA ALA D 507 7.53 -8.64 25.60
C ALA D 507 6.71 -9.79 25.02
N PRO D 508 6.68 -9.95 23.69
CA PRO D 508 6.01 -11.13 23.09
C PRO D 508 6.34 -12.46 23.78
N ARG D 509 7.57 -12.63 24.28
CA ARG D 509 8.03 -13.90 24.81
C ARG D 509 7.96 -13.96 26.33
N GLY D 510 7.65 -12.85 27.02
CA GLY D 510 7.43 -12.87 28.45
C GLY D 510 7.96 -11.63 29.19
N ALA D 511 8.20 -11.84 30.48
CA ALA D 511 8.51 -10.78 31.42
C ALA D 511 9.91 -10.20 31.12
N LEU D 512 9.94 -8.89 30.87
CA LEU D 512 11.18 -8.15 30.60
C LEU D 512 11.42 -7.08 31.65
N GLY D 513 12.68 -6.96 32.10
CA GLY D 513 13.03 -5.89 33.01
C GLY D 513 14.41 -5.32 32.66
N HIS D 514 14.51 -3.98 32.76
CA HIS D 514 15.78 -3.25 32.68
C HIS D 514 15.96 -2.50 34.01
N TRP D 515 17.11 -2.74 34.64
CA TRP D 515 17.51 -2.09 35.89
C TRP D 515 18.68 -1.16 35.59
N ALA D 516 18.46 0.12 35.85
CA ALA D 516 19.44 1.17 35.51
C ALA D 516 19.80 1.98 36.75
N ALA D 517 21.11 2.25 36.90
CA ALA D 517 21.63 3.17 37.92
C ALA D 517 22.33 4.29 37.19
N ILE D 518 21.95 5.52 37.52
CA ILE D 518 22.55 6.72 36.96
C ILE D 518 23.39 7.37 38.06
N ARG D 519 24.59 7.83 37.70
CA ARG D 519 25.43 8.58 38.61
C ARG D 519 26.17 9.62 37.78
N ASP D 520 26.12 10.87 38.24
CA ASP D 520 26.89 11.95 37.64
C ASP D 520 26.56 12.04 36.15
N GLY D 521 25.27 11.89 35.81
CA GLY D 521 24.78 12.06 34.44
C GLY D 521 25.06 10.89 33.50
N LYS D 522 25.65 9.79 34.02
CA LYS D 522 26.02 8.69 33.14
C LYS D 522 25.47 7.40 33.69
N ILE D 523 25.35 6.41 32.79
CA ILE D 523 24.93 5.08 33.20
CA ILE D 523 24.94 5.07 33.19
C ILE D 523 26.04 4.43 34.01
N ASP D 524 25.72 4.10 35.26
CA ASP D 524 26.64 3.50 36.22
C ASP D 524 26.50 1.98 36.17
N LEU D 525 25.28 1.50 35.93
CA LEU D 525 24.94 0.10 35.79
C LEU D 525 23.66 0.00 34.95
N TYR D 526 23.61 -1.06 34.15
CA TYR D 526 22.46 -1.31 33.29
C TYR D 526 22.36 -2.81 33.11
N GLN D 527 21.41 -3.42 33.81
CA GLN D 527 21.26 -4.86 33.76
C GLN D 527 19.89 -5.20 33.19
N CYS D 528 19.91 -6.15 32.26
CA CYS D 528 18.72 -6.67 31.59
C CYS D 528 18.50 -8.13 32.00
N VAL D 529 17.25 -8.45 32.31
CA VAL D 529 16.78 -9.81 32.44
C VAL D 529 15.58 -9.95 31.51
N VAL D 530 15.71 -10.85 30.52
CA VAL D 530 14.88 -10.87 29.34
C VAL D 530 14.10 -12.18 29.32
N PRO D 531 12.92 -12.24 28.68
CA PRO D 531 12.09 -13.43 28.84
C PRO D 531 12.78 -14.74 28.46
N THR D 532 13.52 -14.78 27.34
CA THR D 532 14.20 -16.00 26.96
C THR D 532 15.35 -16.31 27.95
N THR D 533 15.86 -15.30 28.69
CA THR D 533 16.82 -15.61 29.76
C THR D 533 16.15 -16.53 30.80
N TRP D 534 14.90 -16.22 31.20
CA TRP D 534 14.12 -17.08 32.06
C TRP D 534 13.95 -18.45 31.40
N ASN D 535 13.34 -18.50 30.23
CA ASN D 535 12.88 -19.78 29.73
C ASN D 535 14.04 -20.69 29.33
N ALA D 536 15.10 -20.13 28.74
CA ALA D 536 16.24 -20.91 28.25
C ALA D 536 17.34 -21.08 29.29
N SER D 537 17.07 -20.65 30.52
CA SER D 537 17.99 -20.64 31.66
C SER D 537 18.72 -21.96 31.81
N PRO D 538 20.03 -21.93 32.13
CA PRO D 538 20.72 -23.12 32.63
C PRO D 538 20.36 -23.32 34.09
N ARG D 539 20.94 -24.38 34.67
CA ARG D 539 20.66 -24.79 36.05
C ARG D 539 21.28 -23.83 37.06
N ASP D 540 20.85 -23.96 38.35
CA ASP D 540 21.28 -23.14 39.46
C ASP D 540 22.01 -24.04 40.47
N PRO D 541 22.50 -23.49 41.61
CA PRO D 541 23.30 -24.32 42.52
C PRO D 541 22.53 -25.50 43.10
N LYS D 542 21.20 -25.42 43.15
CA LYS D 542 20.36 -26.50 43.65
C LYS D 542 20.09 -27.53 42.56
N GLY D 543 20.62 -27.32 41.34
CA GLY D 543 20.39 -28.20 40.23
C GLY D 543 19.02 -28.00 39.57
N GLN D 544 18.28 -26.96 39.95
CA GLN D 544 16.94 -26.71 39.42
C GLN D 544 17.05 -26.35 37.94
N ILE D 545 16.18 -26.95 37.13
CA ILE D 545 16.18 -26.78 35.69
C ILE D 545 15.18 -25.68 35.32
N GLY D 546 15.49 -25.02 34.22
CA GLY D 546 14.63 -23.96 33.67
C GLY D 546 13.52 -24.50 32.77
N ALA D 547 12.74 -23.58 32.17
CA ALA D 547 11.51 -23.93 31.50
C ALA D 547 11.73 -24.83 30.29
N TYR D 548 12.74 -24.54 29.46
CA TYR D 548 12.97 -25.35 28.29
C TYR D 548 13.38 -26.78 28.70
N GLU D 549 14.36 -26.86 29.61
CA GLU D 549 14.86 -28.19 30.01
C GLU D 549 13.73 -29.01 30.61
N ALA D 550 12.90 -28.38 31.45
CA ALA D 550 11.75 -29.07 32.04
C ALA D 550 10.75 -29.54 30.99
N ALA D 551 10.42 -28.66 30.03
CA ALA D 551 9.42 -28.99 29.01
C ALA D 551 9.89 -30.14 28.10
N LEU D 552 11.20 -30.26 27.91
CA LEU D 552 11.78 -31.31 27.09
C LEU D 552 11.85 -32.65 27.85
N MET D 553 11.91 -32.60 29.18
CA MET D 553 11.95 -33.84 29.96
C MET D 553 10.76 -34.74 29.64
N ASN D 554 11.02 -36.08 29.56
CA ASN D 554 9.99 -37.11 29.50
C ASN D 554 9.36 -37.17 28.11
N THR D 555 9.96 -36.50 27.11
CA THR D 555 9.38 -36.45 25.77
C THR D 555 9.78 -37.70 24.98
N LYS D 556 8.79 -38.32 24.33
CA LYS D 556 9.00 -39.40 23.40
C LYS D 556 9.47 -38.85 22.04
N MET D 557 10.44 -39.53 21.43
CA MET D 557 10.90 -39.26 20.07
C MET D 557 10.62 -40.49 19.20
N ALA D 558 9.95 -40.30 18.05
CA ALA D 558 9.68 -41.39 17.12
C ALA D 558 10.96 -41.87 16.45
N ILE D 559 11.85 -40.92 16.08
CA ILE D 559 13.07 -41.14 15.31
C ILE D 559 14.17 -40.30 15.96
N PRO D 560 15.07 -40.88 16.79
CA PRO D 560 16.08 -40.11 17.50
C PRO D 560 16.89 -39.11 16.65
N GLU D 561 17.20 -39.47 15.39
CA GLU D 561 18.07 -38.67 14.54
C GLU D 561 17.34 -37.42 14.03
N GLN D 562 16.00 -37.36 14.15
CA GLN D 562 15.14 -36.32 13.59
C GLN D 562 14.47 -35.57 14.72
N PRO D 563 14.99 -34.39 15.13
CA PRO D 563 14.52 -33.76 16.37
C PRO D 563 13.17 -33.05 16.33
N LEU D 564 12.18 -33.61 15.61
CA LEU D 564 10.95 -32.88 15.40
C LEU D 564 10.27 -32.56 16.72
N GLU D 565 10.24 -33.51 17.67
CA GLU D 565 9.54 -33.27 18.92
C GLU D 565 10.26 -32.21 19.75
N ILE D 566 11.60 -32.20 19.71
CA ILE D 566 12.42 -31.23 20.45
C ILE D 566 12.12 -29.84 19.84
N LEU D 567 12.13 -29.76 18.51
CA LEU D 567 11.84 -28.48 17.82
C LEU D 567 10.43 -27.99 18.15
N ARG D 568 9.44 -28.90 18.17
CA ARG D 568 8.07 -28.51 18.44
C ARG D 568 8.00 -27.83 19.81
N THR D 569 8.60 -28.45 20.83
CA THR D 569 8.50 -27.88 22.16
C THR D 569 9.32 -26.60 22.27
N LEU D 570 10.56 -26.58 21.77
CA LEU D 570 11.37 -25.38 21.87
C LEU D 570 10.70 -24.23 21.11
N HIS D 571 10.30 -24.47 19.86
CA HIS D 571 9.62 -23.45 19.08
C HIS D 571 8.33 -22.93 19.75
N SER D 572 7.61 -23.77 20.51
CA SER D 572 6.40 -23.35 21.20
C SER D 572 6.66 -22.19 22.18
N PHE D 573 7.89 -22.06 22.70
CA PHE D 573 8.25 -20.98 23.62
C PHE D 573 8.71 -19.72 22.88
N ASP D 574 8.90 -19.85 21.57
CA ASP D 574 9.34 -18.75 20.71
C ASP D 574 10.69 -18.22 21.19
N PRO D 575 11.77 -19.03 21.11
CA PRO D 575 13.07 -18.63 21.62
C PRO D 575 13.64 -17.41 20.90
N CYS D 576 14.11 -16.45 21.70
CA CYS D 576 14.85 -15.32 21.20
C CYS D 576 16.21 -15.25 21.89
N LEU D 577 17.23 -15.74 21.20
CA LEU D 577 18.48 -16.04 21.86
C LEU D 577 19.34 -14.78 21.99
N ALA D 578 19.24 -13.82 21.05
CA ALA D 578 19.95 -12.55 21.17
C ALA D 578 19.39 -11.79 22.35
N CYS D 579 18.06 -11.84 22.52
CA CYS D 579 17.42 -11.34 23.74
C CYS D 579 17.98 -12.01 24.99
N SER D 580 18.10 -13.36 24.95
CA SER D 580 18.40 -14.12 26.17
C SER D 580 19.75 -13.73 26.75
N THR D 581 20.71 -13.38 25.85
CA THR D 581 22.11 -13.20 26.15
C THR D 581 22.50 -11.72 26.17
N HIS D 582 21.98 -10.95 25.21
CA HIS D 582 22.22 -9.49 25.14
C HIS D 582 23.71 -9.17 25.35
#